data_2ABM
#
_entry.id   2ABM
#
_cell.length_a   119.152
_cell.length_b   119.152
_cell.length_c   380.394
_cell.angle_alpha   90.00
_cell.angle_beta   90.00
_cell.angle_gamma   90.00
#
_symmetry.space_group_name_H-M   'P 41 2 2'
#
loop_
_entity.id
_entity.type
_entity.pdbx_description
1 polymer 'Aquaporin Z'
2 non-polymer 2-O-octyl-beta-D-glucopyranose
3 non-polymer 'BIS(((3S,4S,5R,6R)-5-(ETHYL(PHOSPHORYLOXY))-3,4,6-TRIHYDROXY-TETRAHYDRO-2H-PYRAN-2-YL)METHYL) HYDROGEN PHOSPHATE'
4 non-polymer 1,2-dioleoyl-sn-glycero-3-phosphoethanolamine
5 non-polymer 'PHOSPHATE ION'
6 non-polymer '3-PHOSPHOGLYCERIC ACID'
7 non-polymer '(1S)-2-{[{[(2S)-2,3-DIHYDROXYPROPYL]OXY}(HYDROXY)PHOSPHORYL]OXY}-1-[(PENTANOYLOXY)METHYL]ETHYL OCTANOATE'
8 water water
#
_entity_poly.entity_id   1
_entity_poly.type   'polypeptide(L)'
_entity_poly.pdbx_seq_one_letter_code
;MFRKLAAECFGTFWLVFGGCGSAVLAAGFPELGIGFAGVALAFGLTVLTMAFAVGHISGGHFNPAVTIGLWAGGRFPAKE
VVGYVIAQVVGGIVAAALLYLIASGKTGFDAAASGFASNGYGEHSPGGYSMLSALVVELVLSAGFLLVIHGATDKFAPAG
FAPIAIGLALTLIHLISIPVTNTSVNPARSTAVAIFQGGWALEQLWFFWVVPIVGGIIGGLIYRTLLEKRD
;
_entity_poly.pdbx_strand_id   A,B,C,D,E,F,G,H
#
# COMPACT_ATOMS: atom_id res chain seq x y z
N MET A 1 5.86 -19.58 9.38
CA MET A 1 4.58 -19.46 8.63
C MET A 1 4.45 -18.08 8.02
N PHE A 2 4.73 -17.06 8.83
CA PHE A 2 4.65 -15.69 8.32
C PHE A 2 5.41 -15.62 7.01
N ARG A 3 6.71 -15.90 7.07
CA ARG A 3 7.54 -15.88 5.87
C ARG A 3 6.75 -16.46 4.73
N LYS A 4 6.25 -17.68 4.93
CA LYS A 4 5.46 -18.36 3.91
C LYS A 4 4.33 -17.46 3.40
N LEU A 5 3.53 -16.90 4.30
CA LEU A 5 2.44 -16.03 3.89
C LEU A 5 2.92 -14.73 3.23
N ALA A 6 3.99 -14.15 3.75
CA ALA A 6 4.49 -12.92 3.13
C ALA A 6 4.95 -13.28 1.73
N ALA A 7 5.63 -14.41 1.61
CA ALA A 7 6.14 -14.90 0.33
C ALA A 7 4.99 -15.00 -0.63
N GLU A 8 3.90 -15.59 -0.16
CA GLU A 8 2.73 -15.75 -0.99
C GLU A 8 2.00 -14.46 -1.30
N CYS A 9 2.12 -13.46 -0.43
CA CYS A 9 1.43 -12.19 -0.67
C CYS A 9 2.17 -11.32 -1.69
N PHE A 10 3.46 -11.06 -1.45
CA PHE A 10 4.25 -10.27 -2.39
C PHE A 10 4.27 -10.99 -3.73
N GLY A 11 4.34 -12.31 -3.69
CA GLY A 11 4.35 -13.08 -4.91
C GLY A 11 3.16 -12.68 -5.77
N THR A 12 1.97 -12.91 -5.25
CA THR A 12 0.73 -12.59 -5.95
C THR A 12 0.59 -11.10 -6.26
N PHE A 13 0.94 -10.26 -5.29
CA PHE A 13 0.86 -8.82 -5.46
C PHE A 13 1.67 -8.51 -6.72
N TRP A 14 2.85 -9.11 -6.79
CA TRP A 14 3.73 -8.95 -7.93
C TRP A 14 3.04 -9.49 -9.19
N LEU A 15 2.45 -10.66 -9.09
CA LEU A 15 1.77 -11.24 -10.24
C LEU A 15 0.76 -10.27 -10.80
N VAL A 16 -0.21 -9.89 -9.96
CA VAL A 16 -1.24 -8.97 -10.40
C VAL A 16 -0.69 -7.65 -10.93
N PHE A 17 0.09 -6.98 -10.09
CA PHE A 17 0.66 -5.69 -10.47
C PHE A 17 1.36 -5.73 -11.83
N GLY A 18 2.25 -6.69 -12.02
CA GLY A 18 2.93 -6.77 -13.30
C GLY A 18 1.98 -7.24 -14.37
N GLY A 19 1.21 -8.29 -14.05
CA GLY A 19 0.26 -8.87 -14.97
C GLY A 19 -0.80 -7.90 -15.49
N CYS A 20 -1.72 -7.50 -14.62
CA CYS A 20 -2.77 -6.58 -15.03
C CYS A 20 -2.22 -5.20 -15.28
N GLY A 21 -1.00 -4.99 -14.82
CA GLY A 21 -0.37 -3.69 -15.00
C GLY A 21 -0.05 -3.52 -16.47
N SER A 22 0.69 -4.48 -17.01
CA SER A 22 1.04 -4.43 -18.41
C SER A 22 -0.28 -4.47 -19.16
N ALA A 23 -1.21 -5.24 -18.63
CA ALA A 23 -2.52 -5.35 -19.22
C ALA A 23 -3.17 -3.99 -19.38
N VAL A 24 -3.21 -3.24 -18.29
CA VAL A 24 -3.84 -1.92 -18.27
C VAL A 24 -3.04 -0.77 -18.87
N LEU A 25 -1.86 -0.56 -18.32
CA LEU A 25 -0.97 0.51 -18.72
C LEU A 25 -0.29 0.43 -20.10
N ALA A 26 0.19 -0.75 -20.61
CA ALA A 26 0.93 -0.84 -21.89
C ALA A 26 0.30 -1.77 -22.92
N ALA A 27 -0.89 -2.32 -22.76
CA ALA A 27 -1.14 -3.41 -23.65
C ALA A 27 -1.55 -2.85 -25.00
N GLY A 28 -2.54 -1.98 -24.99
CA GLY A 28 -2.91 -1.34 -26.23
C GLY A 28 -2.38 0.06 -26.43
N PHE A 29 -1.23 0.38 -25.83
CA PHE A 29 -0.67 1.73 -25.96
C PHE A 29 -0.71 2.15 -27.42
N PRO A 30 -1.16 3.38 -27.69
CA PRO A 30 -1.27 3.92 -29.04
C PRO A 30 -0.50 3.15 -30.11
N GLU A 31 0.73 3.55 -30.41
CA GLU A 31 1.46 2.86 -31.46
C GLU A 31 2.51 1.83 -31.06
N LEU A 32 3.05 1.88 -29.84
CA LEU A 32 4.08 0.91 -29.45
C LEU A 32 3.61 -0.09 -28.40
N GLY A 33 2.30 -0.12 -28.15
CA GLY A 33 1.71 -1.02 -27.17
C GLY A 33 2.27 -2.43 -27.21
N ILE A 34 2.15 -3.17 -26.13
CA ILE A 34 2.69 -4.53 -26.08
C ILE A 34 1.68 -5.63 -26.43
N GLY A 35 0.48 -5.23 -26.83
CA GLY A 35 -0.54 -6.19 -27.20
C GLY A 35 -0.77 -7.35 -26.25
N PHE A 36 -1.48 -8.37 -26.74
CA PHE A 36 -1.80 -9.55 -25.94
C PHE A 36 -0.58 -10.35 -25.60
N ALA A 37 0.27 -10.52 -26.61
CA ALA A 37 1.51 -11.28 -26.50
C ALA A 37 2.50 -10.67 -25.51
N GLY A 38 2.33 -9.38 -25.23
CA GLY A 38 3.19 -8.72 -24.27
C GLY A 38 2.68 -9.09 -22.88
N VAL A 39 1.38 -8.89 -22.68
CA VAL A 39 0.73 -9.21 -21.42
C VAL A 39 0.95 -10.67 -21.08
N ALA A 40 0.95 -11.50 -22.12
CA ALA A 40 1.18 -12.93 -21.93
C ALA A 40 2.54 -13.12 -21.28
N LEU A 41 3.56 -12.50 -21.88
CA LEU A 41 4.89 -12.62 -21.32
C LEU A 41 4.86 -12.10 -19.90
N ALA A 42 4.55 -10.81 -19.76
CA ALA A 42 4.49 -10.17 -18.45
C ALA A 42 4.06 -11.16 -17.37
N PHE A 43 2.79 -11.56 -17.42
CA PHE A 43 2.27 -12.49 -16.43
C PHE A 43 3.22 -13.63 -16.11
N GLY A 44 3.67 -14.35 -17.13
CA GLY A 44 4.57 -15.45 -16.89
C GLY A 44 5.77 -14.99 -16.09
N LEU A 45 6.35 -13.87 -16.51
CA LEU A 45 7.53 -13.34 -15.84
C LEU A 45 7.29 -13.05 -14.37
N THR A 46 6.10 -12.57 -14.04
CA THR A 46 5.83 -12.30 -12.62
C THR A 46 5.99 -13.61 -11.86
N VAL A 47 5.61 -14.73 -12.48
CA VAL A 47 5.74 -16.02 -11.82
C VAL A 47 7.12 -16.62 -11.93
N LEU A 48 7.78 -16.39 -13.06
CA LEU A 48 9.12 -16.93 -13.22
C LEU A 48 10.06 -16.23 -12.25
N THR A 49 9.93 -14.91 -12.16
CA THR A 49 10.79 -14.12 -11.29
C THR A 49 10.45 -14.25 -9.81
N MET A 50 9.17 -14.31 -9.48
CA MET A 50 8.75 -14.40 -8.09
C MET A 50 9.01 -15.78 -7.50
N ALA A 51 8.94 -16.78 -8.37
CA ALA A 51 9.18 -18.17 -7.99
C ALA A 51 10.63 -18.32 -7.51
N PHE A 52 11.55 -17.70 -8.24
CA PHE A 52 12.93 -17.78 -7.86
C PHE A 52 13.16 -17.02 -6.54
N ALA A 53 12.79 -15.75 -6.51
CA ALA A 53 12.97 -14.90 -5.35
C ALA A 53 12.44 -15.44 -4.05
N VAL A 54 11.14 -15.73 -4.01
CA VAL A 54 10.52 -16.24 -2.78
C VAL A 54 9.95 -17.65 -2.81
N GLY A 55 9.96 -18.27 -3.98
CA GLY A 55 9.43 -19.63 -4.08
C GLY A 55 10.00 -20.53 -3.01
N HIS A 56 11.31 -20.40 -2.80
CA HIS A 56 12.01 -21.20 -1.81
C HIS A 56 11.54 -20.91 -0.38
N ILE A 57 10.55 -20.05 -0.23
CA ILE A 57 10.02 -19.71 1.09
C ILE A 57 8.65 -20.38 1.30
N SER A 58 7.64 -19.99 0.51
CA SER A 58 6.43 -20.77 0.49
C SER A 58 6.61 -21.90 -0.53
N GLY A 59 5.80 -21.83 -1.57
CA GLY A 59 5.93 -22.90 -2.54
C GLY A 59 5.89 -22.28 -3.93
N GLY A 60 5.77 -20.96 -3.99
CA GLY A 60 5.70 -20.27 -5.26
C GLY A 60 4.33 -20.43 -5.86
N HIS A 61 3.30 -20.48 -5.01
CA HIS A 61 1.94 -20.62 -5.49
C HIS A 61 1.45 -19.35 -6.19
N PHE A 62 1.15 -18.31 -5.41
CA PHE A 62 0.67 -17.05 -5.97
C PHE A 62 -0.65 -17.31 -6.69
N ASN A 63 -1.26 -18.44 -6.40
CA ASN A 63 -2.50 -18.79 -7.05
C ASN A 63 -3.26 -19.71 -6.12
N PRO A 64 -4.54 -19.41 -5.87
CA PRO A 64 -5.35 -20.26 -4.99
C PRO A 64 -5.50 -21.65 -5.58
N ALA A 65 -5.80 -21.69 -6.88
CA ALA A 65 -6.00 -22.97 -7.56
C ALA A 65 -4.73 -23.80 -7.67
N VAL A 66 -3.58 -23.17 -7.41
CA VAL A 66 -2.30 -23.85 -7.44
C VAL A 66 -2.05 -24.35 -6.01
N THR A 67 -2.59 -23.63 -5.04
CA THR A 67 -2.43 -24.03 -3.66
C THR A 67 -3.38 -25.19 -3.44
N ILE A 68 -4.58 -25.11 -4.00
CA ILE A 68 -5.55 -26.18 -3.86
C ILE A 68 -5.21 -27.34 -4.79
N GLY A 69 -4.61 -27.02 -5.93
CA GLY A 69 -4.24 -28.06 -6.87
C GLY A 69 -3.12 -28.92 -6.35
N LEU A 70 -2.11 -28.29 -5.76
CA LEU A 70 -0.96 -28.99 -5.20
C LEU A 70 -1.41 -29.83 -4.04
N TRP A 71 -2.55 -29.46 -3.47
CA TRP A 71 -3.11 -30.18 -2.34
C TRP A 71 -3.70 -31.48 -2.81
N ALA A 72 -4.61 -31.39 -3.78
CA ALA A 72 -5.25 -32.60 -4.29
C ALA A 72 -4.18 -33.53 -4.89
N GLY A 73 -3.03 -32.97 -5.22
CA GLY A 73 -1.94 -33.76 -5.78
C GLY A 73 -1.11 -34.40 -4.70
N GLY A 74 -1.52 -34.22 -3.46
CA GLY A 74 -0.80 -34.78 -2.33
C GLY A 74 0.50 -34.08 -2.02
N ARG A 75 0.77 -32.95 -2.67
CA ARG A 75 1.99 -32.19 -2.45
C ARG A 75 1.92 -31.14 -1.35
N PHE A 76 0.75 -30.54 -1.17
CA PHE A 76 0.60 -29.50 -0.17
C PHE A 76 -0.23 -29.95 1.01
N PRO A 77 0.04 -29.41 2.21
CA PRO A 77 -0.65 -29.69 3.47
C PRO A 77 -2.02 -29.00 3.46
N ALA A 78 -3.08 -29.75 3.75
CA ALA A 78 -4.42 -29.18 3.73
C ALA A 78 -4.61 -28.13 4.80
N LYS A 79 -3.73 -28.14 5.79
CA LYS A 79 -3.77 -27.22 6.92
C LYS A 79 -3.45 -25.80 6.44
N GLU A 80 -2.26 -25.62 5.90
CA GLU A 80 -1.79 -24.33 5.41
C GLU A 80 -2.52 -23.76 4.19
N VAL A 81 -3.45 -24.54 3.60
CA VAL A 81 -4.15 -24.08 2.41
C VAL A 81 -4.89 -22.75 2.56
N VAL A 82 -5.88 -22.68 3.43
CA VAL A 82 -6.63 -21.44 3.60
C VAL A 82 -5.78 -20.18 3.76
N GLY A 83 -4.81 -20.23 4.68
CA GLY A 83 -3.96 -19.08 4.86
C GLY A 83 -3.42 -18.61 3.52
N TYR A 84 -2.75 -19.54 2.84
CA TYR A 84 -2.16 -19.27 1.55
C TYR A 84 -3.12 -18.54 0.62
N VAL A 85 -4.36 -19.02 0.52
CA VAL A 85 -5.38 -18.40 -0.34
C VAL A 85 -5.68 -16.96 0.10
N ILE A 86 -5.91 -16.75 1.39
CA ILE A 86 -6.17 -15.41 1.85
C ILE A 86 -5.00 -14.54 1.42
N ALA A 87 -3.82 -14.87 1.92
CA ALA A 87 -2.61 -14.15 1.61
C ALA A 87 -2.50 -13.74 0.14
N GLN A 88 -2.86 -14.65 -0.75
CA GLN A 88 -2.78 -14.41 -2.19
C GLN A 88 -3.80 -13.38 -2.61
N VAL A 89 -5.02 -13.54 -2.10
CA VAL A 89 -6.12 -12.65 -2.41
C VAL A 89 -5.87 -11.25 -1.84
N VAL A 90 -5.29 -11.19 -0.64
CA VAL A 90 -4.99 -9.92 -0.01
C VAL A 90 -3.94 -9.19 -0.83
N GLY A 91 -2.88 -9.91 -1.18
CA GLY A 91 -1.81 -9.32 -1.96
C GLY A 91 -2.32 -8.80 -3.28
N GLY A 92 -3.20 -9.58 -3.90
CA GLY A 92 -3.77 -9.17 -5.17
C GLY A 92 -4.56 -7.89 -5.06
N ILE A 93 -5.33 -7.74 -3.99
CA ILE A 93 -6.15 -6.53 -3.79
C ILE A 93 -5.28 -5.30 -3.65
N VAL A 94 -4.27 -5.42 -2.79
CA VAL A 94 -3.32 -4.35 -2.53
C VAL A 94 -2.65 -3.91 -3.84
N ALA A 95 -2.50 -4.87 -4.75
CA ALA A 95 -1.89 -4.63 -6.05
C ALA A 95 -2.82 -3.87 -6.98
N ALA A 96 -4.04 -4.35 -7.12
CA ALA A 96 -5.01 -3.70 -7.99
C ALA A 96 -5.32 -2.31 -7.45
N ALA A 97 -5.17 -2.16 -6.13
CA ALA A 97 -5.43 -0.89 -5.45
C ALA A 97 -4.48 0.18 -5.94
N LEU A 98 -3.19 -0.15 -5.92
CA LEU A 98 -2.16 0.78 -6.38
C LEU A 98 -2.29 0.93 -7.88
N LEU A 99 -2.42 -0.20 -8.58
CA LEU A 99 -2.56 -0.20 -10.02
C LEU A 99 -3.62 0.82 -10.44
N TYR A 100 -4.79 0.71 -9.81
CA TYR A 100 -5.91 1.60 -10.06
C TYR A 100 -5.48 3.06 -9.89
N LEU A 101 -4.79 3.33 -8.80
CA LEU A 101 -4.30 4.68 -8.49
C LEU A 101 -3.39 5.17 -9.61
N ILE A 102 -2.46 4.32 -9.99
CA ILE A 102 -1.50 4.61 -11.04
C ILE A 102 -2.22 4.85 -12.36
N ALA A 103 -3.17 3.98 -12.67
CA ALA A 103 -3.90 4.11 -13.91
C ALA A 103 -4.70 5.39 -14.01
N SER A 104 -5.04 5.98 -12.87
CA SER A 104 -5.82 7.21 -12.87
C SER A 104 -5.02 8.45 -13.23
N GLY A 105 -3.69 8.37 -13.11
CA GLY A 105 -2.83 9.51 -13.43
C GLY A 105 -2.81 9.91 -14.88
N LYS A 106 -3.69 9.31 -15.66
CA LYS A 106 -3.81 9.58 -17.10
C LYS A 106 -5.25 9.99 -17.39
N THR A 107 -5.41 10.89 -18.36
CA THR A 107 -6.73 11.36 -18.72
C THR A 107 -7.50 10.26 -19.44
N GLY A 108 -8.77 10.12 -19.10
CA GLY A 108 -9.58 9.12 -19.77
C GLY A 108 -9.62 7.72 -19.19
N PHE A 109 -8.95 7.49 -18.07
CA PHE A 109 -8.99 6.18 -17.46
C PHE A 109 -10.37 5.94 -16.90
N ASP A 110 -10.73 4.68 -16.74
CA ASP A 110 -12.04 4.31 -16.20
C ASP A 110 -12.01 2.80 -15.95
N ALA A 111 -11.98 2.41 -14.68
CA ALA A 111 -11.94 0.99 -14.32
C ALA A 111 -13.09 0.21 -14.97
N ALA A 112 -14.29 0.77 -14.94
CA ALA A 112 -15.43 0.12 -15.56
C ALA A 112 -15.18 0.34 -17.06
N ALA A 113 -15.99 -0.26 -17.92
CA ALA A 113 -15.81 -0.14 -19.38
C ALA A 113 -14.48 -0.77 -19.77
N SER A 114 -13.38 -0.14 -19.38
CA SER A 114 -12.03 -0.63 -19.66
C SER A 114 -11.93 -2.06 -19.15
N GLY A 115 -12.76 -2.38 -18.16
CA GLY A 115 -12.76 -3.70 -17.57
C GLY A 115 -11.67 -3.92 -16.55
N PHE A 116 -10.73 -2.97 -16.48
CA PHE A 116 -9.60 -3.02 -15.56
C PHE A 116 -8.87 -4.36 -15.63
N ALA A 117 -8.85 -4.94 -16.83
CA ALA A 117 -8.19 -6.22 -17.09
C ALA A 117 -8.90 -7.36 -16.37
N SER A 118 -10.21 -7.23 -16.23
CA SER A 118 -11.00 -8.25 -15.56
C SER A 118 -11.32 -9.39 -16.52
N ASN A 119 -11.56 -10.56 -15.95
CA ASN A 119 -11.89 -11.74 -16.72
C ASN A 119 -13.39 -11.84 -16.93
N GLY A 120 -13.79 -12.40 -18.05
CA GLY A 120 -15.20 -12.52 -18.33
C GLY A 120 -15.47 -13.55 -19.40
N TYR A 121 -16.74 -13.72 -19.71
CA TYR A 121 -17.13 -14.68 -20.71
C TYR A 121 -18.41 -14.25 -21.38
N GLY A 122 -18.42 -14.34 -22.71
CA GLY A 122 -19.60 -13.96 -23.49
C GLY A 122 -20.07 -12.56 -23.19
N GLU A 123 -20.07 -11.71 -24.21
CA GLU A 123 -20.51 -10.32 -24.06
C GLU A 123 -19.50 -9.59 -23.21
N HIS A 124 -18.81 -10.35 -22.35
CA HIS A 124 -17.79 -9.81 -21.46
C HIS A 124 -16.48 -10.54 -21.68
N SER A 125 -16.38 -11.21 -22.83
CA SER A 125 -15.20 -11.93 -23.24
C SER A 125 -14.52 -11.08 -24.32
N PRO A 126 -13.19 -11.01 -24.31
CA PRO A 126 -12.43 -10.24 -25.30
C PRO A 126 -12.83 -10.55 -26.74
N GLY A 127 -13.08 -11.82 -27.02
CA GLY A 127 -13.46 -12.23 -28.36
C GLY A 127 -14.96 -12.42 -28.49
N GLY A 128 -15.66 -12.40 -27.36
CA GLY A 128 -17.09 -12.58 -27.38
C GLY A 128 -17.41 -14.07 -27.43
N TYR A 129 -16.58 -14.83 -26.73
CA TYR A 129 -16.74 -16.27 -26.68
C TYR A 129 -17.80 -16.72 -25.69
N SER A 130 -18.53 -17.76 -26.09
CA SER A 130 -19.57 -18.30 -25.26
C SER A 130 -19.02 -18.67 -23.90
N MET A 131 -19.90 -18.65 -22.89
CA MET A 131 -19.52 -19.02 -21.53
C MET A 131 -18.94 -20.43 -21.53
N LEU A 132 -19.55 -21.30 -22.33
CA LEU A 132 -19.15 -22.70 -22.47
C LEU A 132 -17.70 -22.80 -22.94
N SER A 133 -17.36 -22.01 -23.95
CA SER A 133 -16.01 -21.98 -24.49
C SER A 133 -15.07 -21.52 -23.39
N ALA A 134 -15.53 -20.54 -22.63
CA ALA A 134 -14.77 -19.99 -21.54
C ALA A 134 -14.60 -21.04 -20.46
N LEU A 135 -15.54 -21.98 -20.40
CA LEU A 135 -15.46 -23.04 -19.41
C LEU A 135 -14.47 -24.09 -19.85
N VAL A 136 -14.62 -24.53 -21.08
CA VAL A 136 -13.72 -25.54 -21.62
C VAL A 136 -12.26 -25.08 -21.60
N VAL A 137 -12.00 -23.90 -22.15
CA VAL A 137 -10.62 -23.42 -22.21
C VAL A 137 -10.00 -23.16 -20.85
N GLU A 138 -10.77 -22.61 -19.92
CA GLU A 138 -10.24 -22.32 -18.59
C GLU A 138 -9.89 -23.63 -17.90
N LEU A 139 -10.80 -24.59 -17.98
CA LEU A 139 -10.56 -25.90 -17.38
C LEU A 139 -9.27 -26.55 -17.85
N VAL A 140 -9.17 -26.80 -19.15
CA VAL A 140 -8.00 -27.43 -19.73
C VAL A 140 -6.71 -26.73 -19.35
N LEU A 141 -6.70 -25.41 -19.46
CA LEU A 141 -5.51 -24.65 -19.13
C LEU A 141 -5.20 -24.65 -17.63
N SER A 142 -6.22 -24.70 -16.78
CA SER A 142 -5.98 -24.73 -15.35
C SER A 142 -5.38 -26.08 -15.01
N ALA A 143 -6.03 -27.14 -15.49
CA ALA A 143 -5.57 -28.50 -15.27
C ALA A 143 -4.13 -28.63 -15.76
N GLY A 144 -3.90 -28.31 -17.03
CA GLY A 144 -2.58 -28.38 -17.60
C GLY A 144 -1.52 -27.61 -16.84
N PHE A 145 -1.90 -26.49 -16.23
CA PHE A 145 -0.98 -25.64 -15.48
C PHE A 145 -0.46 -26.34 -14.22
N LEU A 146 -1.36 -27.04 -13.52
CA LEU A 146 -0.97 -27.79 -12.33
C LEU A 146 -0.22 -29.03 -12.80
N LEU A 147 -0.68 -29.61 -13.91
CA LEU A 147 -0.07 -30.80 -14.49
C LEU A 147 1.40 -30.51 -14.76
N VAL A 148 1.70 -29.27 -15.16
CA VAL A 148 3.08 -28.88 -15.44
C VAL A 148 3.80 -28.57 -14.13
N ILE A 149 3.10 -27.92 -13.21
CA ILE A 149 3.71 -27.60 -11.92
C ILE A 149 4.13 -28.87 -11.19
N HIS A 150 3.23 -29.83 -11.05
CA HIS A 150 3.58 -31.09 -10.38
C HIS A 150 4.75 -31.75 -11.09
N GLY A 151 4.78 -31.63 -12.42
CA GLY A 151 5.86 -32.23 -13.17
C GLY A 151 7.21 -31.57 -12.96
N ALA A 152 7.22 -30.25 -13.05
CA ALA A 152 8.47 -29.53 -12.87
C ALA A 152 8.94 -29.58 -11.41
N THR A 153 8.04 -29.93 -10.50
CA THR A 153 8.40 -30.00 -9.10
C THR A 153 8.71 -31.43 -8.67
N ASP A 154 8.38 -32.39 -9.52
CA ASP A 154 8.63 -33.80 -9.22
C ASP A 154 10.11 -33.99 -8.97
N LYS A 155 10.43 -34.66 -7.87
CA LYS A 155 11.83 -34.88 -7.50
C LYS A 155 12.78 -35.38 -8.59
N PHE A 156 12.22 -35.88 -9.69
CA PHE A 156 13.03 -36.41 -10.79
C PHE A 156 13.20 -35.40 -11.93
N ALA A 157 12.58 -34.25 -11.76
CA ALA A 157 12.65 -33.20 -12.78
C ALA A 157 13.91 -32.39 -12.58
N PRO A 158 14.46 -31.82 -13.66
CA PRO A 158 15.68 -31.00 -13.60
C PRO A 158 15.56 -29.95 -12.50
N ALA A 159 16.18 -30.22 -11.36
CA ALA A 159 16.13 -29.31 -10.21
C ALA A 159 16.63 -27.89 -10.47
N GLY A 160 15.82 -26.92 -10.05
CA GLY A 160 16.17 -25.52 -10.20
C GLY A 160 15.56 -24.81 -11.39
N PHE A 161 15.07 -25.60 -12.34
CA PHE A 161 14.46 -25.10 -13.56
C PHE A 161 12.95 -24.94 -13.37
N ALA A 162 12.43 -25.47 -12.28
CA ALA A 162 11.00 -25.40 -12.02
C ALA A 162 10.39 -24.03 -12.34
N PRO A 163 10.93 -22.95 -11.75
CA PRO A 163 10.41 -21.59 -11.98
C PRO A 163 10.26 -21.24 -13.45
N ILE A 164 11.26 -21.63 -14.26
CA ILE A 164 11.20 -21.35 -15.70
C ILE A 164 10.02 -22.10 -16.30
N ALA A 165 9.89 -23.37 -15.97
CA ALA A 165 8.79 -24.16 -16.47
C ALA A 165 7.49 -23.44 -16.11
N ILE A 166 7.13 -23.46 -14.83
CA ILE A 166 5.93 -22.80 -14.34
C ILE A 166 5.76 -21.36 -14.87
N GLY A 167 6.84 -20.60 -14.87
CA GLY A 167 6.75 -19.23 -15.36
C GLY A 167 6.26 -19.19 -16.78
N LEU A 168 7.12 -19.57 -17.72
CA LEU A 168 6.80 -19.59 -19.13
C LEU A 168 5.51 -20.36 -19.40
N ALA A 169 5.15 -21.29 -18.51
CA ALA A 169 3.92 -22.07 -18.69
C ALA A 169 2.72 -21.15 -18.66
N LEU A 170 2.83 -20.11 -17.84
CA LEU A 170 1.74 -19.16 -17.70
C LEU A 170 1.71 -18.22 -18.89
N THR A 171 2.88 -17.96 -19.46
CA THR A 171 2.94 -17.12 -20.64
C THR A 171 2.22 -17.88 -21.72
N LEU A 172 2.55 -19.17 -21.87
CA LEU A 172 1.88 -19.99 -22.87
C LEU A 172 0.37 -19.83 -22.64
N ILE A 173 -0.12 -20.30 -21.49
CA ILE A 173 -1.54 -20.19 -21.19
C ILE A 173 -2.17 -18.87 -21.68
N HIS A 174 -1.53 -17.74 -21.39
CA HIS A 174 -2.07 -16.45 -21.82
C HIS A 174 -2.13 -16.30 -23.33
N LEU A 175 -1.02 -16.61 -24.01
CA LEU A 175 -0.97 -16.51 -25.45
C LEU A 175 -2.18 -17.20 -26.06
N ILE A 176 -2.66 -18.23 -25.36
CA ILE A 176 -3.80 -19.06 -25.74
C ILE A 176 -5.22 -18.56 -25.44
N SER A 177 -5.52 -18.21 -24.19
CA SER A 177 -6.92 -17.94 -23.84
C SER A 177 -7.31 -16.45 -23.58
N ILE A 178 -6.41 -15.44 -23.79
CA ILE A 178 -6.78 -14.06 -23.67
C ILE A 178 -8.02 -13.65 -24.41
N PRO A 179 -8.09 -14.02 -25.70
CA PRO A 179 -9.27 -13.68 -26.49
C PRO A 179 -10.55 -14.29 -25.93
N VAL A 180 -10.41 -15.38 -25.18
CA VAL A 180 -11.58 -16.04 -24.62
C VAL A 180 -12.06 -15.42 -23.31
N THR A 181 -11.28 -15.57 -22.24
CA THR A 181 -11.70 -15.01 -20.96
C THR A 181 -10.73 -13.97 -20.44
N ASN A 182 -9.80 -13.55 -21.30
CA ASN A 182 -8.79 -12.58 -20.90
C ASN A 182 -7.85 -13.31 -19.93
N THR A 183 -7.89 -14.64 -19.95
CA THR A 183 -7.07 -15.50 -19.09
C THR A 183 -7.14 -15.24 -17.60
N SER A 184 -7.50 -16.28 -16.85
CA SER A 184 -7.58 -16.21 -15.38
C SER A 184 -6.70 -17.31 -14.78
N VAL A 185 -7.30 -18.50 -14.64
CA VAL A 185 -6.62 -19.66 -14.08
C VAL A 185 -6.10 -19.27 -12.70
N ASN A 186 -6.64 -18.17 -12.19
CA ASN A 186 -6.18 -17.70 -10.91
C ASN A 186 -7.25 -16.87 -10.27
N PRO A 187 -8.12 -17.49 -9.48
CA PRO A 187 -9.21 -16.77 -8.81
C PRO A 187 -8.76 -15.60 -7.93
N ALA A 188 -7.47 -15.50 -7.68
CA ALA A 188 -6.98 -14.38 -6.88
C ALA A 188 -6.81 -13.20 -7.84
N ARG A 189 -6.17 -13.45 -8.97
CA ARG A 189 -5.94 -12.40 -9.95
C ARG A 189 -7.24 -11.92 -10.57
N SER A 190 -8.27 -12.75 -10.55
CA SER A 190 -9.54 -12.34 -11.12
C SER A 190 -10.35 -11.51 -10.11
N THR A 191 -10.25 -11.85 -8.83
CA THR A 191 -10.97 -11.11 -7.80
C THR A 191 -10.42 -9.69 -7.71
N ALA A 192 -9.13 -9.59 -7.43
CA ALA A 192 -8.45 -8.32 -7.29
C ALA A 192 -8.97 -7.21 -8.20
N VAL A 193 -8.97 -7.42 -9.51
CA VAL A 193 -9.42 -6.42 -10.47
C VAL A 193 -10.93 -6.25 -10.61
N ALA A 194 -11.68 -7.28 -10.23
CA ALA A 194 -13.15 -7.23 -10.30
C ALA A 194 -13.62 -6.20 -9.31
N ILE A 195 -13.06 -6.27 -8.11
CA ILE A 195 -13.35 -5.36 -7.01
C ILE A 195 -13.45 -3.93 -7.53
N PHE A 196 -12.44 -3.53 -8.29
CA PHE A 196 -12.35 -2.19 -8.86
C PHE A 196 -13.17 -2.00 -10.13
N GLN A 197 -13.70 -3.01 -10.83
CA GLN A 197 -14.64 -2.92 -11.90
C GLN A 197 -15.99 -2.64 -11.27
N GLY A 198 -16.27 -3.55 -10.36
CA GLY A 198 -17.46 -3.43 -9.54
C GLY A 198 -18.70 -3.50 -10.37
N GLY A 199 -18.63 -4.12 -11.52
CA GLY A 199 -19.85 -4.45 -12.24
C GLY A 199 -19.93 -5.90 -12.68
N TRP A 200 -20.11 -6.10 -13.97
CA TRP A 200 -20.21 -7.45 -14.51
C TRP A 200 -19.05 -8.33 -14.04
N ALA A 201 -17.87 -7.73 -13.90
CA ALA A 201 -16.72 -8.48 -13.46
C ALA A 201 -17.02 -9.18 -12.13
N LEU A 202 -17.75 -8.50 -11.25
CA LEU A 202 -18.09 -9.07 -9.95
C LEU A 202 -19.20 -10.09 -10.08
N GLU A 203 -20.08 -9.88 -11.05
CA GLU A 203 -21.18 -10.81 -11.24
C GLU A 203 -20.65 -12.16 -11.71
N GLN A 204 -19.73 -12.14 -12.68
CA GLN A 204 -19.15 -13.36 -13.21
C GLN A 204 -17.93 -13.85 -12.41
N LEU A 205 -17.50 -13.06 -11.43
CA LEU A 205 -16.33 -13.38 -10.63
C LEU A 205 -16.30 -14.81 -10.08
N TRP A 206 -17.47 -15.30 -9.66
CA TRP A 206 -17.59 -16.65 -9.13
C TRP A 206 -17.01 -17.65 -10.13
N PHE A 207 -17.45 -17.56 -11.38
CA PHE A 207 -17.02 -18.44 -12.46
C PHE A 207 -15.55 -18.71 -12.37
N PHE A 208 -14.77 -17.64 -12.27
CA PHE A 208 -13.32 -17.75 -12.20
C PHE A 208 -12.75 -18.21 -10.85
N TRP A 209 -13.63 -18.78 -10.04
CA TRP A 209 -13.23 -19.33 -8.77
C TRP A 209 -13.46 -20.83 -8.94
N VAL A 210 -14.72 -21.23 -9.08
CA VAL A 210 -15.03 -22.64 -9.24
C VAL A 210 -14.21 -23.26 -10.38
N VAL A 211 -14.39 -22.77 -11.61
CA VAL A 211 -13.68 -23.33 -12.76
C VAL A 211 -12.18 -23.54 -12.57
N PRO A 212 -11.42 -22.50 -12.23
CA PRO A 212 -9.98 -22.75 -12.04
C PRO A 212 -9.67 -23.79 -10.95
N ILE A 213 -10.34 -23.66 -9.79
CA ILE A 213 -10.12 -24.59 -8.70
C ILE A 213 -10.35 -26.02 -9.14
N VAL A 214 -11.52 -26.27 -9.72
CA VAL A 214 -11.89 -27.60 -10.22
C VAL A 214 -10.79 -28.14 -11.14
N GLY A 215 -10.49 -27.38 -12.19
CA GLY A 215 -9.49 -27.77 -13.15
C GLY A 215 -8.13 -28.03 -12.55
N GLY A 216 -7.75 -27.23 -11.56
CA GLY A 216 -6.45 -27.43 -10.94
C GLY A 216 -6.43 -28.71 -10.14
N ILE A 217 -7.60 -29.07 -9.63
CA ILE A 217 -7.79 -30.28 -8.84
C ILE A 217 -7.68 -31.47 -9.76
N ILE A 218 -8.18 -31.31 -10.98
CA ILE A 218 -8.11 -32.39 -11.95
C ILE A 218 -6.64 -32.54 -12.28
N GLY A 219 -6.00 -31.43 -12.64
CA GLY A 219 -4.58 -31.47 -12.97
C GLY A 219 -3.78 -32.15 -11.88
N GLY A 220 -4.14 -31.84 -10.64
CA GLY A 220 -3.46 -32.45 -9.50
C GLY A 220 -3.73 -33.94 -9.44
N LEU A 221 -5.00 -34.34 -9.48
CA LEU A 221 -5.30 -35.75 -9.41
C LEU A 221 -4.71 -36.48 -10.61
N ILE A 222 -4.75 -35.86 -11.79
CA ILE A 222 -4.19 -36.46 -13.00
C ILE A 222 -2.71 -36.80 -12.80
N TYR A 223 -2.00 -35.98 -12.03
CA TYR A 223 -0.58 -36.23 -11.80
C TYR A 223 -0.34 -37.21 -10.65
N ARG A 224 -1.17 -37.13 -9.62
CA ARG A 224 -1.04 -38.01 -8.46
C ARG A 224 -1.36 -39.43 -8.90
N THR A 225 -2.35 -39.55 -9.77
CA THR A 225 -2.83 -40.81 -10.29
C THR A 225 -1.99 -41.41 -11.42
N LEU A 226 -2.18 -40.92 -12.64
CA LEU A 226 -1.42 -41.45 -13.78
C LEU A 226 0.02 -40.98 -13.82
N LEU A 227 0.30 -39.81 -13.28
CA LEU A 227 1.67 -39.27 -13.31
C LEU A 227 1.91 -38.89 -14.78
N MET B 1 40.26 -4.28 -6.53
CA MET B 1 38.84 -3.99 -6.69
C MET B 1 38.58 -3.33 -8.03
N PHE B 2 39.64 -3.03 -8.78
CA PHE B 2 39.46 -2.40 -10.08
C PHE B 2 38.67 -3.28 -11.03
N ARG B 3 38.78 -4.60 -10.88
CA ARG B 3 38.01 -5.47 -11.73
C ARG B 3 36.54 -5.18 -11.49
N LYS B 4 36.12 -5.24 -10.23
CA LYS B 4 34.72 -5.00 -9.87
C LYS B 4 34.19 -3.71 -10.47
N LEU B 5 35.02 -2.66 -10.47
CA LEU B 5 34.63 -1.36 -11.03
C LEU B 5 34.60 -1.42 -12.55
N ALA B 6 35.50 -2.20 -13.11
CA ALA B 6 35.52 -2.32 -14.55
C ALA B 6 34.27 -3.12 -14.86
N ALA B 7 33.99 -4.14 -14.05
CA ALA B 7 32.79 -4.98 -14.26
C ALA B 7 31.52 -4.15 -14.23
N GLU B 8 31.34 -3.35 -13.19
CA GLU B 8 30.16 -2.54 -13.08
C GLU B 8 30.06 -1.50 -14.19
N CYS B 9 31.21 -1.05 -14.68
CA CYS B 9 31.26 -0.04 -15.73
C CYS B 9 30.83 -0.53 -17.12
N PHE B 10 31.38 -1.67 -17.55
CA PHE B 10 31.02 -2.24 -18.84
C PHE B 10 29.59 -2.76 -18.74
N GLY B 11 29.27 -3.29 -17.56
CA GLY B 11 27.93 -3.81 -17.33
C GLY B 11 26.92 -2.73 -17.67
N THR B 12 27.01 -1.62 -16.93
CA THR B 12 26.12 -0.48 -17.11
C THR B 12 26.16 0.07 -18.53
N PHE B 13 27.35 0.14 -19.09
CA PHE B 13 27.51 0.63 -20.45
C PHE B 13 26.64 -0.27 -21.34
N TRP B 14 26.75 -1.57 -21.13
CA TRP B 14 25.98 -2.56 -21.88
C TRP B 14 24.49 -2.38 -21.63
N LEU B 15 24.17 -1.86 -20.46
CA LEU B 15 22.79 -1.63 -20.09
C LEU B 15 22.22 -0.42 -20.84
N VAL B 16 22.80 0.76 -20.64
CA VAL B 16 22.31 1.96 -21.33
C VAL B 16 22.39 1.84 -22.85
N PHE B 17 23.55 1.42 -23.37
CA PHE B 17 23.74 1.27 -24.81
C PHE B 17 22.75 0.25 -25.37
N GLY B 18 22.55 -0.85 -24.65
CA GLY B 18 21.63 -1.87 -25.12
C GLY B 18 20.16 -1.47 -25.09
N GLY B 19 19.70 -1.00 -23.94
CA GLY B 19 18.31 -0.62 -23.79
C GLY B 19 17.96 0.67 -24.49
N CYS B 20 18.74 1.71 -24.21
CA CYS B 20 18.47 3.00 -24.81
C CYS B 20 18.79 2.91 -26.28
N GLY B 21 19.61 1.93 -26.61
CA GLY B 21 19.96 1.74 -28.00
C GLY B 21 18.74 1.27 -28.74
N SER B 22 18.21 0.13 -28.33
CA SER B 22 17.00 -0.42 -28.94
C SER B 22 15.87 0.62 -28.96
N ALA B 23 15.80 1.38 -27.86
CA ALA B 23 14.82 2.43 -27.67
C ALA B 23 14.90 3.59 -28.68
N VAL B 24 16.06 4.24 -28.77
CA VAL B 24 16.21 5.36 -29.69
C VAL B 24 16.57 4.95 -31.10
N LEU B 25 16.75 3.65 -31.33
CA LEU B 25 17.14 3.16 -32.65
C LEU B 25 16.19 2.21 -33.33
N ALA B 26 15.46 1.44 -32.52
CA ALA B 26 14.55 0.46 -33.06
C ALA B 26 13.08 0.49 -32.65
N ALA B 27 12.78 0.79 -31.39
CA ALA B 27 11.38 0.80 -30.95
C ALA B 27 10.38 1.41 -31.93
N GLY B 28 10.76 2.54 -32.53
CA GLY B 28 9.90 3.26 -33.48
C GLY B 28 9.92 2.74 -34.91
N PHE B 29 11.09 2.84 -35.55
CA PHE B 29 11.31 2.39 -36.93
C PHE B 29 10.04 1.86 -37.62
N PRO B 30 9.68 2.46 -38.76
CA PRO B 30 8.53 2.16 -39.62
C PRO B 30 7.63 0.98 -39.27
N GLU B 31 7.44 0.08 -40.23
CA GLU B 31 6.56 -1.07 -40.01
C GLU B 31 7.16 -2.24 -39.26
N LEU B 32 8.43 -2.18 -38.88
CA LEU B 32 9.06 -3.31 -38.18
C LEU B 32 9.54 -3.04 -36.75
N GLY B 33 9.53 -1.76 -36.37
CA GLY B 33 9.98 -1.32 -35.05
C GLY B 33 9.69 -2.20 -33.86
N ILE B 34 10.70 -2.43 -33.03
CA ILE B 34 10.55 -3.29 -31.89
C ILE B 34 9.61 -2.76 -30.79
N GLY B 35 9.16 -1.52 -30.90
CA GLY B 35 8.25 -0.97 -29.90
C GLY B 35 8.62 -1.19 -28.44
N PHE B 36 7.73 -0.85 -27.52
CA PHE B 36 7.99 -1.00 -26.08
C PHE B 36 8.36 -2.40 -25.62
N ALA B 37 7.68 -3.40 -26.17
CA ALA B 37 7.90 -4.79 -25.82
C ALA B 37 9.30 -5.22 -26.19
N GLY B 38 9.78 -4.75 -27.35
CA GLY B 38 11.12 -5.10 -27.79
C GLY B 38 12.06 -4.42 -26.83
N VAL B 39 11.88 -3.11 -26.68
CA VAL B 39 12.70 -2.29 -25.78
C VAL B 39 12.77 -2.89 -24.38
N ALA B 40 11.66 -3.49 -23.97
CA ALA B 40 11.55 -4.13 -22.68
C ALA B 40 12.45 -5.36 -22.60
N LEU B 41 12.32 -6.22 -23.59
CA LEU B 41 13.14 -7.41 -23.65
C LEU B 41 14.60 -6.96 -23.61
N ALA B 42 14.96 -6.10 -24.56
CA ALA B 42 16.31 -5.54 -24.69
C ALA B 42 16.92 -5.28 -23.32
N PHE B 43 16.49 -4.18 -22.69
CA PHE B 43 16.97 -3.80 -21.35
C PHE B 43 17.18 -5.03 -20.47
N GLY B 44 16.15 -5.86 -20.31
CA GLY B 44 16.27 -7.06 -19.50
C GLY B 44 17.48 -7.90 -19.91
N LEU B 45 17.61 -8.13 -21.21
CA LEU B 45 18.71 -8.93 -21.75
C LEU B 45 20.10 -8.36 -21.39
N THR B 46 20.26 -7.04 -21.57
CA THR B 46 21.53 -6.39 -21.27
C THR B 46 21.98 -6.80 -19.87
N VAL B 47 21.02 -6.84 -18.94
CA VAL B 47 21.30 -7.22 -17.57
C VAL B 47 21.59 -8.70 -17.48
N LEU B 48 20.70 -9.51 -18.03
CA LEU B 48 20.86 -10.95 -18.03
C LEU B 48 22.22 -11.38 -18.58
N THR B 49 22.54 -10.96 -19.81
CA THR B 49 23.81 -11.33 -20.40
C THR B 49 25.02 -10.86 -19.59
N MET B 50 25.06 -9.57 -19.27
CA MET B 50 26.19 -9.04 -18.52
C MET B 50 26.27 -9.63 -17.11
N ALA B 51 25.13 -10.08 -16.60
CA ALA B 51 25.06 -10.69 -15.26
C ALA B 51 25.82 -12.01 -15.26
N PHE B 52 25.59 -12.82 -16.28
CA PHE B 52 26.29 -14.09 -16.40
C PHE B 52 27.78 -13.81 -16.68
N ALA B 53 28.02 -12.87 -17.60
CA ALA B 53 29.38 -12.49 -18.00
C ALA B 53 30.31 -12.02 -16.88
N VAL B 54 30.02 -10.85 -16.30
CA VAL B 54 30.84 -10.28 -15.24
C VAL B 54 30.20 -10.29 -13.88
N GLY B 55 29.00 -10.86 -13.80
CA GLY B 55 28.30 -10.92 -12.54
C GLY B 55 29.12 -11.62 -11.49
N HIS B 56 29.99 -12.52 -11.94
CA HIS B 56 30.83 -13.25 -11.02
C HIS B 56 32.02 -12.42 -10.58
N ILE B 57 32.07 -11.17 -11.03
CA ILE B 57 33.17 -10.29 -10.68
C ILE B 57 32.79 -9.12 -9.78
N SER B 58 31.58 -8.59 -9.94
CA SER B 58 31.19 -7.45 -9.14
C SER B 58 29.88 -7.64 -8.44
N GLY B 59 29.18 -8.70 -8.80
CA GLY B 59 27.89 -8.93 -8.18
C GLY B 59 26.81 -8.51 -9.15
N GLY B 60 27.23 -7.91 -10.28
CA GLY B 60 26.29 -7.49 -11.32
C GLY B 60 25.15 -6.57 -10.93
N HIS B 61 25.49 -5.36 -10.52
CA HIS B 61 24.51 -4.36 -10.13
C HIS B 61 24.11 -3.57 -11.37
N PHE B 62 25.04 -2.76 -11.89
CA PHE B 62 24.81 -1.93 -13.08
C PHE B 62 23.68 -0.95 -12.83
N ASN B 63 23.39 -0.72 -11.57
CA ASN B 63 22.32 0.17 -11.16
C ASN B 63 22.59 0.72 -9.76
N PRO B 64 22.77 2.04 -9.64
CA PRO B 64 23.02 2.66 -8.35
C PRO B 64 21.98 2.22 -7.33
N ALA B 65 20.71 2.24 -7.73
CA ALA B 65 19.65 1.86 -6.82
C ALA B 65 19.78 0.40 -6.41
N VAL B 66 20.28 -0.43 -7.31
CA VAL B 66 20.47 -1.85 -7.02
C VAL B 66 21.69 -2.08 -6.11
N THR B 67 22.62 -1.14 -6.10
CA THR B 67 23.81 -1.28 -5.24
C THR B 67 23.48 -0.80 -3.83
N ILE B 68 22.79 0.34 -3.77
CA ILE B 68 22.35 0.98 -2.52
C ILE B 68 21.25 0.12 -1.90
N GLY B 69 20.45 -0.51 -2.75
CA GLY B 69 19.39 -1.37 -2.27
C GLY B 69 20.01 -2.57 -1.59
N LEU B 70 20.95 -3.21 -2.26
CA LEU B 70 21.62 -4.37 -1.68
C LEU B 70 22.23 -3.96 -0.34
N TRP B 71 22.89 -2.81 -0.33
CA TRP B 71 23.50 -2.30 0.91
C TRP B 71 22.49 -2.35 2.04
N ALA B 72 21.29 -1.86 1.78
CA ALA B 72 20.22 -1.83 2.78
C ALA B 72 19.78 -3.25 3.16
N GLY B 73 19.92 -4.18 2.21
CA GLY B 73 19.54 -5.55 2.47
C GLY B 73 20.60 -6.31 3.25
N GLY B 74 21.71 -5.62 3.53
CA GLY B 74 22.80 -6.20 4.28
C GLY B 74 23.63 -7.14 3.44
N ARG B 75 23.66 -6.87 2.14
CA ARG B 75 24.38 -7.70 1.20
C ARG B 75 25.57 -6.98 0.57
N PHE B 76 25.71 -5.69 0.86
CA PHE B 76 26.80 -4.95 0.27
C PHE B 76 27.43 -3.97 1.24
N PRO B 77 28.78 -3.89 1.26
CA PRO B 77 29.54 -2.99 2.13
C PRO B 77 29.41 -1.52 1.71
N ALA B 78 29.03 -0.67 2.64
CA ALA B 78 28.86 0.75 2.37
C ALA B 78 30.15 1.38 1.86
N LYS B 79 31.28 0.82 2.27
CA LYS B 79 32.57 1.35 1.84
C LYS B 79 32.64 1.40 0.32
N GLU B 80 32.25 0.29 -0.32
CA GLU B 80 32.27 0.16 -1.78
C GLU B 80 31.11 0.79 -2.55
N VAL B 81 30.08 1.24 -1.84
CA VAL B 81 28.93 1.80 -2.52
C VAL B 81 29.28 2.97 -3.42
N VAL B 82 29.86 4.03 -2.87
CA VAL B 82 30.19 5.20 -3.68
C VAL B 82 31.09 4.89 -4.88
N GLY B 83 31.96 3.90 -4.74
CA GLY B 83 32.83 3.54 -5.84
C GLY B 83 32.01 3.02 -7.02
N TYR B 84 31.16 2.01 -6.74
CA TYR B 84 30.28 1.37 -7.73
C TYR B 84 29.41 2.35 -8.54
N VAL B 85 28.79 3.29 -7.83
CA VAL B 85 27.93 4.31 -8.45
C VAL B 85 28.71 5.13 -9.47
N ILE B 86 29.91 5.57 -9.10
CA ILE B 86 30.74 6.35 -10.01
C ILE B 86 30.99 5.54 -11.27
N ALA B 87 31.33 4.27 -11.09
CA ALA B 87 31.58 3.35 -12.20
C ALA B 87 30.39 3.30 -13.14
N GLN B 88 29.24 2.92 -12.58
CA GLN B 88 27.98 2.80 -13.31
C GLN B 88 27.59 4.08 -14.06
N VAL B 89 27.64 5.22 -13.37
CA VAL B 89 27.28 6.49 -14.00
C VAL B 89 28.19 6.83 -15.17
N VAL B 90 29.48 6.60 -14.99
CA VAL B 90 30.47 6.86 -16.02
C VAL B 90 30.27 5.93 -17.21
N GLY B 91 30.03 4.66 -16.93
CA GLY B 91 29.80 3.70 -18.00
C GLY B 91 28.56 4.06 -18.80
N GLY B 92 27.52 4.51 -18.09
CA GLY B 92 26.28 4.89 -18.75
C GLY B 92 26.51 6.07 -19.67
N ILE B 93 27.12 7.12 -19.14
CA ILE B 93 27.39 8.31 -19.94
C ILE B 93 28.13 7.93 -21.21
N VAL B 94 29.20 7.15 -21.07
CA VAL B 94 29.96 6.71 -22.25
C VAL B 94 29.06 6.06 -23.32
N ALA B 95 28.09 5.26 -22.87
CA ALA B 95 27.16 4.59 -23.78
C ALA B 95 26.29 5.62 -24.50
N ALA B 96 25.64 6.49 -23.74
CA ALA B 96 24.81 7.52 -24.30
C ALA B 96 25.63 8.29 -25.32
N ALA B 97 26.89 8.56 -24.96
CA ALA B 97 27.82 9.30 -25.82
C ALA B 97 27.92 8.71 -27.24
N LEU B 98 28.24 7.41 -27.31
CA LEU B 98 28.35 6.69 -28.59
C LEU B 98 26.98 6.56 -29.25
N LEU B 99 26.04 6.04 -28.47
CA LEU B 99 24.67 5.88 -28.93
C LEU B 99 24.21 7.20 -29.52
N TYR B 100 24.67 8.30 -28.92
CA TYR B 100 24.33 9.61 -29.42
C TYR B 100 24.93 9.73 -30.83
N LEU B 101 26.21 9.39 -30.93
CA LEU B 101 26.95 9.42 -32.18
C LEU B 101 26.32 8.55 -33.27
N ILE B 102 25.80 7.40 -32.86
CA ILE B 102 25.19 6.44 -33.79
C ILE B 102 23.85 6.89 -34.36
N ALA B 103 23.01 7.45 -33.49
CA ALA B 103 21.69 7.91 -33.93
C ALA B 103 21.80 9.14 -34.84
N SER B 104 22.84 9.93 -34.60
CA SER B 104 23.11 11.15 -35.35
C SER B 104 23.48 10.85 -36.79
N GLY B 105 23.77 9.58 -37.06
CA GLY B 105 24.13 9.18 -38.40
C GLY B 105 22.92 9.17 -39.31
N LYS B 106 21.75 8.89 -38.75
CA LYS B 106 20.52 8.87 -39.54
C LYS B 106 20.03 10.29 -39.76
N THR B 107 19.67 10.61 -40.99
CA THR B 107 19.20 11.96 -41.30
C THR B 107 17.90 12.33 -40.55
N GLY B 108 17.91 13.51 -39.91
CA GLY B 108 16.75 13.97 -39.16
C GLY B 108 16.73 13.27 -37.81
N PHE B 109 17.36 13.89 -36.80
CA PHE B 109 17.45 13.32 -35.47
C PHE B 109 17.76 14.46 -34.50
N ASP B 110 17.01 14.57 -33.41
CA ASP B 110 17.27 15.62 -32.40
C ASP B 110 17.13 15.02 -31.00
N ALA B 111 18.27 14.68 -30.39
CA ALA B 111 18.27 14.10 -29.05
C ALA B 111 17.34 14.90 -28.16
N ALA B 112 17.40 16.22 -28.35
CA ALA B 112 16.59 17.13 -27.59
C ALA B 112 15.12 16.82 -27.87
N ALA B 113 14.64 17.26 -29.03
CA ALA B 113 13.26 17.04 -29.43
C ALA B 113 12.80 15.59 -29.31
N SER B 114 13.69 14.65 -29.61
CA SER B 114 13.35 13.23 -29.53
C SER B 114 13.23 12.74 -28.10
N GLY B 115 13.88 13.43 -27.18
CA GLY B 115 13.86 13.02 -25.79
C GLY B 115 15.04 12.11 -25.49
N PHE B 116 15.48 11.40 -26.51
CA PHE B 116 16.62 10.50 -26.40
C PHE B 116 16.46 9.45 -25.32
N ALA B 117 15.27 8.86 -25.25
CA ALA B 117 14.96 7.79 -24.29
C ALA B 117 15.07 8.20 -22.84
N SER B 118 14.94 9.49 -22.56
CA SER B 118 15.05 9.96 -21.19
C SER B 118 13.79 9.69 -20.35
N ASN B 119 13.98 9.53 -19.05
CA ASN B 119 12.86 9.29 -18.16
C ASN B 119 12.28 10.61 -17.67
N GLY B 120 10.96 10.66 -17.57
CA GLY B 120 10.31 11.87 -17.13
C GLY B 120 8.90 11.56 -16.71
N TYR B 121 8.17 12.56 -16.23
CA TYR B 121 6.80 12.33 -15.81
C TYR B 121 5.98 13.54 -16.24
N GLY B 122 4.67 13.49 -15.98
CA GLY B 122 3.79 14.59 -16.35
C GLY B 122 3.83 14.90 -17.82
N GLU B 123 4.21 16.12 -18.18
CA GLU B 123 4.29 16.51 -19.59
C GLU B 123 5.24 15.62 -20.34
N HIS B 124 6.23 15.07 -19.63
CA HIS B 124 7.22 14.21 -20.27
C HIS B 124 7.04 12.70 -20.05
N SER B 125 5.89 12.32 -19.65
CA SER B 125 5.52 10.90 -19.50
C SER B 125 4.99 10.45 -20.85
N PRO B 126 5.49 9.33 -21.39
CA PRO B 126 5.03 8.83 -22.69
C PRO B 126 3.52 8.85 -22.79
N GLY B 127 2.85 8.33 -21.76
CA GLY B 127 1.40 8.33 -21.79
C GLY B 127 0.75 9.50 -21.06
N GLY B 128 1.56 10.48 -20.65
CA GLY B 128 1.02 11.64 -19.96
C GLY B 128 0.52 11.35 -18.57
N TYR B 129 1.22 10.47 -17.86
CA TYR B 129 0.83 10.11 -16.51
C TYR B 129 1.28 11.21 -15.53
N SER B 130 0.56 11.36 -14.44
CA SER B 130 0.90 12.38 -13.45
C SER B 130 2.16 11.99 -12.69
N MET B 131 2.75 12.96 -11.99
CA MET B 131 3.93 12.67 -11.21
C MET B 131 3.60 11.68 -10.08
N LEU B 132 2.42 11.82 -9.47
CA LEU B 132 2.03 10.91 -8.38
C LEU B 132 2.06 9.49 -8.88
N SER B 133 1.47 9.26 -10.06
CA SER B 133 1.44 7.93 -10.68
C SER B 133 2.86 7.48 -10.99
N ALA B 134 3.69 8.43 -11.45
CA ALA B 134 5.07 8.13 -11.76
C ALA B 134 5.67 7.66 -10.45
N LEU B 135 5.59 8.51 -9.43
CA LEU B 135 6.15 8.18 -8.14
C LEU B 135 5.82 6.73 -7.75
N VAL B 136 4.53 6.41 -7.73
CA VAL B 136 4.08 5.08 -7.34
C VAL B 136 4.68 3.91 -8.15
N VAL B 137 4.56 3.88 -9.49
CA VAL B 137 5.18 2.75 -10.20
C VAL B 137 6.65 2.68 -9.85
N GLU B 138 7.39 3.72 -10.24
CA GLU B 138 8.82 3.75 -9.96
C GLU B 138 9.14 3.20 -8.58
N LEU B 139 8.48 3.71 -7.56
CA LEU B 139 8.72 3.24 -6.20
C LEU B 139 8.54 1.71 -6.09
N VAL B 140 7.34 1.24 -6.39
CA VAL B 140 6.98 -0.19 -6.34
C VAL B 140 7.90 -1.09 -7.14
N LEU B 141 8.07 -0.78 -8.42
CA LEU B 141 8.90 -1.61 -9.26
C LEU B 141 10.36 -1.57 -8.86
N SER B 142 10.75 -0.60 -8.04
CA SER B 142 12.15 -0.50 -7.60
C SER B 142 12.37 -1.37 -6.37
N ALA B 143 11.40 -1.32 -5.46
CA ALA B 143 11.48 -2.10 -4.25
C ALA B 143 11.27 -3.54 -4.68
N GLY B 144 10.41 -3.73 -5.68
CA GLY B 144 10.14 -5.06 -6.17
C GLY B 144 11.40 -5.64 -6.78
N PHE B 145 11.97 -4.90 -7.72
CA PHE B 145 13.20 -5.31 -8.40
C PHE B 145 14.27 -5.69 -7.38
N LEU B 146 14.55 -4.77 -6.47
CA LEU B 146 15.55 -5.03 -5.44
C LEU B 146 15.20 -6.23 -4.59
N LEU B 147 13.90 -6.46 -4.40
CA LEU B 147 13.43 -7.59 -3.63
C LEU B 147 13.74 -8.90 -4.37
N VAL B 148 13.35 -8.93 -5.65
CA VAL B 148 13.60 -10.10 -6.49
C VAL B 148 15.09 -10.40 -6.53
N ILE B 149 15.89 -9.34 -6.57
CA ILE B 149 17.34 -9.46 -6.63
C ILE B 149 17.91 -10.12 -5.38
N HIS B 150 17.24 -9.91 -4.25
CA HIS B 150 17.71 -10.51 -3.01
C HIS B 150 17.38 -11.98 -2.96
N GLY B 151 16.10 -12.29 -3.22
CA GLY B 151 15.64 -13.68 -3.20
C GLY B 151 16.32 -14.59 -4.20
N ALA B 152 16.57 -14.06 -5.39
CA ALA B 152 17.23 -14.83 -6.43
C ALA B 152 18.64 -15.16 -6.01
N THR B 153 19.22 -14.31 -5.17
CA THR B 153 20.58 -14.50 -4.71
C THR B 153 20.66 -15.10 -3.30
N ASP B 154 19.52 -15.46 -2.74
CA ASP B 154 19.50 -16.05 -1.42
C ASP B 154 20.26 -17.36 -1.44
N LYS B 155 20.95 -17.67 -0.34
CA LYS B 155 21.72 -18.91 -0.25
C LYS B 155 20.82 -20.12 -0.50
N PHE B 156 19.54 -19.97 -0.19
CA PHE B 156 18.57 -21.05 -0.37
C PHE B 156 17.89 -21.03 -1.72
N ALA B 157 18.23 -20.06 -2.56
CA ALA B 157 17.61 -19.97 -3.88
C ALA B 157 18.35 -20.86 -4.88
N PRO B 158 17.73 -21.15 -6.05
CA PRO B 158 18.34 -21.99 -7.09
C PRO B 158 19.65 -21.37 -7.59
N ALA B 159 20.75 -22.06 -7.38
CA ALA B 159 22.08 -21.58 -7.78
C ALA B 159 22.35 -21.43 -9.27
N GLY B 160 22.73 -20.20 -9.66
CA GLY B 160 23.06 -19.92 -11.05
C GLY B 160 22.00 -19.24 -11.88
N PHE B 161 20.74 -19.43 -11.49
CA PHE B 161 19.61 -18.85 -12.20
C PHE B 161 19.38 -17.37 -11.92
N ALA B 162 20.10 -16.81 -10.96
CA ALA B 162 19.90 -15.39 -10.63
C ALA B 162 19.82 -14.51 -11.87
N PRO B 163 20.92 -14.40 -12.65
CA PRO B 163 20.92 -13.57 -13.86
C PRO B 163 19.70 -13.68 -14.77
N ILE B 164 19.05 -14.84 -14.77
CA ILE B 164 17.85 -15.05 -15.58
C ILE B 164 16.69 -14.41 -14.86
N ALA B 165 16.64 -14.60 -13.55
CA ALA B 165 15.55 -14.04 -12.76
C ALA B 165 15.59 -12.53 -12.82
N ILE B 166 16.74 -11.96 -12.45
CA ILE B 166 16.89 -10.50 -12.42
C ILE B 166 16.67 -9.85 -13.79
N GLY B 167 17.46 -10.26 -14.78
CA GLY B 167 17.29 -9.71 -16.12
C GLY B 167 15.86 -9.76 -16.62
N LEU B 168 15.24 -10.94 -16.48
CA LEU B 168 13.86 -11.12 -16.92
C LEU B 168 12.93 -10.24 -16.09
N ALA B 169 13.30 -10.05 -14.82
CA ALA B 169 12.54 -9.22 -13.91
C ALA B 169 12.52 -7.77 -14.42
N LEU B 170 13.65 -7.29 -14.91
CA LEU B 170 13.76 -5.95 -15.45
C LEU B 170 12.91 -5.78 -16.71
N THR B 171 12.85 -6.84 -17.52
CA THR B 171 12.07 -6.84 -18.76
C THR B 171 10.60 -6.67 -18.36
N LEU B 172 10.24 -7.32 -17.27
CA LEU B 172 8.88 -7.23 -16.76
C LEU B 172 8.64 -5.78 -16.37
N ILE B 173 9.47 -5.28 -15.46
CA ILE B 173 9.35 -3.90 -14.99
C ILE B 173 9.05 -2.97 -16.17
N HIS B 174 9.80 -3.13 -17.26
CA HIS B 174 9.65 -2.30 -18.45
C HIS B 174 8.32 -2.49 -19.18
N LEU B 175 7.77 -3.71 -19.08
CA LEU B 175 6.51 -3.99 -19.74
C LEU B 175 5.36 -3.27 -19.06
N ILE B 176 5.51 -3.05 -17.77
CA ILE B 176 4.50 -2.40 -16.98
C ILE B 176 4.56 -0.86 -16.88
N SER B 177 5.68 -0.23 -17.11
CA SER B 177 5.83 1.18 -16.77
C SER B 177 6.19 2.16 -17.89
N ILE B 178 6.79 1.70 -18.97
CA ILE B 178 7.19 2.50 -20.10
C ILE B 178 6.14 3.54 -20.45
N PRO B 179 4.86 3.16 -20.46
CA PRO B 179 3.87 4.19 -20.79
C PRO B 179 3.91 5.34 -19.78
N VAL B 180 4.10 4.98 -18.51
CA VAL B 180 4.14 5.94 -17.42
C VAL B 180 5.40 6.80 -17.37
N THR B 181 6.49 6.25 -16.86
CA THR B 181 7.73 7.01 -16.73
C THR B 181 8.77 6.69 -17.79
N ASN B 182 8.48 5.72 -18.65
CA ASN B 182 9.41 5.30 -19.71
C ASN B 182 10.43 4.36 -19.01
N THR B 183 10.17 4.06 -17.76
CA THR B 183 10.89 3.12 -16.92
C THR B 183 12.36 3.46 -16.64
N SER B 184 12.60 3.97 -15.44
CA SER B 184 13.92 4.32 -14.96
C SER B 184 14.29 3.16 -14.03
N VAL B 185 13.94 3.28 -12.76
CA VAL B 185 14.21 2.23 -11.79
C VAL B 185 15.72 2.00 -11.68
N ASN B 186 16.47 2.84 -12.39
CA ASN B 186 17.92 2.80 -12.40
C ASN B 186 18.40 4.25 -12.56
N PRO B 187 18.93 4.84 -11.48
CA PRO B 187 19.42 6.23 -11.53
C PRO B 187 20.56 6.52 -12.53
N ALA B 188 21.40 5.52 -12.79
CA ALA B 188 22.53 5.64 -13.71
C ALA B 188 22.03 5.71 -15.15
N ARG B 189 21.01 4.91 -15.47
CA ARG B 189 20.44 4.91 -16.80
C ARG B 189 19.83 6.29 -17.07
N SER B 190 18.96 6.76 -16.17
CA SER B 190 18.31 8.05 -16.37
C SER B 190 19.28 9.17 -16.68
N THR B 191 20.27 9.31 -15.80
CA THR B 191 21.31 10.33 -15.91
C THR B 191 21.98 10.38 -17.29
N ALA B 192 22.44 9.22 -17.74
CA ALA B 192 23.14 9.06 -19.01
C ALA B 192 22.51 9.74 -20.23
N VAL B 193 21.26 9.42 -20.52
CA VAL B 193 20.58 9.99 -21.67
C VAL B 193 20.12 11.41 -21.40
N ALA B 194 19.76 11.70 -20.16
CA ALA B 194 19.33 13.05 -19.79
C ALA B 194 20.38 14.02 -20.29
N ILE B 195 21.63 13.80 -19.90
CA ILE B 195 22.75 14.64 -20.31
C ILE B 195 22.61 15.06 -21.78
N PHE B 196 22.34 14.09 -22.66
CA PHE B 196 22.20 14.40 -24.08
C PHE B 196 20.84 14.95 -24.52
N GLN B 197 19.92 15.08 -23.57
CA GLN B 197 18.68 15.80 -23.83
C GLN B 197 18.94 17.25 -23.49
N GLY B 198 19.43 17.38 -22.28
CA GLY B 198 19.87 18.66 -21.79
C GLY B 198 18.80 19.72 -21.68
N GLY B 199 17.55 19.32 -21.51
CA GLY B 199 16.46 20.25 -21.28
C GLY B 199 15.71 19.76 -20.09
N TRP B 200 14.49 19.28 -20.34
CA TRP B 200 13.65 18.70 -19.31
C TRP B 200 14.14 17.41 -18.70
N ALA B 201 14.87 16.63 -19.49
CA ALA B 201 15.41 15.38 -19.05
C ALA B 201 16.25 15.57 -17.80
N LEU B 202 17.04 16.64 -17.79
CA LEU B 202 17.87 16.92 -16.63
C LEU B 202 16.97 17.52 -15.57
N GLU B 203 16.05 18.37 -16.04
CA GLU B 203 15.11 19.03 -15.16
C GLU B 203 14.47 18.06 -14.17
N GLN B 204 14.01 16.90 -14.65
CA GLN B 204 13.38 15.96 -13.73
C GLN B 204 14.33 14.87 -13.26
N LEU B 205 15.57 14.89 -13.74
CA LEU B 205 16.56 13.84 -13.37
C LEU B 205 16.60 13.50 -11.88
N TRP B 206 16.53 14.53 -11.04
CA TRP B 206 16.59 14.32 -9.60
C TRP B 206 15.57 13.23 -9.17
N PHE B 207 14.32 13.40 -9.61
CA PHE B 207 13.21 12.49 -9.30
C PHE B 207 13.58 11.03 -9.50
N PHE B 208 14.35 10.76 -10.56
CA PHE B 208 14.76 9.41 -10.89
C PHE B 208 16.02 8.96 -10.17
N TRP B 209 16.42 9.73 -9.16
CA TRP B 209 17.56 9.38 -8.34
C TRP B 209 16.99 9.03 -6.98
N VAL B 210 16.18 9.95 -6.46
CA VAL B 210 15.57 9.75 -5.15
C VAL B 210 14.52 8.62 -5.19
N VAL B 211 13.49 8.75 -6.03
CA VAL B 211 12.44 7.72 -6.12
C VAL B 211 12.93 6.26 -6.26
N PRO B 212 13.76 5.96 -7.29
CA PRO B 212 14.24 4.59 -7.44
C PRO B 212 15.20 4.16 -6.32
N ILE B 213 15.95 5.08 -5.75
CA ILE B 213 16.83 4.65 -4.66
C ILE B 213 16.00 4.41 -3.40
N VAL B 214 14.95 5.21 -3.19
CA VAL B 214 14.10 5.01 -2.01
C VAL B 214 13.41 3.69 -2.17
N GLY B 215 12.88 3.46 -3.36
CA GLY B 215 12.23 2.20 -3.63
C GLY B 215 13.21 1.06 -3.36
N GLY B 216 14.38 1.11 -4.01
CA GLY B 216 15.39 0.08 -3.85
C GLY B 216 15.82 -0.29 -2.42
N ILE B 217 15.84 0.71 -1.56
CA ILE B 217 16.22 0.55 -0.17
C ILE B 217 15.06 -0.10 0.58
N ILE B 218 13.84 0.37 0.30
CA ILE B 218 12.67 -0.21 0.95
C ILE B 218 12.65 -1.68 0.57
N GLY B 219 12.81 -1.96 -0.72
CA GLY B 219 12.79 -3.32 -1.23
C GLY B 219 13.65 -4.24 -0.37
N GLY B 220 14.92 -3.87 -0.25
CA GLY B 220 15.88 -4.63 0.54
C GLY B 220 15.46 -4.76 1.99
N LEU B 221 15.06 -3.65 2.62
CA LEU B 221 14.62 -3.71 4.01
C LEU B 221 13.51 -4.74 4.12
N ILE B 222 12.67 -4.82 3.10
CA ILE B 222 11.57 -5.78 3.12
C ILE B 222 12.16 -7.19 3.22
N TYR B 223 13.09 -7.52 2.32
CA TYR B 223 13.68 -8.86 2.33
C TYR B 223 14.53 -9.11 3.59
N ARG B 224 15.22 -8.08 4.04
CA ARG B 224 16.06 -8.18 5.23
C ARG B 224 15.12 -8.50 6.38
N THR B 225 14.05 -7.73 6.50
CA THR B 225 13.11 -7.94 7.60
C THR B 225 12.14 -9.12 7.53
N LEU B 226 11.45 -9.27 6.40
CA LEU B 226 10.48 -10.37 6.26
C LEU B 226 10.99 -11.55 5.43
N LEU B 227 12.16 -11.38 4.83
CA LEU B 227 12.77 -12.44 3.96
C LEU B 227 11.69 -12.95 2.97
N MET C 1 5.54 -48.27 -18.45
CA MET C 1 5.25 -47.95 -19.86
C MET C 1 4.04 -47.04 -19.97
N PHE C 2 3.00 -47.32 -19.19
CA PHE C 2 1.79 -46.48 -19.24
C PHE C 2 2.12 -45.03 -18.96
N ARG C 3 2.93 -44.79 -17.93
CA ARG C 3 3.33 -43.42 -17.62
C ARG C 3 3.94 -42.83 -18.88
N LYS C 4 4.93 -43.54 -19.43
CA LYS C 4 5.61 -43.09 -20.64
C LYS C 4 4.61 -42.75 -21.74
N LEU C 5 3.51 -43.49 -21.79
CA LEU C 5 2.50 -43.26 -22.80
C LEU C 5 1.61 -42.08 -22.40
N ALA C 6 1.18 -42.06 -21.15
CA ALA C 6 0.35 -40.95 -20.68
C ALA C 6 1.12 -39.64 -20.81
N ALA C 7 2.42 -39.68 -20.48
CA ALA C 7 3.29 -38.51 -20.55
C ALA C 7 3.37 -37.97 -21.97
N GLU C 8 3.60 -38.87 -22.91
CA GLU C 8 3.68 -38.48 -24.30
C GLU C 8 2.32 -38.01 -24.80
N CYS C 9 1.25 -38.61 -24.29
CA CYS C 9 -0.08 -38.23 -24.73
C CYS C 9 -0.45 -36.83 -24.26
N PHE C 10 -0.37 -36.60 -22.96
CA PHE C 10 -0.69 -35.30 -22.39
C PHE C 10 0.23 -34.26 -22.99
N GLY C 11 1.48 -34.64 -23.21
CA GLY C 11 2.47 -33.74 -23.77
C GLY C 11 2.10 -33.22 -25.14
N THR C 12 1.73 -34.12 -26.05
CA THR C 12 1.33 -33.72 -27.37
C THR C 12 0.04 -32.89 -27.25
N PHE C 13 -0.91 -33.36 -26.44
CA PHE C 13 -2.17 -32.65 -26.25
C PHE C 13 -1.88 -31.21 -25.91
N TRP C 14 -0.93 -31.03 -25.00
CA TRP C 14 -0.52 -29.70 -24.58
C TRP C 14 0.00 -28.95 -25.81
N LEU C 15 0.79 -29.65 -26.62
CA LEU C 15 1.38 -29.05 -27.81
C LEU C 15 0.35 -28.61 -28.84
N VAL C 16 -0.59 -29.47 -29.17
CA VAL C 16 -1.56 -29.05 -30.16
C VAL C 16 -2.45 -27.96 -29.58
N PHE C 17 -2.85 -28.12 -28.33
CA PHE C 17 -3.71 -27.15 -27.68
C PHE C 17 -3.07 -25.76 -27.55
N GLY C 18 -1.83 -25.73 -27.08
CA GLY C 18 -1.12 -24.47 -26.92
C GLY C 18 -0.72 -23.85 -28.24
N GLY C 19 -0.04 -24.62 -29.09
CA GLY C 19 0.38 -24.09 -30.37
C GLY C 19 -0.77 -23.78 -31.31
N CYS C 20 -1.50 -24.80 -31.73
CA CYS C 20 -2.61 -24.60 -32.63
C CYS C 20 -3.66 -23.72 -31.98
N GLY C 21 -3.86 -23.90 -30.69
CA GLY C 21 -4.85 -23.11 -29.98
C GLY C 21 -4.57 -21.62 -29.97
N SER C 22 -3.30 -21.24 -29.89
CA SER C 22 -2.98 -19.82 -29.89
C SER C 22 -3.15 -19.29 -31.30
N ALA C 23 -2.78 -20.07 -32.30
CA ALA C 23 -2.90 -19.67 -33.71
C ALA C 23 -4.35 -19.53 -34.16
N VAL C 24 -5.21 -20.37 -33.60
CA VAL C 24 -6.62 -20.36 -33.94
C VAL C 24 -7.46 -19.48 -33.02
N LEU C 25 -6.81 -18.76 -32.06
CA LEU C 25 -7.57 -17.97 -31.10
C LEU C 25 -7.04 -16.52 -30.93
N ALA C 26 -5.72 -16.40 -30.98
CA ALA C 26 -5.10 -15.10 -30.72
C ALA C 26 -4.16 -14.54 -31.79
N ALA C 27 -3.56 -15.41 -32.60
CA ALA C 27 -2.62 -14.98 -33.63
C ALA C 27 -3.10 -13.78 -34.45
N GLY C 28 -4.36 -13.84 -34.89
CA GLY C 28 -4.90 -12.77 -35.71
C GLY C 28 -5.92 -11.86 -35.05
N PHE C 29 -5.96 -11.87 -33.73
CA PHE C 29 -6.87 -11.01 -32.99
C PHE C 29 -6.63 -9.56 -33.42
N PRO C 30 -7.72 -8.82 -33.68
CA PRO C 30 -7.76 -7.42 -34.11
C PRO C 30 -6.50 -6.61 -33.93
N GLU C 31 -6.49 -5.75 -32.94
CA GLU C 31 -5.35 -4.89 -32.71
C GLU C 31 -4.32 -5.52 -31.78
N LEU C 32 -4.69 -6.60 -31.11
CA LEU C 32 -3.76 -7.21 -30.18
C LEU C 32 -3.36 -8.67 -30.39
N GLY C 33 -3.60 -9.19 -31.59
CA GLY C 33 -3.24 -10.56 -31.88
C GLY C 33 -1.76 -10.80 -31.65
N ILE C 34 -1.36 -12.06 -31.42
CA ILE C 34 0.03 -12.37 -31.15
C ILE C 34 0.84 -12.59 -32.41
N GLY C 35 0.15 -12.67 -33.54
CA GLY C 35 0.83 -12.86 -34.82
C GLY C 35 1.62 -14.15 -34.90
N PHE C 36 2.43 -14.28 -35.94
CA PHE C 36 3.22 -15.49 -36.10
C PHE C 36 4.18 -15.68 -34.95
N ALA C 37 4.99 -14.67 -34.68
CA ALA C 37 5.95 -14.77 -33.59
C ALA C 37 5.22 -15.18 -32.30
N GLY C 38 4.00 -14.68 -32.15
CA GLY C 38 3.23 -15.03 -30.98
C GLY C 38 3.08 -16.53 -30.96
N VAL C 39 2.52 -17.07 -32.03
CA VAL C 39 2.31 -18.50 -32.17
C VAL C 39 3.62 -19.28 -32.00
N ALA C 40 4.67 -18.82 -32.67
CA ALA C 40 5.99 -19.45 -32.61
C ALA C 40 6.44 -19.64 -31.16
N LEU C 41 6.32 -18.59 -30.36
CA LEU C 41 6.73 -18.67 -28.97
C LEU C 41 5.92 -19.75 -28.28
N ALA C 42 4.62 -19.55 -28.25
CA ALA C 42 3.68 -20.47 -27.64
C ALA C 42 4.03 -21.93 -27.96
N PHE C 43 4.11 -22.27 -29.25
CA PHE C 43 4.43 -23.64 -29.69
C PHE C 43 5.66 -24.16 -28.96
N GLY C 44 6.76 -23.43 -29.08
CA GLY C 44 7.99 -23.85 -28.42
C GLY C 44 7.77 -23.99 -26.93
N LEU C 45 6.89 -23.17 -26.36
CA LEU C 45 6.68 -23.27 -24.92
C LEU C 45 5.93 -24.52 -24.49
N THR C 46 4.99 -25.00 -25.29
CA THR C 46 4.27 -26.22 -24.89
C THR C 46 5.32 -27.29 -24.68
N VAL C 47 6.27 -27.35 -25.60
CA VAL C 47 7.36 -28.32 -25.52
C VAL C 47 8.29 -28.07 -24.35
N LEU C 48 8.76 -26.83 -24.22
CA LEU C 48 9.67 -26.51 -23.14
C LEU C 48 9.08 -26.84 -21.79
N THR C 49 7.80 -26.54 -21.64
CA THR C 49 7.11 -26.79 -20.39
C THR C 49 6.85 -28.26 -20.10
N MET C 50 6.37 -29.02 -21.07
CA MET C 50 6.11 -30.45 -20.85
C MET C 50 7.41 -31.22 -20.84
N ALA C 51 8.42 -30.69 -21.54
CA ALA C 51 9.72 -31.32 -21.60
C ALA C 51 10.31 -31.40 -20.19
N PHE C 52 9.97 -30.43 -19.36
CA PHE C 52 10.43 -30.40 -17.98
C PHE C 52 9.48 -31.21 -17.12
N ALA C 53 8.19 -30.89 -17.24
CA ALA C 53 7.13 -31.54 -16.47
C ALA C 53 7.12 -33.06 -16.53
N VAL C 54 6.96 -33.62 -17.73
CA VAL C 54 6.94 -35.07 -17.90
C VAL C 54 8.10 -35.58 -18.71
N GLY C 55 9.07 -34.72 -19.00
CA GLY C 55 10.21 -35.16 -19.77
C GLY C 55 10.90 -36.32 -19.07
N HIS C 56 10.95 -36.24 -17.75
CA HIS C 56 11.59 -37.26 -16.91
C HIS C 56 10.79 -38.57 -16.81
N ILE C 57 9.82 -38.74 -17.70
CA ILE C 57 8.99 -39.94 -17.69
C ILE C 57 9.01 -40.64 -19.04
N SER C 58 8.57 -39.94 -20.07
CA SER C 58 8.52 -40.52 -21.40
C SER C 58 9.66 -40.05 -22.30
N GLY C 59 10.51 -39.18 -21.77
CA GLY C 59 11.62 -38.67 -22.57
C GLY C 59 11.22 -37.38 -23.27
N GLY C 60 9.93 -37.06 -23.21
CA GLY C 60 9.43 -35.84 -23.81
C GLY C 60 9.66 -35.64 -25.29
N HIS C 61 8.95 -36.41 -26.10
CA HIS C 61 9.01 -36.35 -27.56
C HIS C 61 7.85 -35.45 -28.03
N PHE C 62 6.62 -35.93 -27.85
CA PHE C 62 5.39 -35.21 -28.21
C PHE C 62 5.24 -35.05 -29.72
N ASN C 63 6.21 -35.59 -30.46
CA ASN C 63 6.26 -35.48 -31.90
C ASN C 63 6.70 -36.83 -32.47
N PRO C 64 5.89 -37.44 -33.34
CA PRO C 64 6.23 -38.73 -33.93
C PRO C 64 7.53 -38.67 -34.71
N ALA C 65 7.87 -37.49 -35.19
CA ALA C 65 9.09 -37.31 -35.96
C ALA C 65 10.28 -37.28 -35.02
N VAL C 66 10.04 -36.84 -33.80
CA VAL C 66 11.10 -36.77 -32.81
C VAL C 66 11.43 -38.19 -32.33
N THR C 67 10.39 -38.97 -32.03
CA THR C 67 10.58 -40.34 -31.57
C THR C 67 11.37 -41.16 -32.60
N ILE C 68 10.82 -41.23 -33.81
CA ILE C 68 11.44 -41.95 -34.92
C ILE C 68 12.81 -41.34 -35.22
N GLY C 69 12.96 -40.04 -34.95
CA GLY C 69 14.23 -39.40 -35.21
C GLY C 69 15.27 -39.91 -34.23
N LEU C 70 14.84 -40.16 -32.99
CA LEU C 70 15.72 -40.67 -31.95
C LEU C 70 16.07 -42.12 -32.29
N TRP C 71 15.06 -42.93 -32.60
CA TRP C 71 15.32 -44.32 -32.98
C TRP C 71 16.42 -44.34 -34.04
N ALA C 72 16.22 -43.59 -35.11
CA ALA C 72 17.18 -43.53 -36.20
C ALA C 72 18.59 -43.21 -35.71
N GLY C 73 18.71 -42.14 -34.92
CA GLY C 73 19.99 -41.73 -34.38
C GLY C 73 20.52 -42.76 -33.39
N GLY C 74 19.63 -43.61 -32.92
CA GLY C 74 20.01 -44.67 -32.00
C GLY C 74 19.89 -44.34 -30.53
N ARG C 75 18.77 -43.77 -30.11
CA ARG C 75 18.62 -43.45 -28.71
C ARG C 75 17.31 -43.92 -28.11
N PHE C 76 16.34 -44.20 -28.96
CA PHE C 76 15.07 -44.67 -28.47
C PHE C 76 14.87 -46.11 -28.95
N PRO C 77 14.32 -46.98 -28.09
CA PRO C 77 14.04 -48.39 -28.34
C PRO C 77 12.99 -48.62 -29.40
N ALA C 78 13.41 -49.15 -30.54
CA ALA C 78 12.50 -49.41 -31.64
C ALA C 78 11.25 -50.10 -31.15
N LYS C 79 11.42 -50.91 -30.10
CA LYS C 79 10.31 -51.64 -29.53
C LYS C 79 9.29 -50.74 -28.85
N GLU C 80 9.47 -49.43 -28.89
CA GLU C 80 8.51 -48.56 -28.25
C GLU C 80 7.93 -47.53 -29.19
N VAL C 81 8.64 -47.31 -30.30
CA VAL C 81 8.21 -46.32 -31.26
C VAL C 81 6.70 -46.24 -31.51
N VAL C 82 6.10 -47.25 -32.14
CA VAL C 82 4.66 -47.19 -32.41
C VAL C 82 3.77 -46.87 -31.21
N GLY C 83 4.17 -47.30 -30.02
CA GLY C 83 3.38 -47.03 -28.83
C GLY C 83 3.27 -45.53 -28.58
N TYR C 84 4.41 -44.86 -28.67
CA TYR C 84 4.51 -43.42 -28.48
C TYR C 84 3.69 -42.72 -29.55
N VAL C 85 3.99 -43.03 -30.81
CA VAL C 85 3.31 -42.45 -31.96
C VAL C 85 1.78 -42.49 -31.84
N ILE C 86 1.23 -43.60 -31.35
CA ILE C 86 -0.20 -43.69 -31.18
C ILE C 86 -0.59 -42.68 -30.13
N ALA C 87 -0.08 -42.89 -28.92
CA ALA C 87 -0.37 -42.00 -27.82
C ALA C 87 -0.39 -40.55 -28.29
N GLN C 88 0.66 -40.14 -29.01
CA GLN C 88 0.79 -38.76 -29.51
C GLN C 88 -0.35 -38.31 -30.44
N VAL C 89 -0.58 -39.07 -31.50
CA VAL C 89 -1.64 -38.76 -32.44
C VAL C 89 -2.98 -38.67 -31.72
N VAL C 90 -3.20 -39.57 -30.77
CA VAL C 90 -4.46 -39.57 -30.03
C VAL C 90 -4.53 -38.29 -29.25
N GLY C 91 -3.44 -37.99 -28.56
CA GLY C 91 -3.37 -36.78 -27.76
C GLY C 91 -3.69 -35.57 -28.59
N GLY C 92 -2.92 -35.36 -29.65
CA GLY C 92 -3.15 -34.20 -30.51
C GLY C 92 -4.58 -34.02 -30.98
N ILE C 93 -5.24 -35.13 -31.30
CA ILE C 93 -6.62 -35.09 -31.79
C ILE C 93 -7.61 -34.69 -30.73
N VAL C 94 -7.37 -35.16 -29.51
CA VAL C 94 -8.23 -34.81 -28.40
C VAL C 94 -8.16 -33.29 -28.23
N ALA C 95 -6.96 -32.76 -28.46
CA ALA C 95 -6.69 -31.33 -28.36
C ALA C 95 -7.49 -30.61 -29.45
N ALA C 96 -7.28 -31.04 -30.69
CA ALA C 96 -7.98 -30.46 -31.84
C ALA C 96 -9.48 -30.49 -31.59
N ALA C 97 -9.94 -31.54 -30.92
CA ALA C 97 -11.36 -31.66 -30.59
C ALA C 97 -11.81 -30.51 -29.70
N LEU C 98 -11.18 -30.40 -28.52
CA LEU C 98 -11.50 -29.36 -27.58
C LEU C 98 -11.28 -27.97 -28.17
N LEU C 99 -10.15 -27.78 -28.85
CA LEU C 99 -9.87 -26.49 -29.48
C LEU C 99 -11.02 -26.19 -30.42
N TYR C 100 -11.40 -27.16 -31.24
CA TYR C 100 -12.50 -27.00 -32.19
C TYR C 100 -13.75 -26.49 -31.50
N LEU C 101 -14.15 -27.17 -30.44
CA LEU C 101 -15.33 -26.80 -29.66
C LEU C 101 -15.22 -25.37 -29.14
N ILE C 102 -14.07 -25.08 -28.53
CA ILE C 102 -13.80 -23.75 -27.96
C ILE C 102 -13.86 -22.64 -29.01
N ALA C 103 -13.23 -22.86 -30.15
CA ALA C 103 -13.21 -21.86 -31.22
C ALA C 103 -14.59 -21.57 -31.77
N SER C 104 -15.52 -22.49 -31.54
CA SER C 104 -16.88 -22.33 -32.04
C SER C 104 -17.75 -21.44 -31.16
N GLY C 105 -17.25 -21.08 -29.99
CA GLY C 105 -18.02 -20.21 -29.12
C GLY C 105 -18.10 -18.78 -29.65
N LYS C 106 -17.15 -18.41 -30.50
CA LYS C 106 -17.11 -17.07 -31.11
C LYS C 106 -17.86 -17.09 -32.43
N THR C 107 -18.95 -16.34 -32.50
CA THR C 107 -19.76 -16.26 -33.71
C THR C 107 -18.95 -15.95 -34.98
N GLY C 108 -19.21 -16.67 -36.07
CA GLY C 108 -18.50 -16.41 -37.31
C GLY C 108 -17.27 -17.25 -37.59
N PHE C 109 -17.03 -18.23 -36.72
CA PHE C 109 -15.89 -19.14 -36.84
C PHE C 109 -16.20 -20.24 -37.85
N ASP C 110 -15.19 -20.62 -38.63
CA ASP C 110 -15.39 -21.69 -39.61
C ASP C 110 -14.07 -22.42 -39.78
N ALA C 111 -14.04 -23.64 -39.23
CA ALA C 111 -12.87 -24.50 -39.26
C ALA C 111 -12.24 -24.69 -40.64
N ALA C 112 -13.06 -25.15 -41.58
CA ALA C 112 -12.62 -25.40 -42.94
C ALA C 112 -12.16 -24.11 -43.61
N ALA C 113 -13.03 -23.12 -43.67
CA ALA C 113 -12.70 -21.85 -44.30
C ALA C 113 -11.40 -21.30 -43.78
N SER C 114 -11.38 -21.05 -42.47
CA SER C 114 -10.22 -20.50 -41.79
C SER C 114 -8.97 -21.34 -41.92
N GLY C 115 -9.13 -22.66 -41.91
CA GLY C 115 -7.97 -23.54 -42.03
C GLY C 115 -7.61 -24.24 -40.74
N PHE C 116 -8.31 -23.87 -39.67
CA PHE C 116 -8.09 -24.45 -38.35
C PHE C 116 -6.62 -24.71 -38.06
N ALA C 117 -5.76 -23.81 -38.55
CA ALA C 117 -4.32 -23.91 -38.35
C ALA C 117 -3.70 -25.19 -38.88
N SER C 118 -4.10 -25.61 -40.06
CA SER C 118 -3.59 -26.84 -40.69
C SER C 118 -2.33 -26.51 -41.49
N ASN C 119 -1.57 -27.51 -41.92
CA ASN C 119 -0.38 -27.24 -42.71
C ASN C 119 -0.66 -27.50 -44.17
N GLY C 120 -0.05 -26.71 -45.05
CA GLY C 120 -0.26 -26.87 -46.47
C GLY C 120 0.90 -26.33 -47.28
N TYR C 121 0.69 -26.16 -48.57
CA TYR C 121 1.74 -25.64 -49.45
C TYR C 121 1.17 -25.21 -50.79
N GLY C 122 1.48 -23.98 -51.20
CA GLY C 122 0.97 -23.45 -52.46
C GLY C 122 -0.55 -23.41 -52.44
N GLU C 123 -1.15 -22.26 -52.70
CA GLU C 123 -2.60 -22.18 -52.66
C GLU C 123 -3.09 -22.56 -51.28
N HIS C 124 -2.23 -23.18 -50.49
CA HIS C 124 -2.55 -23.59 -49.11
C HIS C 124 -1.41 -23.22 -48.18
N SER C 125 -0.40 -22.57 -48.77
CA SER C 125 0.76 -22.08 -48.04
C SER C 125 0.38 -20.66 -47.65
N PRO C 126 0.47 -20.32 -46.35
CA PRO C 126 0.12 -18.98 -45.88
C PRO C 126 0.72 -17.87 -46.75
N GLY C 127 1.95 -18.07 -47.20
CA GLY C 127 2.59 -17.09 -48.04
C GLY C 127 2.53 -17.50 -49.50
N GLY C 128 1.85 -18.62 -49.77
CA GLY C 128 1.71 -19.12 -51.14
C GLY C 128 3.04 -19.54 -51.74
N TYR C 129 3.70 -20.49 -51.09
CA TYR C 129 4.99 -20.97 -51.56
C TYR C 129 4.86 -22.26 -52.35
N SER C 130 5.86 -22.54 -53.17
CA SER C 130 5.87 -23.75 -53.98
C SER C 130 5.89 -24.96 -53.06
N MET C 131 5.65 -26.15 -53.60
CA MET C 131 5.69 -27.34 -52.78
C MET C 131 7.17 -27.65 -52.58
N LEU C 132 7.97 -27.32 -53.59
CA LEU C 132 9.40 -27.52 -53.53
C LEU C 132 9.93 -26.76 -52.33
N SER C 133 9.37 -25.59 -52.09
CA SER C 133 9.79 -24.79 -50.96
C SER C 133 9.33 -25.45 -49.69
N ALA C 134 8.06 -25.82 -49.63
CA ALA C 134 7.50 -26.50 -48.46
C ALA C 134 8.36 -27.72 -48.14
N LEU C 135 8.76 -28.44 -49.18
CA LEU C 135 9.59 -29.63 -49.02
C LEU C 135 10.95 -29.28 -48.40
N VAL C 136 11.69 -28.38 -49.03
CA VAL C 136 13.02 -28.02 -48.52
C VAL C 136 12.98 -27.50 -47.08
N VAL C 137 12.08 -26.56 -46.78
CA VAL C 137 12.01 -26.00 -45.43
C VAL C 137 11.75 -27.08 -44.41
N GLU C 138 10.56 -27.67 -44.47
CA GLU C 138 10.19 -28.73 -43.54
C GLU C 138 11.33 -29.73 -43.37
N LEU C 139 11.96 -30.11 -44.48
CA LEU C 139 13.06 -31.07 -44.39
C LEU C 139 14.21 -30.54 -43.53
N VAL C 140 14.81 -29.40 -43.93
CA VAL C 140 15.93 -28.82 -43.18
C VAL C 140 15.59 -28.63 -41.70
N LEU C 141 14.49 -27.94 -41.42
CA LEU C 141 14.12 -27.70 -40.05
C LEU C 141 13.94 -29.00 -39.30
N SER C 142 13.21 -29.94 -39.89
CA SER C 142 13.01 -31.22 -39.22
C SER C 142 14.36 -31.83 -38.83
N ALA C 143 15.29 -31.88 -39.79
CA ALA C 143 16.60 -32.43 -39.52
C ALA C 143 17.21 -31.66 -38.36
N GLY C 144 17.48 -30.37 -38.59
CA GLY C 144 18.07 -29.52 -37.58
C GLY C 144 17.45 -29.71 -36.20
N PHE C 145 16.14 -29.78 -36.17
CA PHE C 145 15.40 -29.95 -34.92
C PHE C 145 15.84 -31.23 -34.20
N LEU C 146 16.01 -32.31 -34.97
CA LEU C 146 16.42 -33.58 -34.39
C LEU C 146 17.88 -33.55 -33.99
N LEU C 147 18.70 -32.87 -34.77
CA LEU C 147 20.11 -32.76 -34.45
C LEU C 147 20.21 -32.00 -33.12
N VAL C 148 19.46 -30.91 -33.01
CA VAL C 148 19.47 -30.11 -31.80
C VAL C 148 19.05 -30.95 -30.61
N ILE C 149 18.13 -31.88 -30.84
CA ILE C 149 17.64 -32.78 -29.80
C ILE C 149 18.73 -33.74 -29.37
N HIS C 150 19.41 -34.33 -30.36
CA HIS C 150 20.50 -35.27 -30.08
C HIS C 150 21.66 -34.58 -29.37
N GLY C 151 22.08 -33.44 -29.92
CA GLY C 151 23.17 -32.69 -29.33
C GLY C 151 22.87 -32.20 -27.92
N ALA C 152 21.63 -31.79 -27.71
CA ALA C 152 21.20 -31.29 -26.41
C ALA C 152 21.02 -32.43 -25.40
N THR C 153 20.84 -33.65 -25.91
CA THR C 153 20.71 -34.80 -25.01
C THR C 153 21.99 -35.62 -24.91
N ASP C 154 23.06 -35.16 -25.55
CA ASP C 154 24.32 -35.89 -25.47
C ASP C 154 24.79 -35.85 -24.02
N LYS C 155 25.26 -36.97 -23.51
CA LYS C 155 25.73 -37.03 -22.13
C LYS C 155 26.71 -35.91 -21.80
N PHE C 156 27.26 -35.27 -22.83
CA PHE C 156 28.23 -34.19 -22.62
C PHE C 156 27.64 -32.76 -22.67
N ALA C 157 26.34 -32.65 -22.92
CA ALA C 157 25.70 -31.34 -22.96
C ALA C 157 25.24 -30.92 -21.57
N PRO C 158 25.07 -29.60 -21.34
CA PRO C 158 24.62 -29.08 -20.05
C PRO C 158 23.38 -29.81 -19.54
N ALA C 159 23.51 -30.45 -18.39
CA ALA C 159 22.41 -31.22 -17.82
C ALA C 159 21.18 -30.45 -17.38
N GLY C 160 20.02 -30.91 -17.85
CA GLY C 160 18.75 -30.30 -17.50
C GLY C 160 18.29 -29.20 -18.43
N PHE C 161 19.22 -28.64 -19.19
CA PHE C 161 18.91 -27.56 -20.09
C PHE C 161 18.12 -28.00 -21.32
N ALA C 162 18.30 -29.26 -21.71
CA ALA C 162 17.63 -29.81 -22.88
C ALA C 162 16.26 -29.20 -23.18
N PRO C 163 15.31 -29.28 -22.24
CA PRO C 163 13.97 -28.72 -22.48
C PRO C 163 13.99 -27.28 -22.94
N ILE C 164 14.88 -26.46 -22.39
CA ILE C 164 14.95 -25.07 -22.81
C ILE C 164 15.42 -25.03 -24.26
N ALA C 165 16.42 -25.84 -24.59
CA ALA C 165 16.92 -25.86 -25.94
C ALA C 165 15.89 -26.37 -26.93
N ILE C 166 15.41 -27.58 -26.72
CA ILE C 166 14.46 -28.16 -27.65
C ILE C 166 13.20 -27.34 -27.87
N GLY C 167 12.68 -26.72 -26.82
CA GLY C 167 11.50 -25.91 -26.97
C GLY C 167 11.76 -24.65 -27.80
N LEU C 168 12.86 -23.96 -27.50
CA LEU C 168 13.23 -22.74 -28.21
C LEU C 168 13.65 -23.04 -29.64
N ALA C 169 13.98 -24.30 -29.89
CA ALA C 169 14.37 -24.76 -31.23
C ALA C 169 13.07 -24.75 -32.06
N LEU C 170 11.99 -25.22 -31.45
CA LEU C 170 10.69 -25.27 -32.10
C LEU C 170 10.10 -23.87 -32.28
N THR C 171 10.51 -22.94 -31.43
CA THR C 171 10.03 -21.56 -31.56
C THR C 171 10.83 -20.99 -32.72
N LEU C 172 12.13 -21.30 -32.77
CA LEU C 172 12.99 -20.82 -33.85
C LEU C 172 12.47 -21.30 -35.18
N ILE C 173 12.07 -22.56 -35.20
CA ILE C 173 11.55 -23.18 -36.41
C ILE C 173 10.26 -22.47 -36.85
N HIS C 174 9.35 -22.21 -35.91
CA HIS C 174 8.11 -21.52 -36.27
C HIS C 174 8.34 -20.07 -36.71
N LEU C 175 9.44 -19.46 -36.28
CA LEU C 175 9.73 -18.09 -36.68
C LEU C 175 10.27 -18.06 -38.11
N ILE C 176 10.79 -19.20 -38.54
CA ILE C 176 11.35 -19.31 -39.87
C ILE C 176 10.41 -19.90 -40.96
N SER C 177 9.44 -20.69 -40.55
CA SER C 177 8.65 -21.33 -41.60
C SER C 177 7.12 -21.33 -41.36
N ILE C 178 6.54 -20.21 -40.94
CA ILE C 178 5.13 -20.27 -40.80
C ILE C 178 4.57 -19.77 -42.13
N PRO C 179 5.24 -18.78 -42.74
CA PRO C 179 4.81 -18.24 -44.03
C PRO C 179 4.82 -19.27 -45.13
N VAL C 180 5.74 -20.23 -44.99
CA VAL C 180 5.90 -21.29 -45.98
C VAL C 180 4.83 -22.37 -45.85
N THR C 181 4.97 -23.23 -44.85
CA THR C 181 4.04 -24.33 -44.67
C THR C 181 3.16 -24.20 -43.44
N ASN C 182 3.37 -23.12 -42.69
CA ASN C 182 2.64 -22.85 -41.46
C ASN C 182 3.32 -23.71 -40.40
N THR C 183 4.46 -24.24 -40.81
CA THR C 183 5.30 -25.05 -39.95
C THR C 183 4.64 -26.23 -39.25
N SER C 184 5.04 -27.41 -39.69
CA SER C 184 4.58 -28.69 -39.18
C SER C 184 5.72 -29.30 -38.39
N VAL C 185 6.59 -30.06 -39.06
CA VAL C 185 7.71 -30.72 -38.41
C VAL C 185 7.16 -31.58 -37.25
N ASN C 186 5.89 -31.95 -37.39
CA ASN C 186 5.19 -32.77 -36.42
C ASN C 186 3.93 -33.41 -37.02
N PRO C 187 4.01 -34.70 -37.37
CA PRO C 187 2.93 -35.48 -37.96
C PRO C 187 1.64 -35.52 -37.15
N ALA C 188 1.78 -35.67 -35.83
CA ALA C 188 0.63 -35.73 -34.94
C ALA C 188 -0.09 -34.38 -34.84
N ARG C 189 0.71 -33.30 -34.91
CA ARG C 189 0.15 -31.95 -34.86
C ARG C 189 -0.62 -31.71 -36.14
N SER C 190 0.01 -31.96 -37.25
CA SER C 190 -0.58 -31.76 -38.57
C SER C 190 -1.89 -32.53 -38.72
N THR C 191 -1.90 -33.75 -38.21
CA THR C 191 -3.08 -34.61 -38.29
C THR C 191 -4.31 -34.06 -37.56
N ALA C 192 -4.12 -33.75 -36.28
CA ALA C 192 -5.16 -33.24 -35.39
C ALA C 192 -6.07 -32.16 -35.97
N VAL C 193 -5.48 -31.05 -36.36
CA VAL C 193 -6.22 -29.94 -36.94
C VAL C 193 -6.71 -30.25 -38.34
N ALA C 194 -5.91 -30.99 -39.09
CA ALA C 194 -6.30 -31.35 -40.43
C ALA C 194 -7.64 -32.04 -40.39
N ILE C 195 -7.76 -33.04 -39.53
CA ILE C 195 -9.02 -33.77 -39.40
C ILE C 195 -10.23 -32.86 -39.30
N PHE C 196 -10.08 -31.76 -38.57
CA PHE C 196 -11.19 -30.83 -38.41
C PHE C 196 -11.41 -29.88 -39.59
N GLN C 197 -10.36 -29.84 -40.38
CA GLN C 197 -10.53 -29.11 -41.63
C GLN C 197 -11.18 -30.04 -42.65
N GLY C 198 -11.02 -31.33 -42.47
CA GLY C 198 -11.56 -32.25 -43.44
C GLY C 198 -10.97 -32.08 -44.82
N GLY C 199 -11.29 -30.99 -45.48
CA GLY C 199 -10.89 -30.79 -46.87
C GLY C 199 -9.37 -30.86 -47.08
N TRP C 200 -8.90 -30.02 -47.99
CA TRP C 200 -7.50 -30.01 -48.38
C TRP C 200 -6.46 -30.32 -47.33
N ALA C 201 -6.79 -30.00 -46.07
CA ALA C 201 -5.87 -30.26 -44.97
C ALA C 201 -5.50 -31.74 -44.91
N LEU C 202 -6.46 -32.61 -45.20
CA LEU C 202 -6.22 -34.04 -45.19
C LEU C 202 -5.65 -34.39 -46.55
N GLU C 203 -6.01 -33.59 -47.54
CA GLU C 203 -5.55 -33.83 -48.90
C GLU C 203 -4.03 -33.73 -49.03
N GLN C 204 -3.39 -32.93 -48.17
CA GLN C 204 -1.94 -32.79 -48.23
C GLN C 204 -1.30 -33.34 -46.97
N LEU C 205 -2.15 -33.80 -46.04
CA LEU C 205 -1.68 -34.33 -44.77
C LEU C 205 -0.49 -35.28 -44.89
N TRP C 206 -0.53 -36.18 -45.87
CA TRP C 206 0.57 -37.12 -46.08
C TRP C 206 1.91 -36.39 -46.15
N PHE C 207 1.94 -35.30 -46.89
CA PHE C 207 3.16 -34.53 -47.05
C PHE C 207 3.85 -34.27 -45.71
N PHE C 208 3.01 -33.79 -44.79
CA PHE C 208 3.53 -33.58 -43.43
C PHE C 208 3.47 -34.79 -42.46
N TRP C 209 4.05 -35.86 -42.99
CA TRP C 209 4.07 -37.13 -42.26
C TRP C 209 5.16 -37.95 -42.94
N VAL C 210 5.41 -37.64 -44.20
CA VAL C 210 6.54 -38.25 -44.86
C VAL C 210 7.73 -37.31 -44.73
N VAL C 211 7.67 -36.12 -45.33
CA VAL C 211 8.79 -35.17 -45.28
C VAL C 211 9.37 -34.98 -43.88
N PRO C 212 8.51 -34.75 -42.86
CA PRO C 212 8.94 -34.54 -41.47
C PRO C 212 9.72 -35.70 -40.84
N ILE C 213 9.22 -36.92 -40.99
CA ILE C 213 9.89 -38.09 -40.43
C ILE C 213 11.17 -38.38 -41.20
N VAL C 214 11.19 -38.04 -42.48
CA VAL C 214 12.40 -38.27 -43.26
C VAL C 214 13.50 -37.37 -42.73
N GLY C 215 13.19 -36.09 -42.62
CA GLY C 215 14.17 -35.14 -42.12
C GLY C 215 14.64 -35.45 -40.71
N GLY C 216 13.72 -35.90 -39.87
CA GLY C 216 14.06 -36.24 -38.49
C GLY C 216 15.09 -37.34 -38.47
N ILE C 217 14.95 -38.31 -39.38
CA ILE C 217 15.85 -39.44 -39.49
C ILE C 217 17.19 -39.01 -40.07
N ILE C 218 17.14 -38.10 -41.04
CA ILE C 218 18.37 -37.59 -41.65
C ILE C 218 19.12 -36.87 -40.56
N GLY C 219 18.40 -36.08 -39.77
CA GLY C 219 19.02 -35.33 -38.70
C GLY C 219 19.57 -36.24 -37.62
N GLY C 220 18.80 -37.25 -37.28
CA GLY C 220 19.24 -38.19 -36.27
C GLY C 220 20.53 -38.82 -36.75
N LEU C 221 20.54 -39.35 -37.96
CA LEU C 221 21.72 -40.01 -38.50
C LEU C 221 22.87 -39.05 -38.66
N ILE C 222 22.56 -37.80 -38.98
CA ILE C 222 23.60 -36.81 -39.14
C ILE C 222 24.46 -36.75 -37.88
N TYR C 223 23.81 -36.77 -36.73
CA TYR C 223 24.49 -36.68 -35.45
C TYR C 223 25.09 -38.01 -34.97
N ARG C 224 24.34 -39.09 -35.15
CA ARG C 224 24.77 -40.42 -34.77
C ARG C 224 26.06 -40.72 -35.52
N THR C 225 26.12 -40.29 -36.78
CA THR C 225 27.26 -40.54 -37.63
C THR C 225 28.45 -39.58 -37.55
N LEU C 226 28.15 -38.29 -37.70
CA LEU C 226 29.17 -37.25 -37.71
C LEU C 226 29.34 -36.48 -36.39
N LEU C 227 28.24 -36.23 -35.70
CA LEU C 227 28.20 -35.49 -34.43
C LEU C 227 28.11 -33.96 -34.54
N MET D 1 39.89 -33.49 -35.38
CA MET D 1 39.29 -32.17 -35.27
C MET D 1 38.15 -32.11 -36.26
N PHE D 2 37.76 -33.25 -36.82
CA PHE D 2 36.67 -33.26 -37.77
C PHE D 2 35.39 -32.93 -37.02
N ARG D 3 35.07 -33.75 -36.02
CA ARG D 3 33.86 -33.51 -35.23
C ARG D 3 33.73 -32.02 -34.96
N LYS D 4 34.82 -31.38 -34.52
CA LYS D 4 34.77 -29.95 -34.24
C LYS D 4 34.32 -29.15 -35.45
N LEU D 5 35.00 -29.31 -36.58
CA LEU D 5 34.64 -28.56 -37.76
C LEU D 5 33.23 -28.89 -38.21
N ALA D 6 32.82 -30.14 -38.07
CA ALA D 6 31.47 -30.53 -38.47
C ALA D 6 30.49 -29.67 -37.70
N ALA D 7 30.63 -29.68 -36.38
CA ALA D 7 29.78 -28.89 -35.51
C ALA D 7 29.81 -27.43 -35.93
N GLU D 8 31.03 -26.90 -36.02
CA GLU D 8 31.21 -25.51 -36.40
C GLU D 8 30.58 -25.18 -37.75
N CYS D 9 30.34 -26.21 -38.55
CA CYS D 9 29.73 -26.01 -39.86
C CYS D 9 28.21 -26.03 -39.73
N PHE D 10 27.66 -27.14 -39.22
CA PHE D 10 26.22 -27.23 -39.05
C PHE D 10 25.69 -26.05 -38.27
N GLY D 11 26.39 -25.67 -37.20
CA GLY D 11 25.95 -24.53 -36.40
C GLY D 11 25.76 -23.28 -37.22
N THR D 12 26.83 -22.83 -37.87
CA THR D 12 26.79 -21.63 -38.70
C THR D 12 25.63 -21.71 -39.67
N PHE D 13 25.42 -22.89 -40.24
CA PHE D 13 24.32 -23.11 -41.17
C PHE D 13 23.02 -22.75 -40.43
N TRP D 14 22.77 -23.40 -39.30
CA TRP D 14 21.58 -23.14 -38.49
C TRP D 14 21.44 -21.65 -38.17
N LEU D 15 22.58 -20.99 -38.01
CA LEU D 15 22.59 -19.56 -37.71
C LEU D 15 22.07 -18.81 -38.93
N VAL D 16 22.80 -18.88 -40.05
CA VAL D 16 22.42 -18.19 -41.27
C VAL D 16 21.06 -18.63 -41.79
N PHE D 17 20.71 -19.89 -41.56
CA PHE D 17 19.44 -20.38 -42.05
C PHE D 17 18.27 -19.88 -41.20
N GLY D 18 18.45 -19.92 -39.89
CA GLY D 18 17.39 -19.48 -38.99
C GLY D 18 17.24 -17.97 -38.88
N GLY D 19 18.37 -17.26 -38.92
CA GLY D 19 18.33 -15.82 -38.82
C GLY D 19 17.87 -15.17 -40.12
N CYS D 20 18.73 -15.23 -41.13
CA CYS D 20 18.40 -14.67 -42.43
C CYS D 20 17.14 -15.33 -42.95
N GLY D 21 16.96 -16.60 -42.60
CA GLY D 21 15.78 -17.28 -43.04
C GLY D 21 14.57 -16.55 -42.52
N SER D 22 14.51 -16.34 -41.21
CA SER D 22 13.39 -15.64 -40.59
C SER D 22 13.21 -14.23 -41.16
N ALA D 23 14.33 -13.58 -41.45
CA ALA D 23 14.32 -12.24 -42.02
C ALA D 23 13.57 -12.25 -43.35
N VAL D 24 14.13 -12.92 -44.35
CA VAL D 24 13.54 -12.97 -45.68
C VAL D 24 12.12 -13.52 -45.80
N LEU D 25 11.85 -14.63 -45.13
CA LEU D 25 10.55 -15.30 -45.20
C LEU D 25 9.43 -14.69 -44.33
N ALA D 26 9.66 -14.55 -43.04
CA ALA D 26 8.69 -13.95 -42.11
C ALA D 26 8.88 -12.42 -42.00
N ALA D 27 9.79 -11.94 -41.11
CA ALA D 27 9.94 -10.54 -40.88
C ALA D 27 8.79 -9.60 -41.20
N GLY D 28 8.65 -9.26 -42.48
CA GLY D 28 7.59 -8.37 -42.88
C GLY D 28 6.41 -9.03 -43.57
N PHE D 29 6.01 -10.20 -43.09
CA PHE D 29 4.87 -10.89 -43.69
C PHE D 29 3.64 -9.98 -43.58
N PRO D 30 2.81 -9.96 -44.64
CA PRO D 30 1.58 -9.17 -44.75
C PRO D 30 1.07 -8.56 -43.46
N GLU D 31 0.58 -9.39 -42.54
CA GLU D 31 0.07 -8.80 -41.32
C GLU D 31 0.32 -9.60 -40.04
N LEU D 32 1.28 -10.52 -40.08
CA LEU D 32 1.58 -11.34 -38.91
C LEU D 32 3.10 -11.45 -38.79
N GLY D 33 3.80 -10.70 -39.62
CA GLY D 33 5.25 -10.70 -39.63
C GLY D 33 5.90 -10.73 -38.26
N ILE D 34 7.05 -11.37 -38.16
CA ILE D 34 7.72 -11.43 -36.88
C ILE D 34 8.43 -10.09 -36.63
N GLY D 35 8.53 -9.27 -37.67
CA GLY D 35 9.16 -7.97 -37.55
C GLY D 35 10.62 -8.00 -37.16
N PHE D 36 11.22 -6.84 -36.93
CA PHE D 36 12.64 -6.78 -36.57
C PHE D 36 12.95 -7.55 -35.31
N ALA D 37 12.05 -7.44 -34.35
CA ALA D 37 12.25 -8.13 -33.08
C ALA D 37 12.16 -9.63 -33.26
N GLY D 38 11.27 -10.08 -34.15
CA GLY D 38 11.11 -11.50 -34.38
C GLY D 38 12.42 -12.08 -34.89
N VAL D 39 12.98 -11.42 -35.90
CA VAL D 39 14.25 -11.81 -36.46
C VAL D 39 15.26 -11.91 -35.31
N ALA D 40 15.44 -10.78 -34.62
CA ALA D 40 16.35 -10.66 -33.50
C ALA D 40 16.27 -11.86 -32.57
N LEU D 41 15.05 -12.29 -32.23
CA LEU D 41 14.92 -13.44 -31.36
C LEU D 41 15.49 -14.63 -32.08
N ALA D 42 14.97 -14.86 -33.29
CA ALA D 42 15.39 -15.98 -34.14
C ALA D 42 16.90 -16.11 -34.17
N PHE D 43 17.58 -15.08 -34.65
CA PHE D 43 19.05 -15.08 -34.72
C PHE D 43 19.65 -15.63 -33.44
N GLY D 44 19.35 -14.98 -32.32
CA GLY D 44 19.89 -15.46 -31.06
C GLY D 44 19.52 -16.90 -30.79
N LEU D 45 18.23 -17.20 -30.92
CA LEU D 45 17.74 -18.56 -30.69
C LEU D 45 18.53 -19.61 -31.46
N THR D 46 19.15 -19.25 -32.58
CA THR D 46 19.92 -20.23 -33.33
C THR D 46 21.17 -20.54 -32.50
N VAL D 47 21.89 -19.49 -32.08
CA VAL D 47 23.08 -19.67 -31.27
C VAL D 47 22.77 -20.32 -29.93
N LEU D 48 21.67 -19.92 -29.30
CA LEU D 48 21.33 -20.53 -28.03
C LEU D 48 21.12 -22.03 -28.21
N THR D 49 20.39 -22.42 -29.26
CA THR D 49 20.13 -23.83 -29.53
C THR D 49 21.33 -24.63 -30.01
N MET D 50 22.17 -24.05 -30.86
CA MET D 50 23.31 -24.84 -31.30
C MET D 50 24.39 -24.94 -30.24
N ALA D 51 24.53 -23.92 -29.42
CA ALA D 51 25.54 -23.97 -28.37
C ALA D 51 25.26 -25.22 -27.52
N PHE D 52 24.01 -25.43 -27.13
CA PHE D 52 23.64 -26.59 -26.31
C PHE D 52 23.89 -27.90 -27.06
N ALA D 53 23.47 -27.93 -28.32
CA ALA D 53 23.58 -29.10 -29.19
C ALA D 53 25.00 -29.59 -29.45
N VAL D 54 25.82 -28.74 -30.04
CA VAL D 54 27.19 -29.12 -30.36
C VAL D 54 28.26 -28.29 -29.66
N GLY D 55 27.85 -27.36 -28.81
CA GLY D 55 28.81 -26.52 -28.11
C GLY D 55 29.83 -27.40 -27.43
N HIS D 56 29.31 -28.48 -26.85
CA HIS D 56 30.11 -29.48 -26.14
C HIS D 56 30.98 -30.25 -27.13
N ILE D 57 31.21 -29.68 -28.30
CA ILE D 57 32.00 -30.35 -29.31
C ILE D 57 33.01 -29.43 -29.96
N SER D 58 32.57 -28.23 -30.32
CA SER D 58 33.45 -27.31 -31.00
C SER D 58 33.68 -26.03 -30.27
N GLY D 59 32.92 -25.80 -29.21
CA GLY D 59 33.08 -24.56 -28.47
C GLY D 59 32.02 -23.57 -28.94
N GLY D 60 31.15 -24.04 -29.82
CA GLY D 60 30.06 -23.23 -30.34
C GLY D 60 30.40 -21.83 -30.78
N HIS D 61 31.24 -21.70 -31.79
CA HIS D 61 31.55 -20.35 -32.26
C HIS D 61 30.50 -19.95 -33.29
N PHE D 62 30.55 -20.56 -34.47
CA PHE D 62 29.59 -20.25 -35.52
C PHE D 62 29.81 -18.84 -36.01
N ASN D 63 30.98 -18.28 -35.72
CA ASN D 63 31.24 -16.89 -36.08
C ASN D 63 32.75 -16.61 -36.17
N PRO D 64 33.24 -16.19 -37.35
CA PRO D 64 34.66 -15.89 -37.49
C PRO D 64 35.19 -14.94 -36.44
N ALA D 65 34.45 -13.87 -36.20
CA ALA D 65 34.88 -12.89 -35.21
C ALA D 65 34.81 -13.43 -33.77
N VAL D 66 34.08 -14.52 -33.55
CA VAL D 66 33.98 -15.12 -32.21
C VAL D 66 35.13 -16.10 -32.02
N THR D 67 35.73 -16.56 -33.11
CA THR D 67 36.85 -17.48 -33.01
C THR D 67 38.11 -16.63 -32.89
N ILE D 68 38.27 -15.69 -33.82
CA ILE D 68 39.42 -14.79 -33.78
C ILE D 68 39.43 -14.11 -32.42
N GLY D 69 38.24 -13.75 -31.95
CA GLY D 69 38.11 -13.10 -30.66
C GLY D 69 38.56 -13.98 -29.52
N LEU D 70 38.01 -15.19 -29.43
CA LEU D 70 38.38 -16.13 -28.38
C LEU D 70 39.88 -16.34 -28.39
N TRP D 71 40.45 -16.27 -29.59
CA TRP D 71 41.89 -16.43 -29.77
C TRP D 71 42.59 -15.23 -29.11
N ALA D 72 42.22 -14.02 -29.53
CA ALA D 72 42.81 -12.80 -28.97
C ALA D 72 42.61 -12.80 -27.47
N GLY D 73 41.47 -13.33 -27.01
CA GLY D 73 41.19 -13.39 -25.59
C GLY D 73 42.12 -14.38 -24.90
N GLY D 74 42.58 -15.34 -25.67
CA GLY D 74 43.48 -16.36 -25.16
C GLY D 74 42.71 -17.57 -24.67
N ARG D 75 41.64 -17.92 -25.37
CA ARG D 75 40.84 -19.06 -24.99
C ARG D 75 40.92 -20.09 -26.12
N PHE D 76 41.19 -19.61 -27.32
CA PHE D 76 41.26 -20.50 -28.46
C PHE D 76 42.67 -20.57 -29.07
N PRO D 77 43.13 -21.79 -29.38
CA PRO D 77 44.46 -22.00 -29.97
C PRO D 77 44.51 -21.40 -31.37
N ALA D 78 45.54 -20.61 -31.62
CA ALA D 78 45.71 -19.96 -32.91
C ALA D 78 45.71 -21.02 -34.00
N LYS D 79 46.17 -22.20 -33.63
CA LYS D 79 46.26 -23.33 -34.55
C LYS D 79 44.93 -23.62 -35.26
N GLU D 80 43.92 -23.99 -34.48
CA GLU D 80 42.60 -24.36 -34.99
C GLU D 80 41.75 -23.20 -35.53
N VAL D 81 42.33 -22.01 -35.62
CA VAL D 81 41.59 -20.84 -36.09
C VAL D 81 41.10 -20.87 -37.54
N VAL D 82 42.04 -20.74 -38.47
CA VAL D 82 41.68 -20.75 -39.89
C VAL D 82 40.74 -21.90 -40.27
N GLY D 83 40.92 -23.03 -39.60
CA GLY D 83 40.06 -24.17 -39.88
C GLY D 83 38.62 -23.88 -39.55
N TYR D 84 38.37 -23.42 -38.34
CA TYR D 84 37.03 -23.10 -37.95
C TYR D 84 36.40 -22.17 -38.98
N VAL D 85 36.94 -20.97 -39.11
CA VAL D 85 36.43 -19.96 -40.05
C VAL D 85 36.02 -20.52 -41.40
N ILE D 86 36.88 -21.34 -42.01
CA ILE D 86 36.55 -21.93 -43.30
C ILE D 86 35.20 -22.61 -43.14
N ALA D 87 35.14 -23.57 -42.23
CA ALA D 87 33.93 -24.33 -41.96
C ALA D 87 32.72 -23.44 -41.72
N GLN D 88 32.95 -22.36 -40.97
CA GLN D 88 31.90 -21.40 -40.62
C GLN D 88 31.33 -20.72 -41.84
N VAL D 89 32.23 -20.28 -42.71
CA VAL D 89 31.81 -19.61 -43.92
C VAL D 89 31.16 -20.62 -44.86
N VAL D 90 31.72 -21.82 -44.95
CA VAL D 90 31.14 -22.82 -45.83
C VAL D 90 29.69 -23.05 -45.43
N GLY D 91 29.49 -23.68 -44.28
CA GLY D 91 28.15 -23.98 -43.80
C GLY D 91 27.17 -22.83 -43.97
N GLY D 92 27.66 -21.61 -43.89
CA GLY D 92 26.77 -20.46 -44.03
C GLY D 92 26.22 -20.37 -45.45
N ILE D 93 27.14 -20.41 -46.40
CA ILE D 93 26.81 -20.32 -47.80
C ILE D 93 25.88 -21.45 -48.22
N VAL D 94 26.02 -22.61 -47.60
CA VAL D 94 25.14 -23.72 -47.97
C VAL D 94 23.73 -23.42 -47.47
N ALA D 95 23.64 -22.61 -46.42
CA ALA D 95 22.36 -22.23 -45.84
C ALA D 95 21.72 -21.16 -46.69
N ALA D 96 22.50 -20.13 -47.03
CA ALA D 96 22.01 -19.04 -47.84
C ALA D 96 21.51 -19.55 -49.19
N ALA D 97 22.11 -20.65 -49.63
CA ALA D 97 21.77 -21.28 -50.90
C ALA D 97 20.40 -21.94 -50.81
N LEU D 98 20.22 -22.74 -49.77
CA LEU D 98 18.97 -23.44 -49.56
C LEU D 98 17.88 -22.43 -49.32
N LEU D 99 18.21 -21.37 -48.57
CA LEU D 99 17.24 -20.33 -48.27
C LEU D 99 16.82 -19.67 -49.57
N TYR D 100 17.81 -19.27 -50.36
CA TYR D 100 17.58 -18.65 -51.65
C TYR D 100 16.52 -19.47 -52.40
N LEU D 101 16.79 -20.75 -52.56
CA LEU D 101 15.89 -21.69 -53.22
C LEU D 101 14.48 -21.65 -52.63
N ILE D 102 14.39 -21.59 -51.30
CA ILE D 102 13.10 -21.57 -50.63
C ILE D 102 12.38 -20.24 -50.88
N ALA D 103 13.15 -19.16 -50.80
CA ALA D 103 12.63 -17.81 -50.99
C ALA D 103 12.12 -17.58 -52.39
N SER D 104 12.70 -18.26 -53.36
CA SER D 104 12.31 -18.12 -54.75
C SER D 104 11.03 -18.87 -55.02
N GLY D 105 10.57 -19.61 -54.01
CA GLY D 105 9.36 -20.38 -54.14
C GLY D 105 8.12 -19.53 -54.13
N LYS D 106 8.21 -18.33 -53.55
CA LYS D 106 7.09 -17.43 -53.49
C LYS D 106 7.17 -16.45 -54.65
N THR D 107 6.05 -16.26 -55.33
CA THR D 107 6.01 -15.36 -56.46
C THR D 107 6.28 -13.91 -56.06
N GLY D 108 7.31 -13.31 -56.66
CA GLY D 108 7.64 -11.93 -56.36
C GLY D 108 9.05 -11.73 -55.81
N PHE D 109 9.61 -12.77 -55.24
CA PHE D 109 10.94 -12.72 -54.65
C PHE D 109 12.01 -12.21 -55.62
N ASP D 110 13.11 -11.72 -55.06
CA ASP D 110 14.26 -11.24 -55.84
C ASP D 110 15.40 -11.04 -54.85
N ALA D 111 16.44 -11.86 -54.96
CA ALA D 111 17.59 -11.79 -54.06
C ALA D 111 18.18 -10.40 -54.02
N ALA D 112 18.50 -9.83 -55.18
CA ALA D 112 19.03 -8.46 -55.21
C ALA D 112 17.79 -7.61 -54.94
N ALA D 113 17.93 -6.30 -55.00
CA ALA D 113 16.78 -5.41 -54.75
C ALA D 113 16.38 -5.55 -53.28
N SER D 114 15.61 -6.59 -52.97
CA SER D 114 15.16 -6.85 -51.59
C SER D 114 16.33 -6.79 -50.62
N GLY D 115 17.52 -7.17 -51.12
CA GLY D 115 18.72 -7.14 -50.30
C GLY D 115 19.10 -8.51 -49.79
N PHE D 116 18.13 -9.41 -49.78
CA PHE D 116 18.34 -10.77 -49.29
C PHE D 116 19.01 -10.80 -47.93
N ALA D 117 18.51 -9.99 -47.01
CA ALA D 117 19.03 -9.93 -45.65
C ALA D 117 20.54 -9.70 -45.52
N SER D 118 21.15 -9.07 -46.51
CA SER D 118 22.59 -8.81 -46.43
C SER D 118 22.80 -7.57 -45.55
N ASN D 119 24.03 -7.35 -45.10
CA ASN D 119 24.30 -6.18 -44.26
C ASN D 119 24.85 -5.05 -45.11
N GLY D 120 24.55 -3.82 -44.70
CA GLY D 120 25.04 -2.67 -45.42
C GLY D 120 25.00 -1.42 -44.57
N TYR D 121 25.53 -0.33 -45.11
CA TYR D 121 25.57 0.93 -44.39
C TYR D 121 25.25 2.11 -45.31
N GLY D 122 24.26 2.92 -44.94
CA GLY D 122 23.90 4.07 -45.75
C GLY D 122 23.57 3.68 -47.17
N GLU D 123 22.42 4.12 -47.66
CA GLU D 123 21.98 3.76 -49.00
C GLU D 123 21.69 2.26 -48.94
N HIS D 124 22.29 1.59 -47.96
CA HIS D 124 22.13 0.16 -47.75
C HIS D 124 22.02 -0.14 -46.25
N SER D 125 21.77 0.91 -45.47
CA SER D 125 21.56 0.80 -44.04
C SER D 125 20.05 0.73 -43.90
N PRO D 126 19.52 -0.33 -43.31
CA PRO D 126 18.07 -0.42 -43.18
C PRO D 126 17.42 0.94 -42.91
N GLY D 127 17.95 1.67 -41.95
CA GLY D 127 17.40 2.97 -41.63
C GLY D 127 18.15 4.10 -42.30
N GLY D 128 19.14 3.75 -43.10
CA GLY D 128 19.92 4.74 -43.83
C GLY D 128 20.88 5.52 -42.97
N TYR D 129 21.63 4.83 -42.13
CA TYR D 129 22.62 5.46 -41.26
C TYR D 129 23.94 5.67 -41.97
N SER D 130 24.83 6.43 -41.36
CA SER D 130 26.13 6.65 -41.97
C SER D 130 26.97 5.41 -41.77
N MET D 131 28.10 5.35 -42.48
CA MET D 131 29.05 4.25 -42.38
C MET D 131 29.68 4.43 -41.01
N LEU D 132 29.91 5.68 -40.64
CA LEU D 132 30.50 5.98 -39.34
C LEU D 132 29.65 5.33 -38.28
N SER D 133 28.35 5.63 -38.30
CA SER D 133 27.42 5.04 -37.34
C SER D 133 27.51 3.52 -37.48
N ALA D 134 27.39 3.03 -38.70
CA ALA D 134 27.48 1.59 -38.94
C ALA D 134 28.73 1.05 -38.24
N LEU D 135 29.87 1.71 -38.48
CA LEU D 135 31.16 1.35 -37.89
C LEU D 135 31.13 1.30 -36.36
N VAL D 136 30.83 2.43 -35.73
CA VAL D 136 30.77 2.50 -34.29
C VAL D 136 29.91 1.39 -33.66
N VAL D 137 28.68 1.26 -34.14
CA VAL D 137 27.77 0.25 -33.60
C VAL D 137 28.26 -1.17 -33.85
N GLU D 138 28.77 -1.45 -35.05
CA GLU D 138 29.26 -2.80 -35.31
C GLU D 138 30.43 -3.05 -34.38
N LEU D 139 31.24 -2.02 -34.14
CA LEU D 139 32.40 -2.14 -33.26
C LEU D 139 32.01 -2.37 -31.79
N VAL D 140 31.04 -1.63 -31.29
CA VAL D 140 30.65 -1.79 -29.90
C VAL D 140 29.97 -3.15 -29.67
N LEU D 141 29.07 -3.53 -30.57
CA LEU D 141 28.35 -4.79 -30.37
C LEU D 141 29.19 -6.06 -30.65
N SER D 142 30.30 -5.88 -31.37
CA SER D 142 31.19 -7.02 -31.62
C SER D 142 31.92 -7.23 -30.31
N ALA D 143 32.67 -6.21 -29.89
CA ALA D 143 33.41 -6.24 -28.64
C ALA D 143 32.51 -6.69 -27.47
N GLY D 144 31.33 -6.10 -27.36
CA GLY D 144 30.43 -6.50 -26.31
C GLY D 144 30.06 -7.96 -26.42
N PHE D 145 29.80 -8.43 -27.64
CA PHE D 145 29.43 -9.83 -27.85
C PHE D 145 30.49 -10.75 -27.24
N LEU D 146 31.76 -10.51 -27.59
CA LEU D 146 32.88 -11.28 -27.08
C LEU D 146 33.04 -11.15 -25.57
N LEU D 147 33.09 -9.92 -25.08
CA LEU D 147 33.21 -9.72 -23.64
C LEU D 147 32.14 -10.58 -22.94
N VAL D 148 30.94 -10.69 -23.51
CA VAL D 148 29.90 -11.53 -22.89
C VAL D 148 30.18 -13.03 -23.14
N ILE D 149 30.84 -13.34 -24.26
CA ILE D 149 31.18 -14.73 -24.53
C ILE D 149 32.24 -15.16 -23.51
N HIS D 150 33.39 -14.48 -23.53
CA HIS D 150 34.49 -14.73 -22.61
C HIS D 150 34.01 -14.84 -21.16
N GLY D 151 33.22 -13.87 -20.74
CA GLY D 151 32.73 -13.86 -19.37
C GLY D 151 31.84 -15.04 -19.02
N ALA D 152 30.78 -15.24 -19.78
CA ALA D 152 29.83 -16.32 -19.54
C ALA D 152 30.49 -17.68 -19.64
N THR D 153 31.76 -17.70 -20.01
CA THR D 153 32.46 -18.96 -20.12
C THR D 153 33.69 -19.02 -19.21
N ASP D 154 33.84 -18.01 -18.36
CA ASP D 154 34.94 -17.94 -17.39
C ASP D 154 34.68 -19.06 -16.38
N LYS D 155 35.72 -19.82 -16.04
CA LYS D 155 35.58 -20.92 -15.11
C LYS D 155 34.78 -20.59 -13.84
N PHE D 156 34.59 -19.30 -13.58
CA PHE D 156 33.86 -18.85 -12.39
C PHE D 156 32.44 -18.35 -12.68
N ALA D 157 31.95 -18.59 -13.91
CA ALA D 157 30.61 -18.18 -14.32
C ALA D 157 29.67 -19.36 -14.13
N PRO D 158 28.36 -19.10 -13.88
CA PRO D 158 27.37 -20.16 -13.69
C PRO D 158 27.45 -21.22 -14.80
N ALA D 159 28.08 -22.35 -14.47
CA ALA D 159 28.28 -23.44 -15.42
C ALA D 159 27.03 -24.04 -16.06
N GLY D 160 27.03 -24.12 -17.40
CA GLY D 160 25.92 -24.67 -18.15
C GLY D 160 24.98 -23.64 -18.75
N PHE D 161 25.13 -22.39 -18.33
CA PHE D 161 24.28 -21.31 -18.80
C PHE D 161 24.84 -20.55 -20.01
N ALA D 162 26.16 -20.61 -20.19
CA ALA D 162 26.80 -19.91 -21.28
C ALA D 162 25.98 -19.85 -22.57
N PRO D 163 25.41 -20.99 -23.03
CA PRO D 163 24.61 -20.93 -24.25
C PRO D 163 23.51 -19.88 -24.16
N ILE D 164 22.76 -19.89 -23.06
CA ILE D 164 21.69 -18.91 -22.91
C ILE D 164 22.27 -17.50 -22.95
N ALA D 165 23.30 -17.26 -22.13
CA ALA D 165 23.94 -15.95 -22.03
C ALA D 165 24.41 -15.37 -23.36
N ILE D 166 25.07 -16.21 -24.15
CA ILE D 166 25.60 -15.81 -25.45
C ILE D 166 24.49 -15.71 -26.51
N GLY D 167 23.52 -16.60 -26.41
CA GLY D 167 22.42 -16.59 -27.36
C GLY D 167 21.58 -15.34 -27.26
N LEU D 168 20.96 -15.13 -26.10
CA LEU D 168 20.12 -13.96 -25.88
C LEU D 168 20.95 -12.70 -26.12
N ALA D 169 22.26 -12.82 -25.88
CA ALA D 169 23.21 -11.72 -26.12
C ALA D 169 23.12 -11.29 -27.59
N LEU D 170 23.12 -12.26 -28.49
CA LEU D 170 23.02 -11.97 -29.91
C LEU D 170 21.68 -11.29 -30.19
N THR D 171 20.62 -11.80 -29.58
CA THR D 171 19.27 -11.21 -29.74
C THR D 171 19.31 -9.73 -29.38
N LEU D 172 19.88 -9.44 -28.21
CA LEU D 172 20.00 -8.08 -27.70
C LEU D 172 20.68 -7.22 -28.76
N ILE D 173 21.83 -7.68 -29.22
CA ILE D 173 22.57 -6.97 -30.26
C ILE D 173 21.74 -6.72 -31.51
N HIS D 174 20.89 -7.68 -31.88
CA HIS D 174 20.05 -7.49 -33.08
C HIS D 174 18.91 -6.50 -32.79
N LEU D 175 18.41 -6.48 -31.55
CA LEU D 175 17.34 -5.57 -31.16
C LEU D 175 17.83 -4.12 -31.25
N ILE D 176 19.14 -3.95 -31.15
CA ILE D 176 19.72 -2.63 -31.21
C ILE D 176 20.18 -2.15 -32.58
N SER D 177 20.88 -2.97 -33.32
CA SER D 177 21.50 -2.53 -34.56
C SER D 177 20.49 -2.65 -35.69
N ILE D 178 20.02 -3.80 -36.16
CA ILE D 178 19.08 -3.92 -37.21
C ILE D 178 18.84 -2.65 -38.07
N PRO D 179 18.20 -1.62 -37.49
CA PRO D 179 17.89 -0.45 -38.31
C PRO D 179 19.16 0.18 -38.91
N VAL D 180 20.30 -0.07 -38.28
CA VAL D 180 21.57 0.48 -38.76
C VAL D 180 22.23 -0.34 -39.87
N THR D 181 22.54 -1.61 -39.61
CA THR D 181 23.21 -2.44 -40.62
C THR D 181 22.60 -3.83 -40.79
N ASN D 182 21.42 -4.04 -40.23
CA ASN D 182 20.76 -5.35 -40.31
C ASN D 182 21.51 -6.30 -39.38
N THR D 183 22.38 -5.72 -38.57
CA THR D 183 23.22 -6.42 -37.58
C THR D 183 24.09 -7.54 -38.14
N SER D 184 25.38 -7.26 -38.22
CA SER D 184 26.36 -8.22 -38.71
C SER D 184 27.00 -8.96 -37.54
N VAL D 185 28.09 -8.40 -37.03
CA VAL D 185 28.83 -8.98 -35.91
C VAL D 185 29.07 -10.46 -36.16
N ASN D 186 29.35 -10.80 -37.41
CA ASN D 186 29.58 -12.18 -37.82
C ASN D 186 29.95 -12.18 -39.30
N PRO D 187 31.25 -12.13 -39.62
CA PRO D 187 31.73 -12.11 -41.02
C PRO D 187 31.22 -13.25 -41.88
N ALA D 188 30.92 -14.38 -41.23
CA ALA D 188 30.43 -15.54 -41.93
C ALA D 188 29.05 -15.31 -42.51
N ARG D 189 28.13 -14.93 -41.65
CA ARG D 189 26.75 -14.65 -42.03
C ARG D 189 26.63 -13.54 -43.09
N SER D 190 27.35 -12.47 -42.89
CA SER D 190 27.30 -11.36 -43.82
C SER D 190 27.65 -11.82 -45.24
N THR D 191 28.65 -12.68 -45.33
CA THR D 191 29.10 -13.22 -46.61
C THR D 191 28.02 -14.06 -47.28
N ALA D 192 27.64 -15.14 -46.60
CA ALA D 192 26.65 -16.10 -47.10
C ALA D 192 25.61 -15.46 -48.00
N VAL D 193 24.87 -14.50 -47.47
CA VAL D 193 23.80 -13.83 -48.19
C VAL D 193 24.25 -12.76 -49.18
N ALA D 194 25.41 -12.15 -48.91
CA ALA D 194 25.96 -11.11 -49.78
C ALA D 194 26.24 -11.71 -51.12
N ILE D 195 26.74 -12.95 -51.10
CA ILE D 195 27.05 -13.68 -52.32
C ILE D 195 25.82 -13.71 -53.22
N PHE D 196 24.70 -14.10 -52.60
CA PHE D 196 23.46 -14.31 -53.42
C PHE D 196 22.82 -12.95 -53.88
N GLN D 197 23.21 -11.85 -53.28
CA GLN D 197 22.80 -10.45 -53.60
C GLN D 197 23.59 -10.11 -54.85
N GLY D 198 24.88 -10.29 -54.66
CA GLY D 198 25.82 -10.14 -55.75
C GLY D 198 25.97 -8.75 -56.27
N GLY D 199 25.39 -7.82 -55.54
CA GLY D 199 25.50 -6.44 -55.91
C GLY D 199 26.30 -5.76 -54.83
N TRP D 200 25.76 -4.66 -54.31
CA TRP D 200 26.42 -3.90 -53.26
C TRP D 200 26.77 -4.79 -52.08
N ALA D 201 25.94 -5.80 -51.84
CA ALA D 201 26.20 -6.70 -50.73
C ALA D 201 27.66 -7.08 -50.69
N LEU D 202 28.21 -7.46 -51.84
CA LEU D 202 29.62 -7.84 -51.90
C LEU D 202 30.50 -6.60 -51.86
N GLU D 203 30.03 -5.52 -52.48
CA GLU D 203 30.79 -4.29 -52.51
C GLU D 203 31.13 -3.77 -51.10
N GLN D 204 30.16 -3.80 -50.18
CA GLN D 204 30.40 -3.34 -48.81
C GLN D 204 30.88 -4.45 -47.86
N LEU D 205 30.73 -5.73 -48.26
CA LEU D 205 31.11 -6.88 -47.43
C LEU D 205 32.45 -6.77 -46.68
N TRP D 206 33.50 -6.30 -47.35
CA TRP D 206 34.81 -6.15 -46.72
C TRP D 206 34.63 -5.50 -45.36
N PHE D 207 33.78 -4.47 -45.33
CA PHE D 207 33.47 -3.73 -44.13
C PHE D 207 32.98 -4.66 -43.04
N PHE D 208 32.20 -5.67 -43.41
CA PHE D 208 31.67 -6.58 -42.41
C PHE D 208 32.56 -7.76 -42.04
N TRP D 209 33.86 -7.54 -42.21
CA TRP D 209 34.86 -8.54 -41.85
C TRP D 209 35.80 -7.85 -40.88
N VAL D 210 36.40 -6.77 -41.36
CA VAL D 210 37.36 -5.99 -40.58
C VAL D 210 36.74 -5.40 -39.32
N VAL D 211 35.58 -4.78 -39.45
CA VAL D 211 34.90 -4.18 -38.30
C VAL D 211 34.49 -5.20 -37.23
N PRO D 212 33.78 -6.28 -37.60
CA PRO D 212 33.44 -7.19 -36.51
C PRO D 212 34.65 -7.87 -35.88
N ILE D 213 35.54 -8.38 -36.71
CA ILE D 213 36.73 -9.06 -36.19
C ILE D 213 37.60 -8.14 -35.35
N VAL D 214 37.70 -6.86 -35.72
CA VAL D 214 38.50 -5.93 -34.91
C VAL D 214 37.81 -5.85 -33.55
N GLY D 215 36.51 -5.57 -33.60
CA GLY D 215 35.72 -5.46 -32.38
C GLY D 215 35.83 -6.71 -31.53
N GLY D 216 35.71 -7.87 -32.16
CA GLY D 216 35.80 -9.13 -31.45
C GLY D 216 37.12 -9.26 -30.71
N ILE D 217 38.15 -8.63 -31.26
CA ILE D 217 39.48 -8.64 -30.65
C ILE D 217 39.40 -7.69 -29.46
N ILE D 218 38.94 -6.47 -29.71
CA ILE D 218 38.81 -5.48 -28.66
C ILE D 218 38.23 -6.18 -27.44
N GLY D 219 37.08 -6.82 -27.64
CA GLY D 219 36.43 -7.53 -26.56
C GLY D 219 37.32 -8.60 -25.92
N GLY D 220 38.01 -9.37 -26.76
CA GLY D 220 38.87 -10.41 -26.24
C GLY D 220 39.89 -9.85 -25.28
N LEU D 221 40.62 -8.86 -25.75
CA LEU D 221 41.64 -8.19 -24.94
C LEU D 221 40.97 -7.52 -23.73
N ILE D 222 39.84 -6.84 -23.96
CA ILE D 222 39.13 -6.20 -22.87
C ILE D 222 38.97 -7.14 -21.67
N TYR D 223 38.33 -8.28 -21.89
CA TYR D 223 38.11 -9.23 -20.82
C TYR D 223 39.39 -9.91 -20.38
N ARG D 224 40.29 -10.11 -21.34
CA ARG D 224 41.55 -10.76 -21.03
C ARG D 224 42.44 -9.85 -20.20
N THR D 225 42.32 -8.54 -20.38
CA THR D 225 43.14 -7.61 -19.62
C THR D 225 42.53 -7.14 -18.30
N LEU D 226 41.38 -6.50 -18.37
CA LEU D 226 40.75 -5.98 -17.18
C LEU D 226 39.65 -6.90 -16.60
N LEU D 227 39.03 -7.71 -17.44
CA LEU D 227 37.94 -8.58 -17.02
C LEU D 227 36.69 -7.75 -16.96
N MET E 1 -16.56 11.63 -9.63
CA MET E 1 -16.95 10.37 -8.99
C MET E 1 -15.72 9.74 -8.39
N PHE E 2 -14.60 9.91 -9.06
CA PHE E 2 -13.35 9.35 -8.58
C PHE E 2 -13.08 9.94 -7.23
N ARG E 3 -12.99 11.27 -7.22
CA ARG E 3 -12.73 12.01 -5.99
C ARG E 3 -13.61 11.45 -4.89
N LYS E 4 -14.90 11.37 -5.16
CA LYS E 4 -15.85 10.84 -4.18
C LYS E 4 -15.40 9.49 -3.66
N LEU E 5 -15.07 8.59 -4.59
CA LEU E 5 -14.65 7.25 -4.25
C LEU E 5 -13.32 7.24 -3.48
N ALA E 6 -12.36 8.06 -3.90
CA ALA E 6 -11.07 8.16 -3.23
C ALA E 6 -11.29 8.73 -1.83
N ALA E 7 -12.12 9.75 -1.75
CA ALA E 7 -12.45 10.38 -0.48
C ALA E 7 -13.02 9.35 0.48
N GLU E 8 -13.75 8.37 -0.06
CA GLU E 8 -14.36 7.33 0.77
C GLU E 8 -13.39 6.20 1.10
N CYS E 9 -12.38 6.02 0.26
CA CYS E 9 -11.37 4.97 0.45
C CYS E 9 -10.37 5.34 1.53
N PHE E 10 -9.66 6.45 1.31
CA PHE E 10 -8.68 6.94 2.26
C PHE E 10 -9.35 7.14 3.62
N GLY E 11 -10.60 7.57 3.56
CA GLY E 11 -11.37 7.82 4.77
C GLY E 11 -11.60 6.58 5.61
N THR E 12 -11.90 5.47 4.94
CA THR E 12 -12.11 4.19 5.62
C THR E 12 -10.75 3.57 5.87
N PHE E 13 -9.79 3.85 5.00
CA PHE E 13 -8.44 3.34 5.20
C PHE E 13 -7.97 3.92 6.51
N TRP E 14 -8.17 5.23 6.65
CA TRP E 14 -7.80 5.98 7.84
C TRP E 14 -8.53 5.44 9.06
N LEU E 15 -9.85 5.30 8.97
CA LEU E 15 -10.65 4.79 10.06
C LEU E 15 -10.08 3.48 10.60
N VAL E 16 -9.96 2.48 9.73
CA VAL E 16 -9.48 1.18 10.15
C VAL E 16 -8.06 1.17 10.71
N PHE E 17 -7.14 1.84 10.00
CA PHE E 17 -5.75 1.90 10.40
C PHE E 17 -5.69 2.55 11.76
N GLY E 18 -6.31 3.72 11.87
CA GLY E 18 -6.31 4.42 13.13
C GLY E 18 -6.95 3.63 14.25
N GLY E 19 -8.24 3.30 14.08
CA GLY E 19 -8.99 2.57 15.09
C GLY E 19 -8.50 1.19 15.47
N CYS E 20 -8.25 0.37 14.46
CA CYS E 20 -7.77 -0.98 14.71
C CYS E 20 -6.26 -0.94 14.97
N GLY E 21 -5.62 0.15 14.58
CA GLY E 21 -4.19 0.27 14.80
C GLY E 21 -3.96 0.50 16.27
N SER E 22 -4.72 1.41 16.84
CA SER E 22 -4.62 1.76 18.25
C SER E 22 -5.11 0.55 19.05
N ALA E 23 -6.11 -0.13 18.49
CA ALA E 23 -6.70 -1.31 19.12
C ALA E 23 -5.69 -2.44 19.16
N VAL E 24 -4.82 -2.49 18.16
CA VAL E 24 -3.82 -3.55 18.07
C VAL E 24 -2.52 -3.17 18.68
N LEU E 25 -1.94 -2.04 18.26
CA LEU E 25 -0.63 -1.61 18.73
C LEU E 25 -0.53 -1.06 20.11
N ALA E 26 -1.50 -0.35 20.65
CA ALA E 26 -1.36 0.17 22.00
C ALA E 26 -2.59 0.18 22.91
N ALA E 27 -3.65 -0.54 22.63
CA ALA E 27 -4.69 -0.57 23.65
C ALA E 27 -4.26 -1.23 24.99
N GLY E 28 -3.63 -2.38 24.90
CA GLY E 28 -3.21 -3.06 26.11
C GLY E 28 -1.72 -3.05 26.35
N PHE E 29 -1.03 -2.09 25.75
CA PHE E 29 0.40 -1.96 25.95
C PHE E 29 0.66 -2.17 27.43
N PRO E 30 1.72 -2.91 27.78
CA PRO E 30 2.11 -3.23 29.14
C PRO E 30 1.60 -2.37 30.29
N GLU E 31 2.18 -1.19 30.48
CA GLU E 31 1.75 -0.37 31.60
C GLU E 31 1.09 0.93 31.22
N LEU E 32 1.46 1.46 30.06
CA LEU E 32 0.93 2.74 29.61
C LEU E 32 -0.04 2.63 28.45
N GLY E 33 -0.53 1.41 28.19
CA GLY E 33 -1.48 1.20 27.12
C GLY E 33 -2.67 2.14 27.16
N ILE E 34 -3.35 2.30 26.04
CA ILE E 34 -4.49 3.20 25.94
C ILE E 34 -5.88 2.59 26.15
N GLY E 35 -5.94 1.39 26.72
CA GLY E 35 -7.20 0.73 27.00
C GLY E 35 -8.34 0.91 26.02
N PHE E 36 -9.52 0.44 26.40
CA PHE E 36 -10.70 0.56 25.56
C PHE E 36 -10.97 2.03 25.29
N ALA E 37 -11.08 2.78 26.37
CA ALA E 37 -11.35 4.22 26.25
C ALA E 37 -10.42 4.93 25.26
N GLY E 38 -9.22 4.39 25.05
CA GLY E 38 -8.30 5.00 24.10
C GLY E 38 -8.77 4.67 22.72
N VAL E 39 -8.99 3.39 22.47
CA VAL E 39 -9.46 2.91 21.18
C VAL E 39 -10.80 3.58 20.85
N ALA E 40 -11.63 3.81 21.86
CA ALA E 40 -12.93 4.47 21.67
C ALA E 40 -12.70 5.84 21.03
N LEU E 41 -11.77 6.61 21.59
CA LEU E 41 -11.45 7.94 21.08
C LEU E 41 -10.84 7.87 19.69
N ALA E 42 -9.80 7.05 19.56
CA ALA E 42 -9.10 6.86 18.28
C ALA E 42 -10.06 6.72 17.09
N PHE E 43 -10.96 5.74 17.20
CA PHE E 43 -11.97 5.44 16.18
C PHE E 43 -12.81 6.67 15.89
N GLY E 44 -13.36 7.28 16.93
CA GLY E 44 -14.13 8.49 16.70
C GLY E 44 -13.29 9.53 15.99
N LEU E 45 -12.04 9.69 16.41
CA LEU E 45 -11.15 10.69 15.82
C LEU E 45 -10.91 10.49 14.35
N THR E 46 -10.76 9.23 13.93
CA THR E 46 -10.53 8.92 12.52
C THR E 46 -11.68 9.42 11.67
N VAL E 47 -12.88 9.44 12.26
CA VAL E 47 -14.08 9.89 11.57
C VAL E 47 -14.22 11.42 11.67
N LEU E 48 -13.88 12.00 12.81
CA LEU E 48 -13.97 13.46 12.95
C LEU E 48 -12.94 14.16 12.06
N THR E 49 -11.69 13.72 12.12
CA THR E 49 -10.65 14.32 11.32
C THR E 49 -10.80 14.06 9.84
N MET E 50 -11.25 12.86 9.48
CA MET E 50 -11.40 12.53 8.07
C MET E 50 -12.65 13.20 7.49
N ALA E 51 -13.72 13.29 8.27
CA ALA E 51 -14.94 13.93 7.79
C ALA E 51 -14.67 15.38 7.42
N PHE E 52 -13.70 16.01 8.09
CA PHE E 52 -13.35 17.40 7.79
C PHE E 52 -12.51 17.48 6.50
N ALA E 53 -11.46 16.66 6.45
CA ALA E 53 -10.56 16.63 5.31
C ALA E 53 -11.17 16.25 3.97
N VAL E 54 -11.89 15.13 3.90
CA VAL E 54 -12.47 14.71 2.63
C VAL E 54 -13.97 14.58 2.60
N GLY E 55 -14.62 14.64 3.76
CA GLY E 55 -16.07 14.53 3.77
C GLY E 55 -16.76 15.47 2.80
N HIS E 56 -16.11 16.60 2.51
CA HIS E 56 -16.66 17.61 1.60
C HIS E 56 -16.46 17.24 0.16
N ILE E 57 -16.03 16.00 -0.04
CA ILE E 57 -15.81 15.44 -1.36
C ILE E 57 -16.93 14.41 -1.50
N SER E 58 -16.82 13.31 -0.76
CA SER E 58 -17.86 12.29 -0.79
C SER E 58 -18.93 12.74 0.18
N GLY E 59 -19.16 11.96 1.22
CA GLY E 59 -20.16 12.35 2.21
C GLY E 59 -19.63 12.19 3.63
N GLY E 60 -18.45 11.62 3.73
CA GLY E 60 -17.85 11.39 5.02
C GLY E 60 -18.50 10.15 5.58
N HIS E 61 -18.74 9.18 4.70
CA HIS E 61 -19.36 7.92 5.08
C HIS E 61 -18.31 7.01 5.77
N PHE E 62 -17.41 6.40 4.99
CA PHE E 62 -16.36 5.54 5.54
C PHE E 62 -16.96 4.26 6.15
N ASN E 63 -18.27 4.10 5.98
CA ASN E 63 -19.04 3.00 6.53
C ASN E 63 -20.13 2.56 5.55
N PRO E 64 -20.17 1.27 5.19
CA PRO E 64 -21.19 0.77 4.26
C PRO E 64 -22.59 0.98 4.83
N ALA E 65 -22.71 0.83 6.14
CA ALA E 65 -23.98 0.99 6.85
C ALA E 65 -24.38 2.46 6.96
N VAL E 66 -23.45 3.36 6.73
CA VAL E 66 -23.77 4.78 6.80
C VAL E 66 -24.17 5.27 5.40
N THR E 67 -23.66 4.59 4.37
CA THR E 67 -23.97 4.92 2.97
C THR E 67 -25.35 4.33 2.69
N ILE E 68 -25.62 3.19 3.28
CA ILE E 68 -26.89 2.51 3.11
C ILE E 68 -27.93 3.20 4.01
N GLY E 69 -27.52 3.58 5.21
CA GLY E 69 -28.41 4.27 6.14
C GLY E 69 -28.82 5.64 5.63
N LEU E 70 -27.89 6.32 4.97
CA LEU E 70 -28.20 7.63 4.41
C LEU E 70 -29.16 7.42 3.25
N TRP E 71 -28.98 6.29 2.57
CA TRP E 71 -29.83 5.96 1.44
C TRP E 71 -31.28 5.85 1.91
N ALA E 72 -31.52 4.90 2.82
CA ALA E 72 -32.85 4.67 3.38
C ALA E 72 -33.43 5.94 4.02
N GLY E 73 -32.57 6.92 4.28
CA GLY E 73 -33.02 8.18 4.87
C GLY E 73 -33.37 9.21 3.80
N GLY E 74 -33.23 8.83 2.54
CA GLY E 74 -33.55 9.74 1.45
C GLY E 74 -32.48 10.77 1.17
N ARG E 75 -31.35 10.67 1.84
CA ARG E 75 -30.25 11.60 1.62
C ARG E 75 -29.31 11.17 0.49
N PHE E 76 -28.97 9.89 0.45
CA PHE E 76 -28.03 9.40 -0.55
C PHE E 76 -28.60 8.68 -1.77
N PRO E 77 -28.00 8.94 -2.96
CA PRO E 77 -28.37 8.36 -4.26
C PRO E 77 -28.12 6.86 -4.34
N ALA E 78 -29.21 6.12 -4.56
CA ALA E 78 -29.18 4.67 -4.66
C ALA E 78 -28.17 4.19 -5.70
N LYS E 79 -27.89 5.06 -6.66
CA LYS E 79 -26.95 4.75 -7.74
C LYS E 79 -25.52 4.64 -7.21
N GLU E 80 -25.10 5.67 -6.47
CA GLU E 80 -23.75 5.73 -5.93
C GLU E 80 -23.43 4.82 -4.74
N VAL E 81 -24.45 4.20 -4.14
CA VAL E 81 -24.25 3.33 -3.00
C VAL E 81 -23.20 2.21 -3.13
N VAL E 82 -23.34 1.34 -4.12
CA VAL E 82 -22.41 0.23 -4.29
C VAL E 82 -20.95 0.68 -4.46
N GLY E 83 -20.73 1.69 -5.30
CA GLY E 83 -19.39 2.17 -5.54
C GLY E 83 -18.76 2.53 -4.21
N TYR E 84 -19.51 3.31 -3.42
CA TYR E 84 -19.08 3.75 -2.10
C TYR E 84 -18.71 2.55 -1.23
N VAL E 85 -19.63 1.60 -1.10
CA VAL E 85 -19.40 0.43 -0.29
C VAL E 85 -18.11 -0.32 -0.68
N ILE E 86 -17.91 -0.54 -1.98
CA ILE E 86 -16.69 -1.22 -2.42
C ILE E 86 -15.49 -0.39 -1.97
N ALA E 87 -15.52 0.88 -2.33
CA ALA E 87 -14.48 1.82 -1.99
C ALA E 87 -14.10 1.71 -0.51
N GLN E 88 -15.12 1.59 0.33
CA GLN E 88 -14.88 1.51 1.76
C GLN E 88 -14.22 0.21 2.16
N VAL E 89 -14.73 -0.90 1.63
CA VAL E 89 -14.17 -2.18 1.96
C VAL E 89 -12.72 -2.27 1.47
N VAL E 90 -12.46 -1.88 0.22
CA VAL E 90 -11.10 -1.94 -0.32
C VAL E 90 -10.14 -1.19 0.59
N GLY E 91 -10.49 0.05 0.87
CA GLY E 91 -9.65 0.88 1.73
C GLY E 91 -9.36 0.22 3.07
N GLY E 92 -10.36 -0.46 3.63
CA GLY E 92 -10.20 -1.14 4.90
C GLY E 92 -9.23 -2.29 4.76
N ILE E 93 -9.38 -3.06 3.68
CA ILE E 93 -8.49 -4.18 3.42
C ILE E 93 -7.07 -3.61 3.33
N VAL E 94 -6.85 -2.62 2.44
CA VAL E 94 -5.53 -2.04 2.30
C VAL E 94 -4.95 -1.55 3.62
N ALA E 95 -5.82 -1.19 4.56
CA ALA E 95 -5.36 -0.73 5.85
C ALA E 95 -4.95 -1.91 6.71
N ALA E 96 -5.84 -2.89 6.89
CA ALA E 96 -5.54 -4.07 7.70
C ALA E 96 -4.29 -4.75 7.19
N ALA E 97 -4.01 -4.54 5.90
CA ALA E 97 -2.84 -5.13 5.27
C ALA E 97 -1.60 -4.49 5.85
N LEU E 98 -1.54 -3.17 5.83
CA LEU E 98 -0.38 -2.47 6.38
C LEU E 98 -0.25 -2.63 7.89
N LEU E 99 -1.41 -2.64 8.55
CA LEU E 99 -1.47 -2.78 10.00
C LEU E 99 -0.87 -4.12 10.39
N TYR E 100 -1.33 -5.19 9.74
CA TYR E 100 -0.83 -6.53 10.01
C TYR E 100 0.68 -6.49 9.84
N LEU E 101 1.15 -5.95 8.71
CA LEU E 101 2.58 -5.87 8.48
C LEU E 101 3.24 -5.24 9.71
N ILE E 102 2.84 -4.03 10.03
CA ILE E 102 3.41 -3.30 11.16
C ILE E 102 3.42 -4.13 12.44
N ALA E 103 2.28 -4.73 12.77
CA ALA E 103 2.13 -5.53 13.97
C ALA E 103 3.14 -6.68 14.06
N SER E 104 3.61 -7.14 12.90
CA SER E 104 4.57 -8.26 12.82
C SER E 104 6.02 -7.88 13.10
N GLY E 105 6.27 -6.59 13.28
CA GLY E 105 7.62 -6.14 13.57
C GLY E 105 7.91 -6.34 15.05
N LYS E 106 6.95 -6.91 15.78
CA LYS E 106 7.11 -7.17 17.19
C LYS E 106 7.05 -8.67 17.41
N THR E 107 7.87 -9.16 18.33
CA THR E 107 7.91 -10.58 18.65
C THR E 107 6.66 -11.05 19.38
N GLY E 108 6.16 -12.21 18.99
CA GLY E 108 4.98 -12.75 19.63
C GLY E 108 3.65 -12.34 19.03
N PHE E 109 3.66 -11.49 18.00
CA PHE E 109 2.40 -11.07 17.40
C PHE E 109 1.72 -12.29 16.80
N ASP E 110 0.42 -12.22 16.67
CA ASP E 110 -0.34 -13.32 16.09
C ASP E 110 -1.71 -12.78 15.75
N ALA E 111 -2.04 -12.69 14.47
CA ALA E 111 -3.36 -12.19 14.08
C ALA E 111 -4.44 -13.06 14.72
N ALA E 112 -4.44 -14.37 14.50
CA ALA E 112 -5.40 -15.18 15.23
C ALA E 112 -5.12 -15.01 16.73
N ALA E 113 -5.82 -15.76 17.58
CA ALA E 113 -5.57 -15.55 18.98
C ALA E 113 -5.85 -14.10 19.35
N SER E 114 -4.96 -13.23 18.90
CA SER E 114 -5.09 -11.81 19.16
C SER E 114 -6.45 -11.31 18.66
N GLY E 115 -6.99 -11.98 17.64
CA GLY E 115 -8.27 -11.57 17.11
C GLY E 115 -8.09 -10.36 16.24
N PHE E 116 -6.85 -9.89 16.15
CA PHE E 116 -6.50 -8.74 15.33
C PHE E 116 -7.61 -7.68 15.39
N ALA E 117 -8.17 -7.48 16.57
CA ALA E 117 -9.22 -6.49 16.78
C ALA E 117 -10.50 -6.81 16.03
N SER E 118 -10.72 -8.09 15.75
CA SER E 118 -11.91 -8.50 15.05
C SER E 118 -13.13 -8.48 15.97
N ASN E 119 -14.30 -8.28 15.37
CA ASN E 119 -15.55 -8.25 16.11
C ASN E 119 -16.10 -9.67 16.25
N GLY E 120 -16.68 -9.97 17.40
CA GLY E 120 -17.22 -11.30 17.62
C GLY E 120 -18.34 -11.24 18.62
N TYR E 121 -19.00 -12.37 18.84
CA TYR E 121 -20.09 -12.46 19.80
C TYR E 121 -20.05 -13.82 20.49
N GLY E 122 -20.25 -13.83 21.81
CA GLY E 122 -20.25 -15.06 22.56
C GLY E 122 -19.09 -15.99 22.29
N GLU E 123 -18.20 -16.18 23.26
CA GLU E 123 -17.07 -17.07 23.08
C GLU E 123 -16.00 -16.31 22.30
N HIS E 124 -16.46 -15.37 21.48
CA HIS E 124 -15.58 -14.55 20.67
C HIS E 124 -15.96 -13.10 20.91
N SER E 125 -16.51 -12.86 22.09
CA SER E 125 -16.92 -11.54 22.54
C SER E 125 -15.99 -11.18 23.67
N PRO E 126 -15.43 -9.98 23.64
CA PRO E 126 -14.52 -9.52 24.69
C PRO E 126 -15.02 -9.83 26.10
N GLY E 127 -16.31 -9.61 26.34
CA GLY E 127 -16.86 -9.88 27.65
C GLY E 127 -17.59 -11.20 27.77
N GLY E 128 -17.67 -11.96 26.66
CA GLY E 128 -18.36 -13.23 26.67
C GLY E 128 -19.85 -13.00 26.68
N TYR E 129 -20.29 -12.04 25.86
CA TYR E 129 -21.69 -11.70 25.77
C TYR E 129 -22.44 -12.57 24.74
N SER E 130 -23.67 -12.98 25.09
CA SER E 130 -24.48 -13.81 24.20
C SER E 130 -24.73 -13.14 22.85
N MET E 131 -24.78 -13.94 21.79
CA MET E 131 -25.01 -13.41 20.46
C MET E 131 -26.22 -12.48 20.45
N LEU E 132 -27.21 -12.80 21.27
CA LEU E 132 -28.40 -11.97 21.34
C LEU E 132 -27.98 -10.58 21.84
N SER E 133 -27.20 -10.55 22.91
CA SER E 133 -26.73 -9.29 23.47
C SER E 133 -26.01 -8.50 22.40
N ALA E 134 -25.14 -9.19 21.66
CA ALA E 134 -24.38 -8.57 20.59
C ALA E 134 -25.29 -8.00 19.50
N LEU E 135 -26.48 -8.60 19.37
CA LEU E 135 -27.45 -8.17 18.36
C LEU E 135 -28.16 -6.89 18.81
N VAL E 136 -28.77 -6.96 19.97
CA VAL E 136 -29.47 -5.82 20.52
C VAL E 136 -28.56 -4.61 20.55
N VAL E 137 -27.40 -4.72 21.19
CA VAL E 137 -26.47 -3.60 21.31
C VAL E 137 -25.98 -3.06 19.98
N GLU E 138 -25.65 -3.95 19.04
CA GLU E 138 -25.15 -3.49 17.75
C GLU E 138 -26.27 -2.78 16.96
N LEU E 139 -27.50 -3.29 17.06
CA LEU E 139 -28.65 -2.70 16.37
C LEU E 139 -28.98 -1.32 16.91
N VAL E 140 -29.06 -1.21 18.24
CA VAL E 140 -29.37 0.06 18.86
C VAL E 140 -28.31 1.09 18.47
N LEU E 141 -27.04 0.73 18.63
CA LEU E 141 -25.94 1.64 18.32
C LEU E 141 -25.79 2.00 16.84
N SER E 142 -26.14 1.09 15.95
CA SER E 142 -26.06 1.38 14.53
C SER E 142 -27.16 2.39 14.22
N ALA E 143 -28.37 2.02 14.65
CA ALA E 143 -29.53 2.88 14.46
C ALA E 143 -29.25 4.31 14.94
N GLY E 144 -28.85 4.43 16.20
CA GLY E 144 -28.55 5.74 16.77
C GLY E 144 -27.42 6.47 16.05
N PHE E 145 -26.47 5.71 15.50
CA PHE E 145 -25.36 6.31 14.81
C PHE E 145 -25.87 7.08 13.60
N LEU E 146 -26.76 6.44 12.84
CA LEU E 146 -27.33 7.10 11.67
C LEU E 146 -28.30 8.19 12.13
N LEU E 147 -29.02 7.90 13.22
CA LEU E 147 -29.98 8.85 13.76
C LEU E 147 -29.25 10.17 13.99
N VAL E 148 -28.04 10.07 14.53
CA VAL E 148 -27.25 11.26 14.79
C VAL E 148 -26.70 11.84 13.50
N ILE E 149 -26.32 10.96 12.57
CA ILE E 149 -25.80 11.42 11.29
C ILE E 149 -26.80 12.29 10.55
N HIS E 150 -28.04 11.78 10.41
CA HIS E 150 -29.11 12.50 9.72
C HIS E 150 -29.40 13.80 10.44
N GLY E 151 -29.32 13.77 11.77
CA GLY E 151 -29.59 14.96 12.55
C GLY E 151 -28.59 16.07 12.30
N ALA E 152 -27.32 15.77 12.55
CA ALA E 152 -26.24 16.73 12.39
C ALA E 152 -26.04 17.19 10.94
N THR E 153 -26.57 16.44 10.00
CA THR E 153 -26.44 16.86 8.61
C THR E 153 -27.71 17.56 8.18
N ASP E 154 -28.74 17.52 9.04
CA ASP E 154 -30.00 18.19 8.73
C ASP E 154 -29.68 19.66 8.43
N LYS E 155 -30.29 20.23 7.38
CA LYS E 155 -30.02 21.62 7.03
C LYS E 155 -30.31 22.62 8.15
N PHE E 156 -30.98 22.16 9.20
CA PHE E 156 -31.28 23.05 10.32
C PHE E 156 -30.31 22.91 11.47
N ALA E 157 -29.34 22.02 11.34
CA ALA E 157 -28.37 21.81 12.41
C ALA E 157 -27.16 22.72 12.25
N PRO E 158 -26.40 22.94 13.34
CA PRO E 158 -25.21 23.79 13.35
C PRO E 158 -24.26 23.43 12.21
N ALA E 159 -24.30 24.25 11.18
CA ALA E 159 -23.46 24.05 10.00
C ALA E 159 -22.00 24.08 10.37
N GLY E 160 -21.27 23.10 9.86
CA GLY E 160 -19.85 22.99 10.11
C GLY E 160 -19.50 22.10 11.27
N PHE E 161 -20.46 21.84 12.15
CA PHE E 161 -20.18 21.01 13.31
C PHE E 161 -20.40 19.51 13.08
N ALA E 162 -21.12 19.17 12.00
CA ALA E 162 -21.41 17.79 11.66
C ALA E 162 -20.29 16.81 12.03
N PRO E 163 -19.08 17.03 11.50
CA PRO E 163 -17.92 16.18 11.78
C PRO E 163 -17.74 15.88 13.27
N ILE E 164 -17.81 16.91 14.09
CA ILE E 164 -17.64 16.76 15.53
C ILE E 164 -18.72 15.84 16.08
N ALA E 165 -19.95 16.08 15.67
CA ALA E 165 -21.09 15.28 16.10
C ALA E 165 -20.85 13.81 15.77
N ILE E 166 -20.81 13.52 14.48
CA ILE E 166 -20.60 12.17 13.99
C ILE E 166 -19.37 11.55 14.67
N GLY E 167 -18.21 12.16 14.47
CA GLY E 167 -16.98 11.68 15.07
C GLY E 167 -17.19 11.19 16.49
N LEU E 168 -17.21 12.13 17.44
CA LEU E 168 -17.39 11.79 18.84
C LEU E 168 -18.51 10.78 19.05
N ALA E 169 -19.54 10.87 18.21
CA ALA E 169 -20.65 9.95 18.32
C ALA E 169 -20.11 8.52 18.28
N LEU E 170 -19.18 8.26 17.37
CA LEU E 170 -18.59 6.94 17.27
C LEU E 170 -17.72 6.64 18.49
N THR E 171 -17.16 7.67 19.12
CA THR E 171 -16.34 7.43 20.31
C THR E 171 -17.28 6.93 21.38
N LEU E 172 -18.46 7.55 21.45
CA LEU E 172 -19.48 7.18 22.42
C LEU E 172 -19.81 5.69 22.27
N ILE E 173 -20.31 5.36 21.08
CA ILE E 173 -20.67 4.00 20.70
C ILE E 173 -19.63 2.97 21.21
N HIS E 174 -18.35 3.29 20.98
CA HIS E 174 -17.24 2.42 21.37
C HIS E 174 -17.12 2.29 22.88
N LEU E 175 -17.18 3.41 23.58
CA LEU E 175 -17.08 3.38 25.03
C LEU E 175 -18.19 2.50 25.59
N ILE E 176 -19.24 2.32 24.79
CA ILE E 176 -20.37 1.52 25.22
C ILE E 176 -20.28 0.04 24.81
N SER E 177 -20.02 -0.39 23.58
CA SER E 177 -20.16 -1.79 23.19
C SER E 177 -18.84 -2.55 22.93
N ILE E 178 -17.65 -2.02 23.12
CA ILE E 178 -16.43 -2.82 23.05
C ILE E 178 -16.49 -4.16 23.77
N PRO E 179 -16.88 -4.15 25.06
CA PRO E 179 -16.96 -5.40 25.81
C PRO E 179 -17.89 -6.44 25.20
N VAL E 180 -18.91 -5.98 24.49
CA VAL E 180 -19.89 -6.87 23.88
C VAL E 180 -19.41 -7.48 22.57
N THR E 181 -19.22 -6.66 21.55
CA THR E 181 -18.79 -7.16 20.25
C THR E 181 -17.43 -6.61 19.80
N ASN E 182 -16.81 -5.79 20.63
CA ASN E 182 -15.53 -5.17 20.30
C ASN E 182 -15.88 -4.05 19.34
N THR E 183 -17.16 -3.69 19.35
CA THR E 183 -17.71 -2.63 18.52
C THR E 183 -17.45 -2.75 17.02
N SER E 184 -18.52 -2.63 16.25
CA SER E 184 -18.44 -2.68 14.78
C SER E 184 -19.24 -1.54 14.17
N VAL E 185 -20.53 -1.77 13.97
CA VAL E 185 -21.41 -0.75 13.39
C VAL E 185 -20.84 -0.31 12.04
N ASN E 186 -19.90 -1.09 11.51
CA ASN E 186 -19.26 -0.78 10.24
C ASN E 186 -18.80 -2.10 9.61
N PRO E 187 -19.63 -2.70 8.74
CA PRO E 187 -19.26 -3.97 8.10
C PRO E 187 -17.94 -3.93 7.35
N ALA E 188 -17.51 -2.72 7.00
CA ALA E 188 -16.24 -2.55 6.30
C ALA E 188 -15.09 -2.81 7.25
N ARG E 189 -15.09 -2.10 8.39
CA ARG E 189 -14.05 -2.23 9.41
C ARG E 189 -13.96 -3.67 9.89
N SER E 190 -15.11 -4.32 10.04
CA SER E 190 -15.16 -5.71 10.48
C SER E 190 -14.48 -6.62 9.45
N THR E 191 -14.89 -6.52 8.19
CA THR E 191 -14.29 -7.37 7.16
C THR E 191 -12.78 -7.25 7.20
N ALA E 192 -12.26 -6.06 6.91
CA ALA E 192 -10.83 -5.81 6.90
C ALA E 192 -10.02 -6.71 7.85
N VAL E 193 -10.22 -6.53 9.16
CA VAL E 193 -9.48 -7.33 10.14
C VAL E 193 -9.80 -8.82 10.16
N ALA E 194 -11.06 -9.19 9.89
CA ALA E 194 -11.42 -10.60 9.90
C ALA E 194 -10.53 -11.35 8.89
N ILE E 195 -10.38 -10.74 7.71
CA ILE E 195 -9.60 -11.32 6.63
C ILE E 195 -8.24 -11.78 7.13
N PHE E 196 -7.64 -11.01 8.02
CA PHE E 196 -6.33 -11.39 8.51
C PHE E 196 -6.38 -12.23 9.76
N GLN E 197 -7.58 -12.52 10.34
CA GLN E 197 -7.81 -13.47 11.39
C GLN E 197 -7.94 -14.82 10.72
N GLY E 198 -8.86 -14.79 9.79
CA GLY E 198 -9.08 -15.93 8.93
C GLY E 198 -9.54 -17.18 9.67
N GLY E 199 -10.20 -16.84 10.75
CA GLY E 199 -10.83 -17.95 11.42
C GLY E 199 -12.25 -17.66 11.85
N TRP E 200 -12.50 -17.70 13.15
CA TRP E 200 -13.84 -17.43 13.66
C TRP E 200 -14.33 -16.06 13.21
N ALA E 201 -13.40 -15.12 13.18
CA ALA E 201 -13.70 -13.76 12.76
C ALA E 201 -14.44 -13.74 11.43
N LEU E 202 -13.99 -14.56 10.49
CA LEU E 202 -14.61 -14.65 9.17
C LEU E 202 -15.91 -15.43 9.23
N GLU E 203 -15.98 -16.38 10.15
CA GLU E 203 -17.18 -17.18 10.32
C GLU E 203 -18.35 -16.30 10.80
N GLN E 204 -18.09 -15.46 11.80
CA GLN E 204 -19.12 -14.58 12.32
C GLN E 204 -19.22 -13.29 11.51
N LEU E 205 -18.26 -13.07 10.61
CA LEU E 205 -18.22 -11.86 9.80
C LEU E 205 -19.59 -11.44 9.23
N TRP E 206 -20.39 -12.41 8.79
CA TRP E 206 -21.70 -12.11 8.23
C TRP E 206 -22.54 -11.25 9.18
N PHE E 207 -22.53 -11.65 10.45
CA PHE E 207 -23.29 -10.98 11.49
C PHE E 207 -23.11 -9.48 11.43
N PHE E 208 -21.85 -9.07 11.37
CA PHE E 208 -21.52 -7.67 11.34
C PHE E 208 -21.78 -6.96 10.03
N TRP E 209 -22.54 -7.63 9.17
CA TRP E 209 -22.94 -7.08 7.88
C TRP E 209 -24.43 -6.80 7.95
N VAL E 210 -25.18 -7.87 8.15
CA VAL E 210 -26.61 -7.80 8.24
C VAL E 210 -27.04 -6.86 9.38
N VAL E 211 -26.63 -7.17 10.60
CA VAL E 211 -26.99 -6.34 11.75
C VAL E 211 -26.74 -4.83 11.60
N PRO E 212 -25.46 -4.42 11.38
CA PRO E 212 -25.21 -2.98 11.24
C PRO E 212 -26.02 -2.35 10.11
N ILE E 213 -26.09 -3.02 8.96
CA ILE E 213 -26.84 -2.46 7.84
C ILE E 213 -28.29 -2.27 8.26
N VAL E 214 -28.91 -3.34 8.76
CA VAL E 214 -30.31 -3.30 9.21
C VAL E 214 -30.57 -2.13 10.14
N GLY E 215 -29.73 -2.03 11.16
CA GLY E 215 -29.84 -0.94 12.13
C GLY E 215 -29.70 0.42 11.48
N GLY E 216 -28.65 0.60 10.70
CA GLY E 216 -28.48 1.87 10.02
C GLY E 216 -29.74 2.26 9.27
N ILE E 217 -30.32 1.30 8.56
CA ILE E 217 -31.54 1.55 7.80
C ILE E 217 -32.65 2.02 8.73
N ILE E 218 -32.77 1.38 9.90
CA ILE E 218 -33.78 1.74 10.90
C ILE E 218 -33.62 3.20 11.31
N GLY E 219 -32.41 3.55 11.71
CA GLY E 219 -32.13 4.92 12.10
C GLY E 219 -32.41 5.88 10.97
N GLY E 220 -32.18 5.45 9.74
CA GLY E 220 -32.41 6.29 8.59
C GLY E 220 -33.88 6.59 8.35
N LEU E 221 -34.69 5.54 8.50
CA LEU E 221 -36.13 5.67 8.33
C LEU E 221 -36.64 6.40 9.56
N ILE E 222 -36.13 6.03 10.72
CA ILE E 222 -36.57 6.68 11.95
C ILE E 222 -36.47 8.18 11.82
N TYR E 223 -35.47 8.65 11.07
CA TYR E 223 -35.31 10.09 10.89
C TYR E 223 -36.18 10.60 9.74
N ARG E 224 -36.20 9.85 8.63
CA ARG E 224 -37.01 10.25 7.49
C ARG E 224 -38.46 10.35 7.95
N THR E 225 -38.87 9.40 8.79
CA THR E 225 -40.24 9.35 9.30
C THR E 225 -40.60 10.33 10.40
N LEU E 226 -40.21 10.00 11.63
CA LEU E 226 -40.52 10.86 12.79
C LEU E 226 -39.68 12.10 12.86
N LEU E 227 -38.45 12.01 12.33
CA LEU E 227 -37.45 13.11 12.29
C LEU E 227 -36.83 13.29 13.68
N MET F 1 7.86 39.22 7.78
CA MET F 1 7.69 37.78 7.89
C MET F 1 8.21 37.29 9.23
N PHE F 2 8.82 38.18 10.00
CA PHE F 2 9.37 37.81 11.29
C PHE F 2 8.26 37.28 12.17
N ARG F 3 7.05 37.78 11.96
CA ARG F 3 5.90 37.34 12.74
C ARG F 3 5.69 35.86 12.48
N LYS F 4 5.58 35.49 11.20
CA LYS F 4 5.39 34.09 10.81
C LYS F 4 6.44 33.21 11.46
N LEU F 5 7.69 33.66 11.45
CA LEU F 5 8.77 32.91 12.07
C LEU F 5 8.54 32.79 13.58
N ALA F 6 8.26 33.92 14.22
CA ALA F 6 7.99 33.93 15.65
C ALA F 6 6.87 32.95 15.96
N ALA F 7 5.84 33.00 15.13
CA ALA F 7 4.69 32.12 15.28
C ALA F 7 5.13 30.67 15.20
N GLU F 8 5.77 30.32 14.10
CA GLU F 8 6.23 28.94 13.94
C GLU F 8 7.15 28.56 15.09
N CYS F 9 7.92 29.52 15.58
CA CYS F 9 8.81 29.19 16.68
C CYS F 9 8.08 28.87 17.98
N PHE F 10 7.32 29.82 18.54
CA PHE F 10 6.60 29.54 19.78
C PHE F 10 5.67 28.34 19.63
N GLY F 11 5.10 28.17 18.45
CA GLY F 11 4.22 27.05 18.22
C GLY F 11 4.91 25.72 18.47
N THR F 12 6.06 25.52 17.85
CA THR F 12 6.82 24.28 18.00
C THR F 12 7.36 24.13 19.42
N PHE F 13 7.66 25.25 20.04
CA PHE F 13 8.14 25.25 21.41
C PHE F 13 7.02 24.62 22.21
N TRP F 14 5.84 25.18 22.02
CA TRP F 14 4.61 24.75 22.68
C TRP F 14 4.34 23.27 22.41
N LEU F 15 4.66 22.84 21.19
CA LEU F 15 4.47 21.46 20.80
C LEU F 15 5.38 20.56 21.62
N VAL F 16 6.69 20.73 21.47
CA VAL F 16 7.67 19.92 22.19
C VAL F 16 7.51 19.96 23.69
N PHE F 17 7.53 21.18 24.22
CA PHE F 17 7.39 21.39 25.66
C PHE F 17 6.12 20.71 26.16
N GLY F 18 5.00 20.97 25.48
CA GLY F 18 3.73 20.38 25.87
C GLY F 18 3.67 18.87 25.81
N GLY F 19 3.97 18.32 24.64
CA GLY F 19 3.93 16.87 24.47
C GLY F 19 5.07 16.14 25.14
N CYS F 20 6.30 16.50 24.80
CA CYS F 20 7.45 15.85 25.41
C CYS F 20 7.45 16.11 26.90
N GLY F 21 6.89 17.24 27.28
CA GLY F 21 6.82 17.57 28.69
C GLY F 21 5.92 16.54 29.36
N SER F 22 4.67 16.44 28.89
CA SER F 22 3.73 15.49 29.46
C SER F 22 4.34 14.10 29.39
N ALA F 23 5.11 13.85 28.36
CA ALA F 23 5.72 12.54 28.22
C ALA F 23 6.77 12.27 29.30
N VAL F 24 7.84 13.06 29.32
CA VAL F 24 8.90 12.88 30.30
C VAL F 24 8.56 13.38 31.71
N LEU F 25 7.32 13.84 31.89
CA LEU F 25 6.90 14.36 33.18
C LEU F 25 5.66 13.72 33.80
N ALA F 26 4.71 13.27 32.99
CA ALA F 26 3.49 12.69 33.55
C ALA F 26 3.13 11.29 33.11
N ALA F 27 3.35 10.98 31.84
CA ALA F 27 3.03 9.66 31.29
C ALA F 27 3.20 8.51 32.28
N GLY F 28 4.39 8.43 32.89
CA GLY F 28 4.66 7.37 33.84
C GLY F 28 4.12 7.57 35.24
N PHE F 29 4.52 8.67 35.89
CA PHE F 29 4.12 9.01 37.25
C PHE F 29 3.27 7.98 37.98
N PRO F 30 3.79 7.44 39.09
CA PRO F 30 3.14 6.44 39.93
C PRO F 30 1.79 5.95 39.50
N GLU F 31 0.83 6.03 40.40
CA GLU F 31 -0.48 5.52 40.08
C GLU F 31 -1.32 6.44 39.21
N LEU F 32 -0.97 7.73 39.16
CA LEU F 32 -1.81 8.66 38.40
C LEU F 32 -1.28 9.15 37.03
N GLY F 33 -0.08 8.74 36.62
CA GLY F 33 0.44 9.18 35.32
C GLY F 33 -0.54 9.10 34.16
N ILE F 34 -0.50 10.09 33.26
CA ILE F 34 -1.40 10.19 32.11
C ILE F 34 -1.20 9.15 31.01
N GLY F 35 -0.14 8.35 31.14
CA GLY F 35 0.16 7.33 30.14
C GLY F 35 0.20 7.79 28.70
N PHE F 36 0.41 6.85 27.80
CA PHE F 36 0.46 7.14 26.38
C PHE F 36 -0.73 7.96 25.92
N ALA F 37 -1.93 7.53 26.30
CA ALA F 37 -3.14 8.22 25.91
C ALA F 37 -3.12 9.71 26.29
N GLY F 38 -2.64 10.02 27.50
CA GLY F 38 -2.57 11.40 27.93
C GLY F 38 -1.59 12.14 27.05
N VAL F 39 -0.39 11.57 26.98
CA VAL F 39 0.63 12.17 26.14
C VAL F 39 0.06 12.37 24.74
N ALA F 40 -0.74 11.43 24.26
CA ALA F 40 -1.31 11.59 22.93
C ALA F 40 -2.19 12.85 22.89
N LEU F 41 -3.14 12.94 23.82
CA LEU F 41 -4.06 14.09 23.90
C LEU F 41 -3.28 15.38 24.03
N ALA F 42 -2.19 15.31 24.78
CA ALA F 42 -1.33 16.44 25.00
C ALA F 42 -0.77 16.96 23.68
N PHE F 43 -0.03 16.10 22.98
CA PHE F 43 0.56 16.47 21.70
C PHE F 43 -0.41 17.15 20.75
N GLY F 44 -1.55 16.53 20.53
CA GLY F 44 -2.51 17.14 19.63
C GLY F 44 -3.03 18.48 20.15
N LEU F 45 -3.18 18.58 21.47
CA LEU F 45 -3.68 19.80 22.07
C LEU F 45 -2.71 20.96 21.93
N THR F 46 -1.41 20.68 21.96
CA THR F 46 -0.42 21.75 21.77
C THR F 46 -0.68 22.39 20.41
N VAL F 47 -0.86 21.53 19.39
CA VAL F 47 -1.14 21.95 18.02
C VAL F 47 -2.48 22.66 17.89
N LEU F 48 -3.53 22.02 18.38
CA LEU F 48 -4.86 22.61 18.32
C LEU F 48 -4.85 24.03 18.96
N THR F 49 -4.30 24.14 20.16
CA THR F 49 -4.28 25.43 20.84
C THR F 49 -3.44 26.45 20.09
N MET F 50 -2.21 26.09 19.75
CA MET F 50 -1.33 27.00 19.04
C MET F 50 -1.85 27.33 17.67
N ALA F 51 -2.58 26.39 17.08
CA ALA F 51 -3.13 26.57 15.74
C ALA F 51 -4.19 27.65 15.72
N PHE F 52 -5.02 27.70 16.74
CA PHE F 52 -6.04 28.74 16.82
C PHE F 52 -5.32 30.06 17.17
N ALA F 53 -4.35 29.95 18.07
CA ALA F 53 -3.57 31.08 18.56
C ALA F 53 -2.81 31.86 17.49
N VAL F 54 -1.75 31.27 16.96
CA VAL F 54 -0.99 31.97 15.95
C VAL F 54 -1.15 31.37 14.57
N GLY F 55 -2.07 30.41 14.44
CA GLY F 55 -2.30 29.77 13.16
C GLY F 55 -2.66 30.76 12.07
N HIS F 56 -3.25 31.89 12.47
CA HIS F 56 -3.67 32.94 11.54
C HIS F 56 -2.51 33.88 11.21
N ILE F 57 -1.31 33.51 11.69
CA ILE F 57 -0.13 34.31 11.47
C ILE F 57 0.89 33.62 10.59
N SER F 58 1.05 32.31 10.76
CA SER F 58 2.02 31.57 9.97
C SER F 58 1.44 30.39 9.22
N GLY F 59 0.21 30.01 9.56
CA GLY F 59 -0.42 28.88 8.91
C GLY F 59 -0.46 27.76 9.92
N GLY F 60 0.42 27.90 10.91
CA GLY F 60 0.53 26.94 11.99
C GLY F 60 1.05 25.58 11.58
N HIS F 61 2.31 25.52 11.16
CA HIS F 61 2.91 24.25 10.75
C HIS F 61 3.50 23.51 11.94
N PHE F 62 4.45 24.18 12.59
CA PHE F 62 5.15 23.67 13.77
C PHE F 62 5.76 22.31 13.49
N ASN F 63 5.87 21.96 12.21
CA ASN F 63 6.40 20.66 11.82
C ASN F 63 7.03 20.66 10.42
N PRO F 64 8.37 20.57 10.35
CA PRO F 64 9.09 20.57 9.07
C PRO F 64 8.43 19.73 7.97
N ALA F 65 7.94 18.54 8.35
CA ALA F 65 7.29 17.65 7.40
C ALA F 65 5.94 18.25 7.01
N VAL F 66 5.34 19.02 7.90
CA VAL F 66 4.06 19.66 7.62
C VAL F 66 4.28 20.94 6.79
N THR F 67 5.50 21.47 6.79
CA THR F 67 5.83 22.66 6.00
C THR F 67 6.31 22.23 4.63
N ILE F 68 7.06 21.13 4.59
CA ILE F 68 7.55 20.59 3.35
C ILE F 68 6.44 19.80 2.67
N GLY F 69 5.51 19.33 3.50
CA GLY F 69 4.39 18.57 2.99
C GLY F 69 3.45 19.52 2.29
N LEU F 70 3.22 20.68 2.90
CA LEU F 70 2.32 21.66 2.30
C LEU F 70 2.89 22.14 0.98
N TRP F 71 4.19 22.35 0.97
CA TRP F 71 4.91 22.81 -0.22
C TRP F 71 4.63 21.93 -1.42
N ALA F 72 4.76 20.62 -1.22
CA ALA F 72 4.52 19.63 -2.26
C ALA F 72 3.04 19.56 -2.63
N GLY F 73 2.21 20.14 -1.78
CA GLY F 73 0.77 20.15 -2.00
C GLY F 73 0.36 21.44 -2.69
N GLY F 74 1.36 22.25 -3.02
CA GLY F 74 1.13 23.53 -3.66
C GLY F 74 0.40 24.55 -2.80
N ARG F 75 0.59 24.48 -1.48
CA ARG F 75 -0.04 25.42 -0.57
C ARG F 75 1.00 26.36 0.04
N PHE F 76 2.28 26.07 -0.17
CA PHE F 76 3.33 26.88 0.43
C PHE F 76 4.55 27.15 -0.46
N PRO F 77 5.02 28.42 -0.48
CA PRO F 77 6.16 28.88 -1.26
C PRO F 77 7.51 28.34 -0.81
N ALA F 78 8.20 27.70 -1.75
CA ALA F 78 9.51 27.10 -1.51
C ALA F 78 10.50 28.09 -0.93
N LYS F 79 10.27 29.36 -1.24
CA LYS F 79 11.13 30.40 -0.74
C LYS F 79 11.14 30.39 0.78
N GLU F 80 9.95 30.45 1.38
CA GLU F 80 9.86 30.47 2.84
C GLU F 80 10.12 29.14 3.58
N VAL F 81 10.15 28.01 2.86
CA VAL F 81 10.37 26.71 3.49
C VAL F 81 11.53 26.62 4.49
N VAL F 82 12.75 26.81 4.01
CA VAL F 82 13.95 26.73 4.84
C VAL F 82 13.91 27.63 6.05
N GLY F 83 13.20 28.75 5.92
CA GLY F 83 13.08 29.69 7.02
C GLY F 83 12.27 29.05 8.12
N TYR F 84 11.09 28.56 7.76
CA TYR F 84 10.19 27.91 8.69
C TYR F 84 10.87 26.76 9.45
N VAL F 85 11.66 25.94 8.76
CA VAL F 85 12.28 24.82 9.45
C VAL F 85 13.20 25.27 10.57
N ILE F 86 14.07 26.22 10.27
CA ILE F 86 15.00 26.75 11.27
C ILE F 86 14.24 27.23 12.51
N ALA F 87 13.19 28.01 12.30
CA ALA F 87 12.39 28.52 13.40
C ALA F 87 11.89 27.36 14.26
N GLN F 88 11.17 26.45 13.61
CA GLN F 88 10.63 25.29 14.30
C GLN F 88 11.67 24.55 15.13
N VAL F 89 12.78 24.19 14.51
CA VAL F 89 13.85 23.48 15.19
C VAL F 89 14.49 24.27 16.34
N VAL F 90 14.63 25.58 16.16
CA VAL F 90 15.22 26.38 17.22
C VAL F 90 14.21 26.36 18.38
N GLY F 91 12.93 26.49 18.04
CA GLY F 91 11.89 26.47 19.05
C GLY F 91 11.73 25.14 19.78
N GLY F 92 11.91 24.05 19.06
CA GLY F 92 11.80 22.74 19.68
C GLY F 92 12.96 22.50 20.65
N ILE F 93 14.16 22.92 20.25
CA ILE F 93 15.34 22.75 21.08
C ILE F 93 15.27 23.58 22.36
N VAL F 94 14.83 24.82 22.24
CA VAL F 94 14.71 25.72 23.39
C VAL F 94 13.80 25.10 24.42
N ALA F 95 12.69 24.52 23.95
CA ALA F 95 11.74 23.87 24.84
C ALA F 95 12.41 22.69 25.53
N ALA F 96 13.02 21.80 24.74
CA ALA F 96 13.70 20.65 25.32
C ALA F 96 14.70 21.10 26.37
N ALA F 97 15.37 22.22 26.09
CA ALA F 97 16.37 22.77 26.99
C ALA F 97 15.78 23.04 28.34
N LEU F 98 14.62 23.70 28.34
CA LEU F 98 13.90 24.06 29.56
C LEU F 98 13.31 22.82 30.21
N LEU F 99 12.64 22.02 29.39
CA LEU F 99 12.00 20.77 29.82
C LEU F 99 13.01 19.93 30.54
N TYR F 100 14.23 20.00 30.03
CA TYR F 100 15.37 19.29 30.58
C TYR F 100 15.66 19.84 31.96
N LEU F 101 15.73 21.17 32.05
CA LEU F 101 15.98 21.83 33.32
C LEU F 101 14.94 21.40 34.34
N ILE F 102 13.66 21.50 33.96
CA ILE F 102 12.54 21.13 34.84
C ILE F 102 12.60 19.67 35.32
N ALA F 103 12.87 18.75 34.41
CA ALA F 103 12.94 17.34 34.73
C ALA F 103 14.07 17.06 35.72
N SER F 104 15.19 17.73 35.55
CA SER F 104 16.32 17.52 36.41
C SER F 104 16.00 17.91 37.83
N GLY F 105 14.93 18.68 38.00
CA GLY F 105 14.53 19.11 39.32
C GLY F 105 14.17 17.95 40.23
N LYS F 106 13.69 16.86 39.64
CA LYS F 106 13.30 15.66 40.39
C LYS F 106 14.47 14.72 40.56
N THR F 107 14.74 14.38 41.81
CA THR F 107 15.83 13.49 42.15
C THR F 107 15.63 12.16 41.43
N GLY F 108 16.70 11.72 40.77
CA GLY F 108 16.66 10.49 40.02
C GLY F 108 16.17 10.82 38.63
N PHE F 109 17.07 11.23 37.73
CA PHE F 109 16.63 11.55 36.38
C PHE F 109 17.77 11.56 35.42
N ASP F 110 17.68 10.75 34.38
CA ASP F 110 18.76 10.65 33.41
C ASP F 110 18.27 10.77 31.99
N ALA F 111 18.35 11.96 31.42
CA ALA F 111 17.90 12.14 30.05
C ALA F 111 18.49 11.06 29.15
N ALA F 112 19.72 10.64 29.43
CA ALA F 112 20.33 9.61 28.61
C ALA F 112 19.56 8.34 28.81
N ALA F 113 19.68 7.80 30.01
CA ALA F 113 19.03 6.56 30.43
C ALA F 113 17.51 6.55 30.30
N SER F 114 16.89 7.71 30.37
CA SER F 114 15.44 7.81 30.27
C SER F 114 14.96 7.86 28.83
N GLY F 115 15.86 8.24 27.92
CA GLY F 115 15.49 8.33 26.52
C GLY F 115 14.98 9.73 26.24
N PHE F 116 14.47 10.36 27.29
CA PHE F 116 13.97 11.72 27.21
C PHE F 116 13.00 11.87 26.06
N ALA F 117 12.00 11.01 26.03
CA ALA F 117 10.96 11.04 24.99
C ALA F 117 11.50 11.10 23.56
N SER F 118 12.64 10.45 23.31
CA SER F 118 13.19 10.47 21.97
C SER F 118 12.57 9.39 21.13
N ASN F 119 12.40 9.68 19.84
CA ASN F 119 11.85 8.73 18.89
C ASN F 119 12.97 7.80 18.48
N GLY F 120 12.63 6.54 18.23
CA GLY F 120 13.61 5.54 17.81
C GLY F 120 12.89 4.31 17.31
N TYR F 121 13.66 3.33 16.85
CA TYR F 121 13.10 2.07 16.35
C TYR F 121 14.02 0.95 16.77
N GLY F 122 13.65 -0.29 16.46
CA GLY F 122 14.48 -1.43 16.82
C GLY F 122 14.62 -1.63 18.31
N GLU F 123 15.86 -1.56 18.79
CA GLU F 123 16.15 -1.73 20.22
C GLU F 123 15.57 -0.58 21.04
N HIS F 124 15.39 0.57 20.37
CA HIS F 124 14.90 1.78 21.01
C HIS F 124 13.45 2.11 20.69
N SER F 125 12.73 1.13 20.25
CA SER F 125 11.29 1.27 20.04
C SER F 125 10.63 0.95 21.38
N PRO F 126 9.63 1.72 21.79
CA PRO F 126 8.99 1.44 23.08
C PRO F 126 8.51 0.00 23.19
N GLY F 127 7.94 -0.52 22.10
CA GLY F 127 7.43 -1.88 22.06
C GLY F 127 8.41 -2.83 21.40
N GLY F 128 9.55 -2.29 20.99
CA GLY F 128 10.59 -3.09 20.36
C GLY F 128 10.27 -3.46 18.92
N TYR F 129 9.55 -2.59 18.24
CA TYR F 129 9.18 -2.85 16.86
C TYR F 129 10.38 -2.66 15.93
N SER F 130 10.34 -3.39 14.81
CA SER F 130 11.39 -3.38 13.79
C SER F 130 11.44 -2.11 12.93
N MET F 131 12.64 -1.79 12.45
CA MET F 131 12.82 -0.62 11.62
C MET F 131 11.80 -0.59 10.51
N LEU F 132 11.61 -1.72 9.82
CA LEU F 132 10.65 -1.76 8.75
C LEU F 132 9.28 -1.35 9.29
N SER F 133 8.91 -1.87 10.46
CA SER F 133 7.63 -1.54 11.06
C SER F 133 7.52 -0.05 11.36
N ALA F 134 8.62 0.52 11.85
CA ALA F 134 8.66 1.95 12.16
C ALA F 134 8.52 2.73 10.85
N LEU F 135 9.21 2.27 9.80
CA LEU F 135 9.14 2.93 8.50
C LEU F 135 7.68 3.03 8.04
N VAL F 136 6.98 1.92 8.05
CA VAL F 136 5.59 1.91 7.62
C VAL F 136 4.62 2.80 8.36
N VAL F 137 4.66 2.84 9.69
CA VAL F 137 3.72 3.72 10.42
C VAL F 137 4.09 5.17 10.21
N GLU F 138 5.35 5.47 10.47
CA GLU F 138 5.84 6.83 10.31
C GLU F 138 5.51 7.37 8.95
N LEU F 139 5.68 6.52 7.95
CA LEU F 139 5.41 6.90 6.59
C LEU F 139 3.93 7.21 6.36
N VAL F 140 3.07 6.23 6.67
CA VAL F 140 1.63 6.37 6.50
C VAL F 140 0.97 7.48 7.31
N LEU F 141 1.27 7.52 8.60
CA LEU F 141 0.68 8.53 9.47
C LEU F 141 1.14 9.94 9.12
N SER F 142 2.31 10.06 8.50
CA SER F 142 2.81 11.37 8.10
C SER F 142 2.05 11.78 6.86
N ALA F 143 2.00 10.87 5.90
CA ALA F 143 1.27 11.13 4.67
C ALA F 143 -0.16 11.46 5.09
N GLY F 144 -0.68 10.65 6.00
CA GLY F 144 -2.04 10.84 6.48
C GLY F 144 -2.24 12.18 7.17
N PHE F 145 -1.33 12.51 8.07
CA PHE F 145 -1.41 13.78 8.78
C PHE F 145 -1.45 14.93 7.80
N LEU F 146 -0.47 14.97 6.90
CA LEU F 146 -0.41 16.03 5.90
C LEU F 146 -1.63 16.07 4.98
N LEU F 147 -2.29 14.93 4.82
CA LEU F 147 -3.46 14.86 3.95
C LEU F 147 -4.64 15.47 4.68
N VAL F 148 -4.74 15.19 5.97
CA VAL F 148 -5.82 15.73 6.79
C VAL F 148 -5.63 17.24 6.88
N ILE F 149 -4.38 17.67 6.91
CA ILE F 149 -4.05 19.08 6.99
C ILE F 149 -4.45 19.84 5.72
N HIS F 150 -4.42 19.15 4.57
CA HIS F 150 -4.80 19.75 3.28
C HIS F 150 -6.31 19.84 3.14
N GLY F 151 -7.00 18.77 3.54
CA GLY F 151 -8.45 18.72 3.42
C GLY F 151 -9.19 19.57 4.43
N ALA F 152 -8.56 19.78 5.58
CA ALA F 152 -9.17 20.58 6.63
C ALA F 152 -9.08 22.06 6.30
N THR F 153 -8.09 22.41 5.46
CA THR F 153 -7.85 23.79 5.03
C THR F 153 -8.32 24.09 3.60
N ASP F 154 -8.97 23.12 2.96
CA ASP F 154 -9.45 23.31 1.60
C ASP F 154 -10.50 24.44 1.61
N LYS F 155 -10.58 25.20 0.52
CA LYS F 155 -11.54 26.30 0.47
C LYS F 155 -12.98 25.83 0.61
N PHE F 156 -13.23 24.55 0.36
CA PHE F 156 -14.59 24.00 0.45
C PHE F 156 -14.87 23.29 1.77
N ALA F 157 -13.86 23.24 2.63
CA ALA F 157 -14.00 22.58 3.91
C ALA F 157 -14.62 23.51 4.94
N PRO F 158 -15.12 22.95 6.05
CA PRO F 158 -15.73 23.74 7.12
C PRO F 158 -14.77 24.82 7.59
N ALA F 159 -15.20 26.07 7.52
CA ALA F 159 -14.38 27.21 7.90
C ALA F 159 -14.06 27.35 9.39
N GLY F 160 -12.76 27.39 9.70
CA GLY F 160 -12.33 27.56 11.08
C GLY F 160 -12.14 26.34 11.94
N PHE F 161 -12.63 25.19 11.48
CA PHE F 161 -12.52 23.97 12.26
C PHE F 161 -11.18 23.28 12.05
N ALA F 162 -10.42 23.80 11.09
CA ALA F 162 -9.11 23.25 10.77
C ALA F 162 -8.32 22.82 12.00
N PRO F 163 -7.99 23.78 12.90
CA PRO F 163 -7.24 23.52 14.12
C PRO F 163 -7.76 22.34 14.96
N ILE F 164 -9.07 22.21 15.03
CA ILE F 164 -9.66 21.10 15.79
C ILE F 164 -9.34 19.77 15.08
N ALA F 165 -9.49 19.78 13.76
CA ALA F 165 -9.24 18.60 12.92
C ALA F 165 -7.77 18.20 12.96
N ILE F 166 -6.88 19.13 12.60
CA ILE F 166 -5.44 18.88 12.60
C ILE F 166 -4.95 18.40 13.97
N GLY F 167 -5.22 19.19 15.00
CA GLY F 167 -4.81 18.84 16.35
C GLY F 167 -5.29 17.47 16.77
N LEU F 168 -6.59 17.24 16.68
CA LEU F 168 -7.16 15.94 17.04
C LEU F 168 -6.54 14.85 16.17
N ALA F 169 -6.22 15.20 14.93
CA ALA F 169 -5.61 14.23 14.04
C ALA F 169 -4.27 13.77 14.61
N LEU F 170 -3.51 14.70 15.20
CA LEU F 170 -2.22 14.33 15.76
C LEU F 170 -2.38 13.55 17.04
N THR F 171 -3.50 13.74 17.72
CA THR F 171 -3.71 13.01 18.94
C THR F 171 -3.96 11.58 18.51
N LEU F 172 -4.54 11.43 17.33
CA LEU F 172 -4.83 10.10 16.78
C LEU F 172 -3.52 9.42 16.41
N ILE F 173 -2.68 10.11 15.64
CA ILE F 173 -1.39 9.60 15.21
C ILE F 173 -0.67 8.99 16.43
N HIS F 174 -0.68 9.75 17.53
CA HIS F 174 -0.04 9.33 18.75
C HIS F 174 -0.64 8.07 19.36
N LEU F 175 -1.97 7.96 19.35
CA LEU F 175 -2.65 6.79 19.90
C LEU F 175 -2.26 5.53 19.10
N ILE F 176 -1.78 5.66 17.88
CA ILE F 176 -1.49 4.50 17.06
C ILE F 176 -0.01 4.09 16.89
N SER F 177 0.92 4.93 17.27
CA SER F 177 2.30 4.55 17.03
C SER F 177 3.24 4.65 18.21
N ILE F 178 2.86 5.40 19.21
CA ILE F 178 3.72 5.49 20.39
C ILE F 178 4.39 4.12 20.63
N PRO F 179 3.65 3.00 20.81
CA PRO F 179 4.29 1.71 21.04
C PRO F 179 5.37 1.41 20.01
N VAL F 180 5.15 1.86 18.78
CA VAL F 180 6.10 1.60 17.70
C VAL F 180 7.32 2.53 17.69
N THR F 181 7.12 3.76 17.22
CA THR F 181 8.22 4.73 17.13
C THR F 181 8.18 5.79 18.21
N ASN F 182 7.20 5.70 19.10
CA ASN F 182 7.08 6.69 20.15
C ASN F 182 6.68 7.99 19.44
N THR F 183 6.19 7.83 18.22
CA THR F 183 5.54 8.82 17.38
C THR F 183 6.33 10.12 17.15
N SER F 184 6.87 10.20 15.97
CA SER F 184 7.64 11.37 15.56
C SER F 184 6.70 12.15 14.67
N VAL F 185 6.69 11.79 13.40
CA VAL F 185 5.85 12.42 12.40
C VAL F 185 6.21 13.91 12.27
N ASN F 186 7.22 14.33 13.02
CA ASN F 186 7.66 15.71 13.05
C ASN F 186 9.17 15.68 13.28
N PRO F 187 9.96 16.03 12.26
CA PRO F 187 11.43 16.06 12.35
C PRO F 187 11.95 16.99 13.42
N ALA F 188 11.27 18.11 13.60
CA ALA F 188 11.68 19.08 14.61
C ALA F 188 11.55 18.48 16.00
N ARG F 189 10.39 17.93 16.29
CA ARG F 189 10.17 17.35 17.61
C ARG F 189 11.28 16.34 17.90
N SER F 190 11.42 15.35 17.04
CA SER F 190 12.46 14.33 17.21
C SER F 190 13.80 14.96 17.58
N THR F 191 14.29 15.82 16.70
CA THR F 191 15.56 16.51 16.88
C THR F 191 15.78 17.14 18.25
N ALA F 192 14.81 17.94 18.70
CA ALA F 192 14.92 18.62 19.98
C ALA F 192 15.39 17.66 21.09
N VAL F 193 14.51 16.77 21.54
CA VAL F 193 14.85 15.83 22.60
C VAL F 193 16.00 14.88 22.33
N ALA F 194 16.31 14.59 21.07
CA ALA F 194 17.41 13.67 20.79
C ALA F 194 18.70 14.30 21.30
N ILE F 195 18.78 15.61 21.13
CA ILE F 195 19.92 16.39 21.55
C ILE F 195 20.28 16.11 23.01
N PHE F 196 19.28 16.19 23.88
CA PHE F 196 19.51 15.97 25.29
C PHE F 196 19.57 14.52 25.71
N GLN F 197 19.00 13.66 24.93
CA GLN F 197 19.25 12.25 25.21
C GLN F 197 20.72 12.02 24.97
N GLY F 198 21.08 12.44 23.78
CA GLY F 198 22.48 12.45 23.39
C GLY F 198 23.15 11.07 23.33
N GLY F 199 22.29 10.09 23.12
CA GLY F 199 22.84 8.81 22.81
C GLY F 199 22.31 8.29 21.48
N TRP F 200 21.70 7.13 21.54
CA TRP F 200 21.14 6.52 20.36
C TRP F 200 20.16 7.48 19.73
N ALA F 201 19.54 8.31 20.55
CA ALA F 201 18.57 9.28 20.03
C ALA F 201 19.09 9.99 18.77
N LEU F 202 20.30 10.53 18.84
CA LEU F 202 20.87 11.23 17.70
C LEU F 202 21.26 10.24 16.61
N GLU F 203 21.65 9.03 17.03
CA GLU F 203 22.05 7.97 16.10
C GLU F 203 20.98 7.71 15.05
N GLN F 204 19.74 7.56 15.52
CA GLN F 204 18.59 7.28 14.65
C GLN F 204 17.79 8.53 14.21
N LEU F 205 18.20 9.73 14.64
CA LEU F 205 17.48 10.95 14.29
C LEU F 205 17.25 11.07 12.80
N TRP F 206 18.30 10.81 12.01
CA TRP F 206 18.15 10.92 10.56
C TRP F 206 16.88 10.28 10.07
N PHE F 207 16.66 9.04 10.50
CA PHE F 207 15.49 8.28 10.11
C PHE F 207 14.21 9.11 10.31
N PHE F 208 14.20 9.89 11.38
CA PHE F 208 13.02 10.70 11.67
C PHE F 208 12.97 12.05 10.97
N TRP F 209 13.89 12.24 10.02
CA TRP F 209 13.93 13.45 9.23
C TRP F 209 13.45 13.02 7.86
N VAL F 210 14.08 11.97 7.34
CA VAL F 210 13.73 11.46 6.02
C VAL F 210 12.35 10.82 5.91
N VAL F 211 12.08 9.83 6.75
CA VAL F 211 10.77 9.16 6.67
C VAL F 211 9.58 10.09 6.82
N PRO F 212 9.50 10.83 7.94
CA PRO F 212 8.36 11.74 8.10
C PRO F 212 8.15 12.71 6.93
N ILE F 213 9.23 13.36 6.50
CA ILE F 213 9.17 14.31 5.37
C ILE F 213 8.74 13.62 4.06
N VAL F 214 9.31 12.44 3.79
CA VAL F 214 8.94 11.68 2.59
C VAL F 214 7.44 11.48 2.67
N GLY F 215 6.98 10.84 3.74
CA GLY F 215 5.56 10.60 3.94
C GLY F 215 4.70 11.85 3.81
N GLY F 216 5.12 12.95 4.42
CA GLY F 216 4.35 14.18 4.32
C GLY F 216 4.26 14.65 2.90
N ILE F 217 5.35 14.52 2.14
CA ILE F 217 5.34 14.93 0.74
C ILE F 217 4.36 14.08 -0.06
N ILE F 218 4.46 12.76 0.09
CA ILE F 218 3.56 11.84 -0.60
C ILE F 218 2.15 12.32 -0.29
N GLY F 219 1.91 12.61 0.99
CA GLY F 219 0.61 13.07 1.43
C GLY F 219 0.05 14.28 0.71
N GLY F 220 0.86 15.33 0.56
CA GLY F 220 0.42 16.52 -0.12
C GLY F 220 0.16 16.19 -1.57
N LEU F 221 1.06 15.43 -2.18
CA LEU F 221 0.93 15.02 -3.57
C LEU F 221 -0.40 14.32 -3.80
N ILE F 222 -0.79 13.44 -2.88
CA ILE F 222 -2.05 12.70 -2.96
C ILE F 222 -3.24 13.64 -3.01
N TYR F 223 -3.21 14.68 -2.17
CA TYR F 223 -4.31 15.63 -2.12
C TYR F 223 -4.25 16.56 -3.33
N ARG F 224 -3.03 16.89 -3.75
CA ARG F 224 -2.80 17.76 -4.91
C ARG F 224 -3.38 17.12 -6.17
N THR F 225 -3.03 15.85 -6.39
CA THR F 225 -3.46 15.05 -7.54
C THR F 225 -4.89 14.48 -7.46
N LEU F 226 -5.20 13.75 -6.39
CA LEU F 226 -6.51 13.13 -6.25
C LEU F 226 -7.52 13.89 -5.40
N LEU F 227 -7.10 15.01 -4.81
CA LEU F 227 -7.97 15.85 -3.94
C LEU F 227 -8.87 14.98 -3.05
N MET G 1 -45.12 19.34 17.37
CA MET G 1 -44.95 18.99 18.79
C MET G 1 -44.44 17.57 18.91
N PHE G 2 -44.97 16.68 18.08
CA PHE G 2 -44.56 15.27 18.12
C PHE G 2 -43.06 15.16 17.92
N ARG G 3 -42.53 15.88 16.93
CA ARG G 3 -41.10 15.87 16.65
C ARG G 3 -40.36 16.24 17.93
N LYS G 4 -40.76 17.37 18.54
CA LYS G 4 -40.16 17.86 19.78
C LYS G 4 -40.19 16.76 20.84
N LEU G 5 -41.30 16.02 20.88
CA LEU G 5 -41.48 14.93 21.83
C LEU G 5 -40.63 13.72 21.48
N ALA G 6 -40.57 13.40 20.19
CA ALA G 6 -39.79 12.29 19.71
C ALA G 6 -38.31 12.62 19.91
N ALA G 7 -37.96 13.85 19.53
CA ALA G 7 -36.59 14.33 19.66
C ALA G 7 -36.13 14.11 21.09
N GLU G 8 -36.90 14.66 22.02
CA GLU G 8 -36.58 14.53 23.42
C GLU G 8 -36.55 13.08 23.91
N CYS G 9 -37.44 12.24 23.37
CA CYS G 9 -37.43 10.86 23.82
C CYS G 9 -36.19 10.12 23.30
N PHE G 10 -35.94 10.17 22.00
CA PHE G 10 -34.77 9.48 21.48
C PHE G 10 -33.48 9.99 22.12
N GLY G 11 -33.39 11.30 22.32
CA GLY G 11 -32.21 11.88 22.96
C GLY G 11 -31.95 11.31 24.35
N THR G 12 -32.99 11.23 25.18
CA THR G 12 -32.89 10.69 26.54
C THR G 12 -32.57 9.21 26.56
N PHE G 13 -33.09 8.52 25.56
CA PHE G 13 -32.82 7.10 25.41
C PHE G 13 -31.34 6.98 25.12
N TRP G 14 -30.86 7.86 24.25
CA TRP G 14 -29.46 7.91 23.85
C TRP G 14 -28.63 8.21 25.09
N LEU G 15 -29.12 9.15 25.88
CA LEU G 15 -28.42 9.54 27.10
C LEU G 15 -28.24 8.40 28.08
N VAL G 16 -29.35 7.76 28.47
CA VAL G 16 -29.31 6.64 29.41
C VAL G 16 -28.56 5.43 28.87
N PHE G 17 -28.80 5.10 27.61
CA PHE G 17 -28.16 3.96 27.00
C PHE G 17 -26.65 4.22 27.01
N GLY G 18 -26.22 5.32 26.37
CA GLY G 18 -24.79 5.63 26.31
C GLY G 18 -24.09 5.77 27.65
N GLY G 19 -24.63 6.65 28.49
CA GLY G 19 -24.05 6.90 29.79
C GLY G 19 -24.12 5.68 30.67
N CYS G 20 -25.31 5.32 31.15
CA CYS G 20 -25.45 4.16 32.02
C CYS G 20 -24.91 2.89 31.35
N GLY G 21 -25.17 2.77 30.05
CA GLY G 21 -24.73 1.60 29.32
C GLY G 21 -23.23 1.37 29.40
N SER G 22 -22.48 2.47 29.37
CA SER G 22 -21.04 2.42 29.42
C SER G 22 -20.55 2.04 30.80
N ALA G 23 -21.20 2.62 31.80
CA ALA G 23 -20.86 2.37 33.19
C ALA G 23 -21.23 0.95 33.61
N VAL G 24 -22.27 0.40 32.99
CA VAL G 24 -22.73 -0.95 33.29
C VAL G 24 -22.01 -2.04 32.49
N LEU G 25 -21.41 -1.66 31.37
CA LEU G 25 -20.70 -2.63 30.54
C LEU G 25 -19.18 -2.44 30.37
N ALA G 26 -18.69 -1.20 30.45
CA ALA G 26 -17.25 -1.01 30.24
C ALA G 26 -16.45 -0.33 31.34
N ALA G 27 -17.11 0.48 32.16
CA ALA G 27 -16.47 1.21 33.25
C ALA G 27 -15.42 0.42 34.05
N GLY G 28 -15.80 -0.76 34.53
CA GLY G 28 -14.84 -1.55 35.30
C GLY G 28 -14.28 -2.74 34.55
N PHE G 29 -14.44 -2.80 33.23
CA PHE G 29 -13.92 -3.94 32.49
C PHE G 29 -12.51 -4.26 32.97
N PRO G 30 -12.21 -5.55 33.17
CA PRO G 30 -10.90 -5.98 33.63
C PRO G 30 -9.71 -5.03 33.47
N GLU G 31 -8.84 -5.29 32.49
CA GLU G 31 -7.65 -4.48 32.33
C GLU G 31 -7.80 -3.28 31.41
N LEU G 32 -8.97 -3.14 30.80
CA LEU G 32 -9.16 -2.06 29.84
C LEU G 32 -10.44 -1.26 30.03
N GLY G 33 -11.05 -1.39 31.22
CA GLY G 33 -12.28 -0.67 31.52
C GLY G 33 -12.10 0.80 31.26
N ILE G 34 -13.18 1.57 31.15
CA ILE G 34 -13.03 2.99 30.89
C ILE G 34 -13.08 3.81 32.16
N GLY G 35 -13.11 3.13 33.30
CA GLY G 35 -13.14 3.82 34.57
C GLY G 35 -14.20 4.92 34.60
N PHE G 36 -14.18 5.70 35.67
CA PHE G 36 -15.13 6.80 35.84
C PHE G 36 -15.07 7.79 34.70
N ALA G 37 -13.90 8.41 34.55
CA ALA G 37 -13.64 9.36 33.49
C ALA G 37 -14.36 8.89 32.24
N GLY G 38 -14.14 7.61 31.92
CA GLY G 38 -14.73 7.00 30.74
C GLY G 38 -16.24 7.18 30.65
N VAL G 39 -16.92 6.93 31.76
CA VAL G 39 -18.37 7.08 31.80
C VAL G 39 -18.66 8.57 31.66
N ALA G 40 -17.83 9.37 32.31
CA ALA G 40 -17.99 10.81 32.25
C ALA G 40 -17.96 11.29 30.81
N LEU G 41 -16.94 10.91 30.07
CA LEU G 41 -16.88 11.34 28.70
C LEU G 41 -18.10 10.84 27.94
N ALA G 42 -18.43 9.56 28.10
CA ALA G 42 -19.58 8.97 27.40
C ALA G 42 -20.88 9.73 27.67
N PHE G 43 -21.13 10.01 28.94
CA PHE G 43 -22.34 10.71 29.36
C PHE G 43 -22.54 12.08 28.70
N GLY G 44 -21.52 12.92 28.78
CA GLY G 44 -21.64 14.22 28.15
C GLY G 44 -21.72 14.14 26.64
N LEU G 45 -21.18 13.05 26.07
CA LEU G 45 -21.17 12.86 24.61
C LEU G 45 -22.55 12.51 24.05
N THR G 46 -23.32 11.72 24.80
CA THR G 46 -24.66 11.35 24.37
C THR G 46 -25.38 12.67 24.16
N VAL G 47 -25.11 13.60 25.06
CA VAL G 47 -25.72 14.92 25.01
C VAL G 47 -25.19 15.72 23.84
N LEU G 48 -23.88 15.95 23.80
CA LEU G 48 -23.26 16.73 22.73
C LEU G 48 -23.80 16.29 21.37
N THR G 49 -23.77 14.98 21.11
CA THR G 49 -24.23 14.41 19.85
C THR G 49 -25.71 14.62 19.54
N MET G 50 -26.58 14.28 20.48
CA MET G 50 -28.01 14.47 20.26
C MET G 50 -28.34 15.96 20.17
N ALA G 51 -27.69 16.75 21.03
CA ALA G 51 -27.89 18.20 21.07
C ALA G 51 -27.64 18.82 19.71
N PHE G 52 -26.83 18.15 18.89
CA PHE G 52 -26.54 18.63 17.54
C PHE G 52 -27.59 18.01 16.61
N ALA G 53 -27.69 16.68 16.69
CA ALA G 53 -28.61 15.90 15.88
C ALA G 53 -30.06 16.38 15.91
N VAL G 54 -30.68 16.31 17.09
CA VAL G 54 -32.08 16.73 17.24
C VAL G 54 -32.26 17.92 18.18
N GLY G 55 -31.22 18.72 18.32
CA GLY G 55 -31.33 19.89 19.17
C GLY G 55 -32.15 20.92 18.43
N HIS G 56 -31.98 20.95 17.12
CA HIS G 56 -32.69 21.89 16.28
C HIS G 56 -34.17 21.54 16.18
N ILE G 57 -34.63 20.65 17.04
CA ILE G 57 -36.03 20.24 17.00
C ILE G 57 -36.78 20.41 18.30
N SER G 58 -36.28 19.81 19.37
CA SER G 58 -36.93 19.89 20.67
C SER G 58 -36.16 20.75 21.66
N GLY G 59 -35.06 21.34 21.20
CA GLY G 59 -34.25 22.18 22.08
C GLY G 59 -33.07 21.43 22.68
N GLY G 60 -33.16 20.11 22.69
CA GLY G 60 -32.09 19.29 23.24
C GLY G 60 -32.00 19.32 24.75
N HIS G 61 -33.04 18.87 25.45
CA HIS G 61 -32.98 18.86 26.91
C HIS G 61 -32.55 17.49 27.36
N PHE G 62 -33.37 16.49 27.06
CA PHE G 62 -33.06 15.10 27.42
C PHE G 62 -33.05 14.87 28.93
N ASN G 63 -33.13 15.96 29.69
CA ASN G 63 -33.12 15.86 31.15
C ASN G 63 -34.26 16.71 31.68
N PRO G 64 -35.11 16.12 32.56
CA PRO G 64 -36.25 16.84 33.14
C PRO G 64 -35.83 18.10 33.89
N ALA G 65 -34.76 18.01 34.66
CA ALA G 65 -34.26 19.16 35.40
C ALA G 65 -33.79 20.28 34.46
N VAL G 66 -33.45 19.94 33.22
CA VAL G 66 -33.01 20.94 32.24
C VAL G 66 -34.22 21.67 31.66
N THR G 67 -35.29 20.93 31.40
CA THR G 67 -36.51 21.50 30.86
C THR G 67 -37.09 22.47 31.89
N ILE G 68 -37.30 21.99 33.11
CA ILE G 68 -37.83 22.80 34.19
C ILE G 68 -36.89 23.97 34.50
N GLY G 69 -35.59 23.70 34.44
CA GLY G 69 -34.61 24.74 34.71
C GLY G 69 -34.72 25.85 33.68
N LEU G 70 -35.02 25.47 32.44
CA LEU G 70 -35.16 26.46 31.38
C LEU G 70 -36.41 27.26 31.64
N TRP G 71 -37.46 26.57 32.07
CA TRP G 71 -38.72 27.24 32.37
C TRP G 71 -38.49 28.30 33.44
N ALA G 72 -37.89 27.87 34.55
CA ALA G 72 -37.59 28.73 35.68
C ALA G 72 -36.87 29.99 35.19
N GLY G 73 -35.80 29.78 34.41
CA GLY G 73 -35.06 30.91 33.87
C GLY G 73 -35.91 31.66 32.88
N GLY G 74 -37.00 31.02 32.47
CA GLY G 74 -37.92 31.64 31.54
C GLY G 74 -37.48 31.59 30.09
N ARG G 75 -37.21 30.37 29.61
CA ARG G 75 -36.79 30.18 28.24
C ARG G 75 -37.68 29.14 27.60
N PHE G 76 -38.23 28.25 28.42
CA PHE G 76 -39.10 27.19 27.93
C PHE G 76 -40.56 27.41 28.31
N PRO G 77 -41.47 27.28 27.33
CA PRO G 77 -42.90 27.46 27.57
C PRO G 77 -43.40 26.50 28.63
N ALA G 78 -43.94 27.04 29.72
CA ALA G 78 -44.44 26.23 30.82
C ALA G 78 -45.41 25.20 30.27
N LYS G 79 -46.17 25.61 29.26
CA LYS G 79 -47.17 24.76 28.62
C LYS G 79 -46.67 23.52 27.88
N GLU G 80 -45.35 23.28 27.89
CA GLU G 80 -44.78 22.11 27.22
C GLU G 80 -43.98 21.22 28.15
N VAL G 81 -43.57 21.77 29.29
CA VAL G 81 -42.78 21.06 30.30
C VAL G 81 -43.09 19.57 30.47
N VAL G 82 -44.21 19.28 31.13
CA VAL G 82 -44.64 17.91 31.41
C VAL G 82 -44.59 17.00 30.19
N GLY G 83 -44.94 17.53 29.02
CA GLY G 83 -44.92 16.71 27.82
C GLY G 83 -43.51 16.19 27.63
N TYR G 84 -42.55 17.10 27.65
CA TYR G 84 -41.15 16.76 27.51
C TYR G 84 -40.76 15.75 28.59
N VAL G 85 -41.05 16.10 29.84
CA VAL G 85 -40.73 15.24 30.99
C VAL G 85 -41.18 13.80 30.80
N ILE G 86 -42.38 13.63 30.23
CA ILE G 86 -42.89 12.29 30.00
C ILE G 86 -41.96 11.61 28.99
N ALA G 87 -41.93 12.14 27.77
CA ALA G 87 -41.07 11.62 26.69
C ALA G 87 -39.68 11.21 27.19
N GLN G 88 -39.11 12.07 28.03
CA GLN G 88 -37.81 11.83 28.60
C GLN G 88 -37.82 10.59 29.47
N VAL G 89 -38.66 10.59 30.49
CA VAL G 89 -38.73 9.43 31.37
C VAL G 89 -38.98 8.14 30.60
N VAL G 90 -39.91 8.20 29.65
CA VAL G 90 -40.21 7.01 28.84
C VAL G 90 -38.90 6.55 28.17
N GLY G 91 -38.33 7.39 27.31
CA GLY G 91 -37.09 7.04 26.64
C GLY G 91 -36.02 6.41 27.53
N GLY G 92 -35.70 7.09 28.63
CA GLY G 92 -34.70 6.59 29.56
C GLY G 92 -34.96 5.17 30.00
N ILE G 93 -36.23 4.87 30.28
CA ILE G 93 -36.64 3.54 30.73
C ILE G 93 -36.46 2.51 29.62
N VAL G 94 -36.95 2.83 28.43
CA VAL G 94 -36.83 1.93 27.27
C VAL G 94 -35.36 1.55 27.16
N ALA G 95 -34.49 2.54 27.38
CA ALA G 95 -33.06 2.31 27.31
C ALA G 95 -32.63 1.34 28.41
N ALA G 96 -33.04 1.64 29.65
CA ALA G 96 -32.73 0.81 30.81
C ALA G 96 -33.16 -0.61 30.54
N ALA G 97 -34.26 -0.73 29.79
CA ALA G 97 -34.80 -2.02 29.42
C ALA G 97 -33.77 -2.77 28.60
N LEU G 98 -33.52 -2.23 27.41
CA LEU G 98 -32.55 -2.80 26.48
C LEU G 98 -31.19 -3.01 27.10
N LEU G 99 -30.73 -2.01 27.85
CA LEU G 99 -29.44 -2.09 28.51
C LEU G 99 -29.47 -3.26 29.49
N TYR G 100 -30.60 -3.44 30.16
CA TYR G 100 -30.78 -4.52 31.12
C TYR G 100 -30.64 -5.87 30.42
N LEU G 101 -31.34 -5.98 29.30
CA LEU G 101 -31.37 -7.18 28.46
C LEU G 101 -29.96 -7.55 28.02
N ILE G 102 -29.31 -6.60 27.36
CA ILE G 102 -27.96 -6.75 26.85
C ILE G 102 -26.98 -7.17 27.93
N ALA G 103 -27.06 -6.49 29.07
CA ALA G 103 -26.18 -6.74 30.21
C ALA G 103 -26.26 -8.18 30.72
N SER G 104 -27.43 -8.76 30.57
CA SER G 104 -27.68 -10.12 31.02
C SER G 104 -27.05 -11.19 30.12
N GLY G 105 -26.53 -10.76 28.97
CA GLY G 105 -25.90 -11.70 28.06
C GLY G 105 -24.60 -12.22 28.60
N LYS G 106 -24.08 -11.53 29.61
CA LYS G 106 -22.82 -11.91 30.25
C LYS G 106 -23.10 -12.69 31.52
N THR G 107 -22.63 -13.93 31.57
CA THR G 107 -22.82 -14.79 32.72
C THR G 107 -22.30 -14.14 34.00
N GLY G 108 -23.08 -14.24 35.06
CA GLY G 108 -22.68 -13.66 36.33
C GLY G 108 -23.24 -12.27 36.59
N PHE G 109 -23.93 -11.68 35.62
CA PHE G 109 -24.50 -10.33 35.80
C PHE G 109 -25.63 -10.31 36.82
N ASP G 110 -25.72 -9.23 37.60
CA ASP G 110 -26.78 -9.07 38.60
C ASP G 110 -27.18 -7.62 38.83
N ALA G 111 -28.22 -7.18 38.12
CA ALA G 111 -28.70 -5.82 38.23
C ALA G 111 -28.75 -5.29 39.67
N ALA G 112 -29.56 -5.92 40.51
CA ALA G 112 -29.71 -5.49 41.91
C ALA G 112 -28.41 -5.43 42.70
N ALA G 113 -27.64 -6.50 42.64
CA ALA G 113 -26.37 -6.56 43.36
C ALA G 113 -25.38 -5.52 42.87
N SER G 114 -25.20 -5.43 41.55
CA SER G 114 -24.28 -4.48 40.97
C SER G 114 -24.75 -3.04 41.20
N GLY G 115 -26.07 -2.82 41.14
CA GLY G 115 -26.59 -1.49 41.34
C GLY G 115 -26.99 -0.89 40.01
N PHE G 116 -26.87 -1.68 38.95
CA PHE G 116 -27.24 -1.26 37.59
C PHE G 116 -27.07 0.24 37.37
N ALA G 117 -25.93 0.77 37.82
CA ALA G 117 -25.59 2.18 37.69
C ALA G 117 -26.63 3.17 38.22
N SER G 118 -27.23 2.85 39.36
CA SER G 118 -28.23 3.72 39.95
C SER G 118 -27.56 4.69 40.92
N ASN G 119 -28.21 5.84 41.12
CA ASN G 119 -27.73 6.89 42.01
C ASN G 119 -28.15 6.64 43.47
N GLY G 120 -27.26 6.92 44.41
CA GLY G 120 -27.55 6.73 45.81
C GLY G 120 -26.67 7.63 46.65
N TYR G 121 -26.58 7.34 47.95
CA TYR G 121 -25.73 8.15 48.83
C TYR G 121 -25.59 7.42 50.15
N GLY G 122 -24.36 7.40 50.67
CA GLY G 122 -24.10 6.74 51.94
C GLY G 122 -24.57 5.31 51.91
N GLU G 123 -23.63 4.38 52.07
CA GLU G 123 -24.01 2.97 52.02
C GLU G 123 -24.47 2.65 50.61
N HIS G 124 -24.70 3.70 49.84
CA HIS G 124 -25.13 3.55 48.47
C HIS G 124 -24.36 4.51 47.56
N SER G 125 -23.50 5.32 48.19
CA SER G 125 -22.65 6.26 47.48
C SER G 125 -21.40 5.48 47.08
N PRO G 126 -21.01 5.53 45.79
CA PRO G 126 -19.82 4.80 45.33
C PRO G 126 -18.64 4.92 46.31
N GLY G 127 -18.45 6.10 46.88
CA GLY G 127 -17.38 6.30 47.83
C GLY G 127 -17.87 6.42 49.25
N GLY G 128 -19.12 6.00 49.46
CA GLY G 128 -19.73 6.06 50.78
C GLY G 128 -19.76 7.46 51.36
N TYR G 129 -20.28 8.41 50.61
CA TYR G 129 -20.35 9.80 51.07
C TYR G 129 -21.64 10.08 51.83
N SER G 130 -21.60 11.11 52.68
CA SER G 130 -22.78 11.50 53.48
C SER G 130 -23.91 11.98 52.56
N MET G 131 -25.13 12.00 53.09
CA MET G 131 -26.25 12.47 52.30
C MET G 131 -26.09 13.97 52.12
N LEU G 132 -25.56 14.62 53.15
CA LEU G 132 -25.35 16.05 53.10
C LEU G 132 -24.46 16.32 51.89
N SER G 133 -23.43 15.49 51.73
CA SER G 133 -22.49 15.62 50.62
C SER G 133 -23.21 15.44 49.30
N ALA G 134 -24.01 14.39 49.22
CA ALA G 134 -24.78 14.09 48.02
C ALA G 134 -25.64 15.29 47.71
N LEU G 135 -26.17 15.89 48.76
CA LEU G 135 -27.05 17.04 48.62
C LEU G 135 -26.35 18.26 48.08
N VAL G 136 -25.23 18.62 48.68
CA VAL G 136 -24.53 19.81 48.23
C VAL G 136 -23.99 19.66 46.81
N VAL G 137 -23.37 18.52 46.53
CA VAL G 137 -22.82 18.27 45.21
C VAL G 137 -23.87 18.31 44.13
N GLU G 138 -24.84 17.41 44.22
CA GLU G 138 -25.89 17.33 43.23
C GLU G 138 -26.57 18.69 42.99
N LEU G 139 -26.65 19.49 44.06
CA LEU G 139 -27.28 20.80 43.99
C LEU G 139 -26.44 21.83 43.23
N VAL G 140 -25.17 21.95 43.61
CA VAL G 140 -24.24 22.90 42.97
C VAL G 140 -24.12 22.63 41.47
N LEU G 141 -23.73 21.40 41.14
CA LEU G 141 -23.56 20.97 39.75
C LEU G 141 -24.84 21.17 38.94
N SER G 142 -25.96 20.68 39.45
CA SER G 142 -27.23 20.84 38.75
C SER G 142 -27.37 22.31 38.37
N ALA G 143 -27.36 23.17 39.38
CA ALA G 143 -27.46 24.60 39.15
C ALA G 143 -26.48 25.03 38.07
N GLY G 144 -25.19 24.82 38.35
CA GLY G 144 -24.15 25.17 37.39
C GLY G 144 -24.47 24.65 36.01
N PHE G 145 -24.88 23.39 35.93
CA PHE G 145 -25.20 22.80 34.63
C PHE G 145 -26.24 23.66 33.92
N LEU G 146 -27.26 24.11 34.64
CA LEU G 146 -28.30 24.95 34.04
C LEU G 146 -27.79 26.33 33.66
N LEU G 147 -26.94 26.89 34.53
CA LEU G 147 -26.36 28.21 34.28
C LEU G 147 -25.55 28.15 32.98
N VAL G 148 -24.75 27.10 32.82
CA VAL G 148 -23.95 26.94 31.61
C VAL G 148 -24.91 26.82 30.43
N ILE G 149 -26.01 26.08 30.63
CA ILE G 149 -26.99 25.90 29.57
C ILE G 149 -27.52 27.24 29.11
N HIS G 150 -27.97 28.05 30.07
CA HIS G 150 -28.51 29.38 29.80
C HIS G 150 -27.49 30.30 29.17
N GLY G 151 -26.28 30.29 29.70
CA GLY G 151 -25.23 31.15 29.18
C GLY G 151 -24.82 30.78 27.77
N ALA G 152 -24.77 29.49 27.50
CA ALA G 152 -24.38 28.97 26.19
C ALA G 152 -25.44 29.16 25.11
N THR G 153 -26.66 29.47 25.53
CA THR G 153 -27.78 29.67 24.63
C THR G 153 -28.19 31.12 24.53
N ASP G 154 -27.58 31.97 25.34
CA ASP G 154 -27.89 33.39 25.32
C ASP G 154 -27.60 33.85 23.89
N LYS G 155 -28.48 34.66 23.35
CA LYS G 155 -28.33 35.17 22.00
C LYS G 155 -26.95 35.78 21.75
N PHE G 156 -26.19 35.99 22.82
CA PHE G 156 -24.86 36.60 22.71
C PHE G 156 -23.67 35.67 22.74
N ALA G 157 -23.90 34.39 23.02
CA ALA G 157 -22.82 33.42 23.06
C ALA G 157 -22.55 32.92 21.65
N PRO G 158 -21.39 32.28 21.43
CA PRO G 158 -20.98 31.74 20.14
C PRO G 158 -22.06 30.81 19.56
N ALA G 159 -22.54 31.14 18.36
CA ALA G 159 -23.58 30.36 17.71
C ALA G 159 -23.18 28.96 17.24
N GLY G 160 -24.02 27.98 17.59
CA GLY G 160 -23.78 26.61 17.19
C GLY G 160 -22.94 25.77 18.13
N PHE G 161 -22.22 26.45 19.02
CA PHE G 161 -21.34 25.79 19.98
C PHE G 161 -22.04 25.31 21.23
N ALA G 162 -23.30 25.69 21.42
CA ALA G 162 -24.04 25.28 22.61
C ALA G 162 -23.85 23.81 22.98
N PRO G 163 -24.15 22.87 22.03
CA PRO G 163 -24.03 21.43 22.21
C PRO G 163 -22.68 21.00 22.76
N ILE G 164 -21.62 21.59 22.20
CA ILE G 164 -20.27 21.29 22.63
C ILE G 164 -20.12 21.70 24.09
N ALA G 165 -20.62 22.89 24.41
CA ALA G 165 -20.53 23.41 25.77
C ALA G 165 -21.30 22.53 26.76
N ILE G 166 -22.63 22.50 26.61
CA ILE G 166 -23.47 21.70 27.50
C ILE G 166 -23.02 20.24 27.64
N GLY G 167 -22.68 19.59 26.55
CA GLY G 167 -22.25 18.21 26.63
C GLY G 167 -21.06 18.04 27.56
N LEU G 168 -19.97 18.72 27.25
CA LEU G 168 -18.75 18.66 28.05
C LEU G 168 -19.02 19.14 29.48
N ALA G 169 -20.07 19.93 29.65
CA ALA G 169 -20.46 20.41 30.97
C ALA G 169 -20.87 19.19 31.77
N LEU G 170 -21.61 18.28 31.14
CA LEU G 170 -22.07 17.07 31.82
C LEU G 170 -20.95 16.06 32.03
N THR G 171 -19.87 16.20 31.25
CA THR G 171 -18.73 15.30 31.38
C THR G 171 -17.90 15.86 32.53
N LEU G 172 -17.85 17.18 32.62
CA LEU G 172 -17.14 17.82 33.69
C LEU G 172 -17.85 17.35 34.97
N ILE G 173 -19.16 17.52 35.02
CA ILE G 173 -19.97 17.13 36.17
C ILE G 173 -19.74 15.70 36.65
N HIS G 174 -19.72 14.74 35.73
CA HIS G 174 -19.51 13.35 36.12
C HIS G 174 -18.09 13.15 36.62
N LEU G 175 -17.14 13.91 36.08
CA LEU G 175 -15.75 13.81 36.51
C LEU G 175 -15.63 14.24 37.98
N ILE G 176 -16.53 15.12 38.40
CA ILE G 176 -16.51 15.64 39.76
C ILE G 176 -17.28 14.88 40.81
N SER G 177 -18.42 14.33 40.44
CA SER G 177 -19.27 13.72 41.48
C SER G 177 -19.76 12.29 41.25
N ILE G 178 -19.04 11.43 40.55
CA ILE G 178 -19.45 10.04 40.44
C ILE G 178 -19.16 9.35 41.79
N PRO G 179 -17.96 9.59 42.37
CA PRO G 179 -17.66 8.94 43.65
C PRO G 179 -18.67 9.28 44.76
N VAL G 180 -19.31 10.44 44.65
CA VAL G 180 -20.29 10.87 45.64
C VAL G 180 -21.64 10.21 45.48
N THR G 181 -22.39 10.65 44.47
CA THR G 181 -23.71 10.11 44.22
C THR G 181 -23.76 9.27 42.95
N ASN G 182 -22.60 9.07 42.32
CA ASN G 182 -22.49 8.32 41.05
C ASN G 182 -23.03 9.25 39.93
N THR G 183 -23.26 10.51 40.31
CA THR G 183 -23.77 11.62 39.47
C THR G 183 -25.14 11.43 38.83
N SER G 184 -26.11 12.22 39.26
CA SER G 184 -27.44 12.17 38.68
C SER G 184 -27.66 13.45 37.89
N VAL G 185 -28.14 14.48 38.57
CA VAL G 185 -28.39 15.74 37.89
C VAL G 185 -29.39 15.51 36.78
N ASN G 186 -30.02 14.35 36.80
CA ASN G 186 -31.00 14.00 35.80
C ASN G 186 -32.00 13.00 36.37
N PRO G 187 -33.23 13.46 36.64
CA PRO G 187 -34.30 12.63 37.18
C PRO G 187 -34.64 11.43 36.30
N ALA G 188 -34.88 11.67 35.02
CA ALA G 188 -35.22 10.59 34.10
C ALA G 188 -34.12 9.50 34.08
N ARG G 189 -32.86 9.92 34.06
CA ARG G 189 -31.75 8.98 34.02
C ARG G 189 -31.81 8.14 35.28
N SER G 190 -31.82 8.80 36.48
CA SER G 190 -31.87 8.10 37.78
C SER G 190 -33.01 7.08 37.84
N THR G 191 -34.17 7.49 37.36
CA THR G 191 -35.35 6.65 37.35
C THR G 191 -35.11 5.34 36.62
N ALA G 192 -34.93 5.42 35.30
CA ALA G 192 -34.71 4.28 34.45
C ALA G 192 -33.92 3.11 35.08
N VAL G 193 -32.63 3.30 35.37
CA VAL G 193 -31.86 2.22 35.98
C VAL G 193 -32.39 1.81 37.35
N ALA G 194 -32.81 2.79 38.14
CA ALA G 194 -33.35 2.53 39.49
C ALA G 194 -34.37 1.40 39.46
N ILE G 195 -35.37 1.58 38.59
CA ILE G 195 -36.44 0.64 38.37
C ILE G 195 -35.90 -0.79 38.23
N PHE G 196 -34.83 -0.98 37.44
CA PHE G 196 -34.26 -2.32 37.23
C PHE G 196 -33.30 -2.79 38.31
N GLN G 197 -32.83 -1.90 39.13
CA GLN G 197 -32.16 -2.37 40.34
C GLN G 197 -33.21 -2.93 41.29
N GLY G 198 -34.40 -2.41 41.24
CA GLY G 198 -35.45 -2.98 42.10
C GLY G 198 -35.43 -2.62 43.62
N GLY G 199 -34.29 -2.30 44.15
CA GLY G 199 -34.23 -2.11 45.56
C GLY G 199 -34.15 -0.69 46.09
N TRP G 200 -33.08 -0.46 46.84
CA TRP G 200 -32.80 0.83 47.44
C TRP G 200 -32.73 1.93 46.38
N ALA G 201 -32.48 1.53 45.15
CA ALA G 201 -32.38 2.46 44.03
C ALA G 201 -33.66 3.26 43.99
N LEU G 202 -34.78 2.56 44.12
CA LEU G 202 -36.08 3.20 44.11
C LEU G 202 -36.27 3.88 45.48
N GLU G 203 -35.71 3.25 46.51
CA GLU G 203 -35.80 3.77 47.87
C GLU G 203 -35.29 5.21 48.00
N GLN G 204 -34.27 5.56 47.22
CA GLN G 204 -33.71 6.90 47.28
C GLN G 204 -34.06 7.72 46.05
N LEU G 205 -34.70 7.09 45.07
CA LEU G 205 -35.04 7.76 43.81
C LEU G 205 -35.66 9.16 43.92
N TRP G 206 -36.41 9.43 44.99
CA TRP G 206 -37.03 10.73 45.16
C TRP G 206 -35.99 11.83 45.25
N PHE G 207 -34.95 11.56 46.03
CA PHE G 207 -33.83 12.45 46.29
C PHE G 207 -33.29 13.04 44.99
N PHE G 208 -33.11 12.17 43.99
CA PHE G 208 -32.59 12.53 42.69
C PHE G 208 -33.61 13.14 41.73
N TRP G 209 -34.82 13.40 42.23
CA TRP G 209 -35.85 14.05 41.45
C TRP G 209 -35.89 15.48 42.00
N VAL G 210 -36.04 15.57 43.33
CA VAL G 210 -36.12 16.82 44.08
C VAL G 210 -34.87 17.69 44.01
N VAL G 211 -33.77 17.21 44.58
CA VAL G 211 -32.53 17.95 44.60
C VAL G 211 -32.14 18.50 43.23
N PRO G 212 -32.16 17.65 42.18
CA PRO G 212 -31.80 18.03 40.81
C PRO G 212 -32.67 19.11 40.17
N ILE G 213 -33.98 19.04 40.36
CA ILE G 213 -34.87 20.03 39.78
C ILE G 213 -34.82 21.35 40.55
N VAL G 214 -34.48 21.24 41.83
CA VAL G 214 -34.35 22.43 42.68
C VAL G 214 -33.11 23.15 42.15
N GLY G 215 -32.00 22.41 42.15
CA GLY G 215 -30.74 22.95 41.66
C GLY G 215 -30.88 23.57 40.29
N GLY G 216 -31.57 22.88 39.39
CA GLY G 216 -31.75 23.39 38.04
C GLY G 216 -32.49 24.72 38.04
N ILE G 217 -33.46 24.85 38.93
CA ILE G 217 -34.25 26.08 39.03
C ILE G 217 -33.40 27.20 39.62
N ILE G 218 -32.63 26.89 40.65
CA ILE G 218 -31.74 27.88 41.25
C ILE G 218 -30.83 28.38 40.14
N GLY G 219 -30.19 27.43 39.45
CA GLY G 219 -29.31 27.79 38.36
C GLY G 219 -29.98 28.67 37.32
N GLY G 220 -31.20 28.30 36.92
CA GLY G 220 -31.89 29.09 35.90
C GLY G 220 -32.21 30.50 36.33
N LEU G 221 -32.58 30.65 37.61
CA LEU G 221 -32.94 31.94 38.17
C LEU G 221 -31.70 32.79 38.41
N ILE G 222 -30.57 32.14 38.71
CA ILE G 222 -29.29 32.83 38.92
C ILE G 222 -28.91 33.56 37.63
N TYR G 223 -29.15 32.92 36.50
CA TYR G 223 -28.82 33.50 35.20
C TYR G 223 -29.89 34.47 34.75
N ARG G 224 -31.15 34.11 34.97
CA ARG G 224 -32.28 34.95 34.58
C ARG G 224 -32.23 36.30 35.28
N THR G 225 -31.85 36.26 36.56
CA THR G 225 -31.77 37.42 37.44
C THR G 225 -30.45 38.20 37.39
N LEU G 226 -29.34 37.50 37.66
CA LEU G 226 -28.02 38.12 37.71
C LEU G 226 -27.16 38.11 36.41
N LEU G 227 -27.17 36.98 35.70
CA LEU G 227 -26.43 36.77 34.44
C LEU G 227 -25.00 36.21 34.59
N MET H 1 -21.01 47.32 35.77
CA MET H 1 -19.98 46.29 35.71
C MET H 1 -20.27 45.18 36.71
N PHE H 2 -21.52 45.06 37.14
CA PHE H 2 -21.90 44.01 38.07
C PHE H 2 -22.01 42.70 37.31
N ARG H 3 -22.75 42.71 36.20
CA ARG H 3 -22.88 41.50 35.41
C ARG H 3 -21.50 40.90 35.21
N LYS H 4 -20.55 41.74 34.75
CA LYS H 4 -19.19 41.30 34.52
C LYS H 4 -18.60 40.59 35.73
N LEU H 5 -18.59 41.27 36.87
CA LEU H 5 -18.05 40.68 38.08
C LEU H 5 -18.84 39.45 38.49
N ALA H 6 -20.13 39.45 38.21
CA ALA H 6 -20.96 38.31 38.55
C ALA H 6 -20.45 37.08 37.79
N ALA H 7 -20.29 37.22 36.48
CA ALA H 7 -19.79 36.14 35.63
C ALA H 7 -18.42 35.73 36.14
N GLU H 8 -17.51 36.71 36.21
CA GLU H 8 -16.16 36.47 36.69
C GLU H 8 -16.09 35.74 38.03
N CYS H 9 -17.16 35.81 38.81
CA CYS H 9 -17.16 35.16 40.11
C CYS H 9 -17.64 33.73 39.99
N PHE H 10 -18.81 33.55 39.37
CA PHE H 10 -19.38 32.22 39.16
C PHE H 10 -18.40 31.35 38.39
N GLY H 11 -17.82 31.95 37.35
CA GLY H 11 -16.84 31.25 36.53
C GLY H 11 -15.73 30.66 37.39
N THR H 12 -15.01 31.52 38.13
CA THR H 12 -13.92 31.05 38.97
C THR H 12 -14.40 30.03 40.02
N PHE H 13 -15.67 30.09 40.34
CA PHE H 13 -16.24 29.14 41.30
C PHE H 13 -16.23 27.80 40.61
N TRP H 14 -16.83 27.78 39.42
CA TRP H 14 -16.95 26.60 38.58
C TRP H 14 -15.56 26.01 38.40
N LEU H 15 -14.59 26.88 38.08
CA LEU H 15 -13.22 26.46 37.86
C LEU H 15 -12.64 25.74 39.06
N VAL H 16 -12.58 26.42 40.20
CA VAL H 16 -12.03 25.79 41.40
C VAL H 16 -12.89 24.61 41.83
N PHE H 17 -14.21 24.75 41.77
CA PHE H 17 -15.10 23.67 42.20
C PHE H 17 -14.93 22.39 41.38
N GLY H 18 -15.00 22.53 40.06
CA GLY H 18 -14.84 21.39 39.18
C GLY H 18 -13.43 20.82 39.15
N GLY H 19 -12.44 21.70 39.11
CA GLY H 19 -11.06 21.26 39.06
C GLY H 19 -10.62 20.62 40.35
N CYS H 20 -10.49 21.43 41.39
CA CYS H 20 -10.06 20.93 42.69
C CYS H 20 -11.05 19.87 43.15
N GLY H 21 -12.31 20.05 42.80
CA GLY H 21 -13.34 19.09 43.15
C GLY H 21 -12.99 17.71 42.61
N SER H 22 -12.80 17.65 41.29
CA SER H 22 -12.45 16.40 40.61
C SER H 22 -11.16 15.83 41.22
N ALA H 23 -10.23 16.71 41.56
CA ALA H 23 -8.98 16.27 42.16
C ALA H 23 -9.22 15.60 43.50
N VAL H 24 -9.77 16.34 44.45
CA VAL H 24 -10.01 15.78 45.77
C VAL H 24 -10.99 14.60 45.76
N LEU H 25 -12.00 14.67 44.89
CA LEU H 25 -13.09 13.67 44.99
C LEU H 25 -12.92 12.44 44.11
N ALA H 26 -12.27 12.53 42.97
CA ALA H 26 -12.26 11.40 42.04
C ALA H 26 -10.89 11.06 41.43
N ALA H 27 -9.91 11.93 41.53
CA ALA H 27 -8.60 11.65 40.94
C ALA H 27 -8.02 10.27 41.28
N GLY H 28 -7.92 9.96 42.56
CA GLY H 28 -7.36 8.68 42.95
C GLY H 28 -8.38 7.75 43.56
N PHE H 29 -9.59 7.73 43.00
CA PHE H 29 -10.63 6.87 43.52
C PHE H 29 -10.16 5.43 43.42
N PRO H 30 -10.42 4.61 44.44
CA PRO H 30 -10.04 3.20 44.50
C PRO H 30 -9.57 2.51 43.22
N GLU H 31 -10.43 2.43 42.20
CA GLU H 31 -10.00 1.75 40.98
C GLU H 31 -10.66 2.26 39.71
N LEU H 32 -11.24 3.44 39.79
CA LEU H 32 -11.92 4.05 38.65
C LEU H 32 -11.65 5.53 38.63
N GLY H 33 -10.75 5.95 39.52
CA GLY H 33 -10.41 7.35 39.61
C GLY H 33 -10.12 7.95 38.25
N ILE H 34 -10.29 9.26 38.12
CA ILE H 34 -10.04 9.96 36.87
C ILE H 34 -8.57 10.28 36.67
N GLY H 35 -7.74 9.92 37.66
CA GLY H 35 -6.31 10.16 37.56
C GLY H 35 -5.89 11.59 37.26
N PHE H 36 -4.58 11.81 37.12
CA PHE H 36 -4.07 13.14 36.83
C PHE H 36 -4.70 13.74 35.60
N ALA H 37 -4.71 12.96 34.53
CA ALA H 37 -5.26 13.35 33.24
C ALA H 37 -6.73 13.71 33.35
N GLY H 38 -7.44 12.97 34.20
CA GLY H 38 -8.85 13.22 34.42
C GLY H 38 -9.00 14.62 34.96
N VAL H 39 -8.31 14.91 36.05
CA VAL H 39 -8.38 16.25 36.61
C VAL H 39 -8.07 17.21 35.47
N ALA H 40 -6.93 16.97 34.80
CA ALA H 40 -6.49 17.81 33.70
C ALA H 40 -7.63 18.13 32.73
N LEU H 41 -8.45 17.15 32.42
CA LEU H 41 -9.56 17.42 31.52
C LEU H 41 -10.53 18.35 32.23
N ALA H 42 -10.99 17.88 33.39
CA ALA H 42 -11.94 18.63 34.20
C ALA H 42 -11.62 20.11 34.26
N PHE H 43 -10.43 20.43 34.78
CA PHE H 43 -10.00 21.80 34.91
C PHE H 43 -10.24 22.58 33.62
N GLY H 44 -9.72 22.05 32.52
CA GLY H 44 -9.88 22.73 31.24
C GLY H 44 -11.32 22.81 30.80
N LEU H 45 -12.10 21.79 31.14
CA LEU H 45 -13.50 21.75 30.75
C LEU H 45 -14.29 22.84 31.44
N THR H 46 -13.91 23.18 32.68
CA THR H 46 -14.58 24.23 33.42
C THR H 46 -14.48 25.51 32.60
N VAL H 47 -13.23 25.89 32.34
CA VAL H 47 -12.93 27.09 31.57
C VAL H 47 -13.62 27.06 30.22
N LEU H 48 -13.60 25.92 29.55
CA LEU H 48 -14.26 25.84 28.24
C LEU H 48 -15.76 26.06 28.36
N THR H 49 -16.39 25.45 29.37
CA THR H 49 -17.83 25.62 29.53
C THR H 49 -18.24 27.01 29.97
N MET H 50 -17.52 27.60 30.92
CA MET H 50 -17.88 28.94 31.37
C MET H 50 -17.61 30.04 30.35
N ALA H 51 -16.57 29.85 29.53
CA ALA H 51 -16.21 30.83 28.52
C ALA H 51 -17.35 31.01 27.53
N PHE H 52 -18.01 29.90 27.22
CA PHE H 52 -19.14 29.94 26.31
C PHE H 52 -20.31 30.55 27.05
N ALA H 53 -20.58 30.01 28.23
CA ALA H 53 -21.68 30.45 29.06
C ALA H 53 -21.67 31.93 29.39
N VAL H 54 -20.61 32.40 30.04
CA VAL H 54 -20.55 33.81 30.44
C VAL H 54 -19.41 34.64 29.85
N GLY H 55 -18.56 34.04 29.02
CA GLY H 55 -17.48 34.80 28.42
C GLY H 55 -18.04 36.00 27.67
N HIS H 56 -19.24 35.84 27.13
CA HIS H 56 -19.91 36.90 26.38
C HIS H 56 -20.44 37.93 27.35
N ILE H 57 -19.89 37.94 28.56
CA ILE H 57 -20.33 38.87 29.60
C ILE H 57 -19.16 39.54 30.29
N SER H 58 -18.14 38.75 30.62
CA SER H 58 -16.98 39.27 31.32
C SER H 58 -15.68 39.05 30.58
N GLY H 59 -15.74 38.31 29.48
CA GLY H 59 -14.54 38.01 28.71
C GLY H 59 -13.92 36.71 29.19
N GLY H 60 -14.63 36.07 30.12
CA GLY H 60 -14.22 34.80 30.68
C GLY H 60 -12.76 34.67 31.08
N HIS H 61 -12.37 35.35 32.17
CA HIS H 61 -11.00 35.28 32.66
C HIS H 61 -10.89 34.17 33.70
N PHE H 62 -11.57 34.36 34.83
CA PHE H 62 -11.61 33.40 35.93
C PHE H 62 -10.21 33.12 36.49
N ASN H 63 -9.28 34.04 36.27
CA ASN H 63 -7.92 33.82 36.71
C ASN H 63 -7.10 35.12 36.78
N PRO H 64 -6.75 35.58 38.01
CA PRO H 64 -5.97 36.80 38.22
C PRO H 64 -4.83 36.99 37.21
N ALA H 65 -4.11 35.91 36.90
CA ALA H 65 -3.01 35.97 35.94
C ALA H 65 -3.51 36.12 34.51
N VAL H 66 -4.80 35.88 34.30
CA VAL H 66 -5.37 36.01 32.97
C VAL H 66 -5.92 37.42 32.76
N THR H 67 -6.20 38.11 33.86
CA THR H 67 -6.71 39.48 33.79
C THR H 67 -5.51 40.40 33.67
N ILE H 68 -4.58 40.23 34.60
CA ILE H 68 -3.37 41.04 34.61
C ILE H 68 -2.68 40.83 33.28
N GLY H 69 -2.68 39.58 32.81
CA GLY H 69 -2.05 39.26 31.55
C GLY H 69 -2.70 39.98 30.40
N LEU H 70 -4.01 39.88 30.27
CA LEU H 70 -4.73 40.57 29.20
C LEU H 70 -4.52 42.07 29.27
N TRP H 71 -4.35 42.60 30.47
CA TRP H 71 -4.11 44.02 30.62
C TRP H 71 -2.76 44.38 29.99
N ALA H 72 -1.72 43.66 30.38
CA ALA H 72 -0.36 43.89 29.87
C ALA H 72 -0.26 43.64 28.36
N GLY H 73 -1.07 42.70 27.87
CA GLY H 73 -1.09 42.38 26.45
C GLY H 73 -1.84 43.49 25.75
N GLY H 74 -2.55 44.28 26.55
CA GLY H 74 -3.29 45.41 26.03
C GLY H 74 -4.64 45.08 25.48
N ARG H 75 -5.40 44.27 26.20
CA ARG H 75 -6.73 43.90 25.75
C ARG H 75 -7.73 44.33 26.81
N PHE H 76 -7.27 44.37 28.05
CA PHE H 76 -8.10 44.72 29.18
C PHE H 76 -7.69 46.06 29.77
N PRO H 77 -8.68 46.87 30.22
CA PRO H 77 -8.50 48.20 30.82
C PRO H 77 -8.02 48.06 32.27
N ALA H 78 -6.89 48.68 32.61
CA ALA H 78 -6.37 48.56 33.95
C ALA H 78 -7.43 48.95 34.96
N LYS H 79 -8.37 49.78 34.53
CA LYS H 79 -9.45 50.22 35.41
C LYS H 79 -10.16 49.03 36.06
N GLU H 80 -10.76 48.19 35.24
CA GLU H 80 -11.51 47.05 35.72
C GLU H 80 -10.70 45.89 36.29
N VAL H 81 -9.37 46.02 36.33
CA VAL H 81 -8.49 44.94 36.82
C VAL H 81 -8.70 44.46 38.26
N VAL H 82 -8.38 45.30 39.23
CA VAL H 82 -8.53 44.95 40.64
C VAL H 82 -9.92 44.42 40.96
N GLY H 83 -10.92 44.91 40.24
CA GLY H 83 -12.29 44.48 40.45
C GLY H 83 -12.44 43.00 40.19
N TYR H 84 -12.03 42.60 38.99
CA TYR H 84 -12.08 41.20 38.56
C TYR H 84 -11.39 40.30 39.59
N VAL H 85 -10.09 40.47 39.75
CA VAL H 85 -9.33 39.66 40.69
C VAL H 85 -10.06 39.44 42.01
N ILE H 86 -10.67 40.49 42.56
CA ILE H 86 -11.39 40.37 43.82
C ILE H 86 -12.45 39.29 43.66
N ALA H 87 -13.35 39.51 42.70
CA ALA H 87 -14.44 38.59 42.40
C ALA H 87 -13.92 37.18 42.15
N GLN H 88 -12.85 37.07 41.37
CA GLN H 88 -12.26 35.77 41.05
C GLN H 88 -11.87 35.04 42.34
N VAL H 89 -11.08 35.68 43.20
CA VAL H 89 -10.65 35.05 44.44
C VAL H 89 -11.85 34.75 45.35
N VAL H 90 -12.81 35.65 45.39
CA VAL H 90 -13.99 35.45 46.23
C VAL H 90 -14.62 34.13 45.85
N GLY H 91 -15.22 34.11 44.66
CA GLY H 91 -15.89 32.94 44.15
C GLY H 91 -15.09 31.68 44.43
N GLY H 92 -13.81 31.72 44.08
CA GLY H 92 -12.94 30.57 44.31
C GLY H 92 -13.02 30.06 45.73
N ILE H 93 -12.87 30.95 46.71
CA ILE H 93 -12.93 30.53 48.10
C ILE H 93 -14.27 29.88 48.44
N VAL H 94 -15.35 30.45 47.92
CA VAL H 94 -16.69 29.94 48.14
C VAL H 94 -16.88 28.52 47.63
N ALA H 95 -16.07 28.17 46.64
CA ALA H 95 -16.12 26.84 46.06
C ALA H 95 -15.31 25.96 46.99
N ALA H 96 -14.10 26.41 47.27
CA ALA H 96 -13.21 25.69 48.16
C ALA H 96 -13.99 25.26 49.39
N ALA H 97 -14.75 26.21 49.93
CA ALA H 97 -15.57 25.97 51.11
C ALA H 97 -16.56 24.82 50.89
N LEU H 98 -17.40 24.96 49.87
CA LEU H 98 -18.39 23.93 49.58
C LEU H 98 -17.73 22.58 49.31
N LEU H 99 -16.63 22.60 48.54
CA LEU H 99 -15.88 21.39 48.21
C LEU H 99 -15.40 20.74 49.49
N TYR H 100 -14.92 21.57 50.40
CA TYR H 100 -14.41 21.10 51.68
C TYR H 100 -15.50 20.35 52.43
N LEU H 101 -16.69 20.96 52.46
CA LEU H 101 -17.85 20.39 53.13
C LEU H 101 -18.24 19.04 52.57
N ILE H 102 -18.17 18.93 51.23
CA ILE H 102 -18.51 17.71 50.54
C ILE H 102 -17.45 16.66 50.81
N ALA H 103 -16.19 17.07 50.73
CA ALA H 103 -15.06 16.17 50.94
C ALA H 103 -15.11 15.53 52.31
N SER H 104 -15.52 16.31 53.29
CA SER H 104 -15.59 15.86 54.67
C SER H 104 -16.67 14.79 54.84
N GLY H 105 -17.56 14.71 53.84
CA GLY H 105 -18.65 13.74 53.88
C GLY H 105 -18.24 12.28 53.82
N LYS H 106 -17.04 12.02 53.32
CA LYS H 106 -16.51 10.66 53.25
C LYS H 106 -15.60 10.48 54.46
N THR H 107 -15.78 9.38 55.17
CA THR H 107 -14.99 9.12 56.35
C THR H 107 -13.50 8.92 56.02
N GLY H 108 -12.66 9.64 56.74
CA GLY H 108 -11.22 9.53 56.53
C GLY H 108 -10.62 10.87 56.13
N PHE H 109 -11.38 11.64 55.35
CA PHE H 109 -10.94 12.94 54.84
C PHE H 109 -10.15 13.80 55.84
N ASP H 110 -9.30 14.64 55.28
CA ASP H 110 -8.45 15.56 56.03
C ASP H 110 -7.91 16.62 55.08
N ALA H 111 -8.42 17.85 55.19
CA ALA H 111 -7.98 18.95 54.33
C ALA H 111 -6.45 19.08 54.33
N ALA H 112 -5.85 19.08 55.52
CA ALA H 112 -4.40 19.17 55.64
C ALA H 112 -3.93 17.75 55.36
N ALA H 113 -2.63 17.53 55.39
CA ALA H 113 -2.10 16.19 55.11
C ALA H 113 -2.31 15.91 53.64
N SER H 114 -3.52 15.48 53.29
CA SER H 114 -3.87 15.16 51.92
C SER H 114 -3.44 16.27 50.96
N GLY H 115 -3.39 17.51 51.46
CA GLY H 115 -2.97 18.63 50.63
C GLY H 115 -4.15 19.45 50.11
N PHE H 116 -5.31 18.81 50.04
CA PHE H 116 -6.54 19.44 49.55
C PHE H 116 -6.32 20.18 48.24
N ALA H 117 -5.74 19.48 47.27
CA ALA H 117 -5.47 20.00 45.93
C ALA H 117 -4.78 21.35 45.90
N SER H 118 -3.89 21.57 46.86
CA SER H 118 -3.18 22.83 46.92
C SER H 118 -1.88 22.67 46.15
N ASN H 119 -1.39 23.76 45.57
CA ASN H 119 -0.15 23.73 44.79
C ASN H 119 1.06 23.92 45.72
N GLY H 120 2.17 23.29 45.37
CA GLY H 120 3.36 23.41 46.18
C GLY H 120 4.60 23.03 45.39
N TYR H 121 5.78 23.19 45.97
CA TYR H 121 7.01 22.84 45.27
C TYR H 121 8.02 22.21 46.21
N GLY H 122 8.53 21.05 45.83
CA GLY H 122 9.51 20.34 46.63
C GLY H 122 8.93 20.02 47.99
N GLU H 123 8.97 18.77 48.42
CA GLU H 123 8.42 18.39 49.71
C GLU H 123 6.91 18.59 49.67
N HIS H 124 6.48 19.41 48.72
CA HIS H 124 5.09 19.73 48.52
C HIS H 124 4.85 19.78 47.02
N SER H 125 5.76 19.14 46.30
CA SER H 125 5.64 18.94 44.86
C SER H 125 5.10 17.53 44.69
N PRO H 126 3.98 17.37 43.98
CA PRO H 126 3.39 16.05 43.76
C PRO H 126 4.49 15.06 43.43
N GLY H 127 5.46 15.52 42.65
CA GLY H 127 6.56 14.66 42.26
C GLY H 127 7.83 15.02 42.97
N GLY H 128 7.75 15.89 43.97
CA GLY H 128 8.93 16.31 44.73
C GLY H 128 10.02 16.95 43.87
N TYR H 129 9.62 17.91 43.04
CA TYR H 129 10.52 18.64 42.15
C TYR H 129 11.04 19.87 42.88
N SER H 130 12.17 20.40 42.43
CA SER H 130 12.77 21.60 43.04
C SER H 130 11.95 22.86 42.75
N MET H 131 12.05 23.84 43.63
CA MET H 131 11.33 25.09 43.45
C MET H 131 11.70 25.73 42.11
N LEU H 132 12.97 25.55 41.73
CA LEU H 132 13.48 26.08 40.48
C LEU H 132 12.66 25.47 39.35
N SER H 133 12.41 24.17 39.45
CA SER H 133 11.61 23.50 38.45
C SER H 133 10.21 24.07 38.50
N ALA H 134 9.59 24.03 39.68
CA ALA H 134 8.24 24.57 39.86
C ALA H 134 8.18 25.94 39.21
N LEU H 135 9.25 26.70 39.44
CA LEU H 135 9.37 28.05 38.91
C LEU H 135 9.40 28.06 37.39
N VAL H 136 10.36 27.34 36.80
CA VAL H 136 10.49 27.31 35.35
C VAL H 136 9.18 26.86 34.67
N VAL H 137 8.58 25.77 35.14
CA VAL H 137 7.35 25.27 34.53
C VAL H 137 6.19 26.26 34.67
N GLU H 138 5.95 26.75 35.89
CA GLU H 138 4.87 27.70 36.11
C GLU H 138 5.03 28.94 35.26
N LEU H 139 6.27 29.38 35.06
CA LEU H 139 6.53 30.58 34.24
C LEU H 139 6.17 30.35 32.77
N VAL H 140 6.61 29.21 32.24
CA VAL H 140 6.35 28.85 30.84
C VAL H 140 4.89 28.56 30.46
N LEU H 141 4.23 27.73 31.27
CA LEU H 141 2.84 27.39 31.00
C LEU H 141 1.99 28.62 31.22
N SER H 142 2.46 29.52 32.08
CA SER H 142 1.72 30.75 32.34
C SER H 142 1.79 31.54 31.04
N ALA H 143 3.03 31.91 30.70
CA ALA H 143 3.31 32.67 29.49
C ALA H 143 2.52 32.04 28.36
N GLY H 144 2.70 30.74 28.22
CA GLY H 144 2.01 29.98 27.18
C GLY H 144 0.51 30.21 27.21
N PHE H 145 -0.11 29.90 28.34
CA PHE H 145 -1.54 30.06 28.48
C PHE H 145 -2.02 31.37 27.90
N LEU H 146 -1.39 32.47 28.30
CA LEU H 146 -1.78 33.78 27.81
C LEU H 146 -1.55 33.96 26.32
N LEU H 147 -0.40 33.50 25.84
CA LEU H 147 -0.07 33.60 24.43
C LEU H 147 -1.13 32.91 23.56
N VAL H 148 -1.83 31.96 24.17
CA VAL H 148 -2.90 31.20 23.50
C VAL H 148 -4.22 31.91 23.71
N ILE H 149 -4.30 32.64 24.81
CA ILE H 149 -5.51 33.39 25.11
C ILE H 149 -5.51 34.61 24.18
N HIS H 150 -4.39 35.35 24.18
CA HIS H 150 -4.27 36.53 23.34
C HIS H 150 -4.51 36.19 21.87
N GLY H 151 -3.88 35.11 21.42
CA GLY H 151 -4.03 34.70 20.04
C GLY H 151 -5.41 34.21 19.63
N ALA H 152 -5.95 33.26 20.38
CA ALA H 152 -7.26 32.70 20.06
C ALA H 152 -8.37 33.72 20.07
N THR H 153 -8.07 34.92 20.56
CA THR H 153 -9.06 35.98 20.62
C THR H 153 -8.73 37.14 19.70
N ASP H 154 -7.57 37.08 19.05
CA ASP H 154 -7.18 38.15 18.12
C ASP H 154 -8.29 38.25 17.10
N LYS H 155 -8.57 39.48 16.67
CA LYS H 155 -9.62 39.71 15.68
C LYS H 155 -9.48 38.86 14.41
N PHE H 156 -8.30 38.29 14.18
CA PHE H 156 -8.10 37.48 12.99
C PHE H 156 -8.09 35.99 13.24
N ALA H 157 -8.53 35.58 14.42
CA ALA H 157 -8.57 34.16 14.74
C ALA H 157 -9.97 33.62 14.49
N PRO H 158 -10.10 32.28 14.39
CA PRO H 158 -11.43 31.69 14.16
C PRO H 158 -12.43 32.15 15.22
N ALA H 159 -13.28 33.11 14.84
CA ALA H 159 -14.27 33.66 15.74
C ALA H 159 -15.25 32.62 16.28
N GLY H 160 -15.43 32.61 17.59
CA GLY H 160 -16.34 31.66 18.20
C GLY H 160 -15.66 30.47 18.83
N PHE H 161 -14.41 30.23 18.47
CA PHE H 161 -13.68 29.08 19.01
C PHE H 161 -12.92 29.34 20.31
N ALA H 162 -12.50 30.60 20.51
CA ALA H 162 -11.73 31.00 21.69
C ALA H 162 -11.90 30.14 22.95
N PRO H 163 -13.16 29.85 23.34
CA PRO H 163 -13.44 29.03 24.51
C PRO H 163 -12.81 27.64 24.45
N ILE H 164 -12.91 27.00 23.28
CA ILE H 164 -12.34 25.68 23.10
C ILE H 164 -10.82 25.82 23.17
N ALA H 165 -10.29 26.67 22.31
CA ALA H 165 -8.87 26.92 22.24
C ALA H 165 -8.29 27.12 23.63
N ILE H 166 -8.82 28.10 24.37
CA ILE H 166 -8.32 28.41 25.71
C ILE H 166 -8.63 27.36 26.78
N GLY H 167 -9.73 26.64 26.63
CA GLY H 167 -10.08 25.64 27.61
C GLY H 167 -9.17 24.43 27.52
N LEU H 168 -9.06 23.90 26.31
CA LEU H 168 -8.20 22.74 26.09
C LEU H 168 -6.76 23.09 26.44
N ALA H 169 -6.42 24.37 26.26
CA ALA H 169 -5.08 24.84 26.55
C ALA H 169 -4.78 24.62 28.03
N LEU H 170 -5.78 24.87 28.88
CA LEU H 170 -5.58 24.67 30.29
C LEU H 170 -5.41 23.18 30.56
N THR H 171 -6.16 22.35 29.82
CA THR H 171 -6.05 20.91 30.01
C THR H 171 -4.62 20.50 29.72
N LEU H 172 -4.17 20.83 28.52
CA LEU H 172 -2.79 20.56 28.12
C LEU H 172 -1.82 20.93 29.23
N ILE H 173 -1.95 22.14 29.75
CA ILE H 173 -1.10 22.66 30.83
C ILE H 173 -1.07 21.74 32.06
N HIS H 174 -2.24 21.22 32.43
CA HIS H 174 -2.36 20.32 33.57
C HIS H 174 -1.75 18.96 33.25
N LEU H 175 -1.88 18.51 32.01
CA LEU H 175 -1.30 17.24 31.60
C LEU H 175 0.21 17.29 31.76
N ILE H 176 0.76 18.50 31.72
CA ILE H 176 2.20 18.67 31.82
C ILE H 176 2.70 18.83 33.25
N SER H 177 2.12 19.79 33.98
CA SER H 177 2.72 20.23 35.24
C SER H 177 2.18 19.63 36.51
N ILE H 178 1.11 18.84 36.46
CA ILE H 178 0.60 18.28 37.71
C ILE H 178 1.66 17.60 38.57
N PRO H 179 2.49 16.74 37.97
CA PRO H 179 3.49 16.09 38.81
C PRO H 179 4.50 17.06 39.43
N VAL H 180 4.52 18.31 38.96
CA VAL H 180 5.45 19.26 39.52
C VAL H 180 4.83 20.15 40.58
N THR H 181 3.76 20.86 40.24
CA THR H 181 3.13 21.74 41.21
C THR H 181 1.62 21.55 41.36
N ASN H 182 1.07 20.50 40.78
CA ASN H 182 -0.37 20.27 40.83
C ASN H 182 -1.01 21.30 39.91
N THR H 183 -0.14 22.00 39.18
CA THR H 183 -0.54 23.00 38.20
C THR H 183 -1.38 24.14 38.76
N SER H 184 -0.78 25.32 38.82
CA SER H 184 -1.47 26.50 39.31
C SER H 184 -1.90 27.34 38.11
N VAL H 185 -0.99 28.20 37.64
CA VAL H 185 -1.24 29.09 36.52
C VAL H 185 -2.60 29.75 36.77
N ASN H 186 -2.83 30.11 38.03
CA ASN H 186 -4.06 30.74 38.46
C ASN H 186 -3.92 31.06 39.95
N PRO H 187 -3.50 32.29 40.28
CA PRO H 187 -3.35 32.68 41.69
C PRO H 187 -4.63 32.52 42.51
N ALA H 188 -5.77 32.75 41.87
CA ALA H 188 -7.04 32.63 42.57
C ALA H 188 -7.20 31.21 43.10
N ARG H 189 -7.22 30.22 42.16
CA ARG H 189 -7.38 28.81 42.49
C ARG H 189 -6.41 28.33 43.57
N SER H 190 -5.10 28.67 43.44
CA SER H 190 -4.10 28.25 44.44
C SER H 190 -4.46 28.75 45.85
N THR H 191 -5.09 29.91 45.92
CA THR H 191 -5.49 30.51 47.19
C THR H 191 -6.65 29.72 47.80
N ALA H 192 -7.81 29.77 47.14
CA ALA H 192 -8.99 29.07 47.58
C ALA H 192 -8.68 27.84 48.44
N VAL H 193 -8.01 26.85 47.85
CA VAL H 193 -7.67 25.63 48.59
C VAL H 193 -6.55 25.77 49.63
N ALA H 194 -5.55 26.62 49.35
CA ALA H 194 -4.45 26.82 50.29
C ALA H 194 -5.02 27.24 51.62
N ILE H 195 -6.09 28.02 51.56
CA ILE H 195 -6.79 28.49 52.75
C ILE H 195 -7.25 27.30 53.58
N PHE H 196 -8.02 26.41 52.97
CA PHE H 196 -8.48 25.26 53.70
C PHE H 196 -7.38 24.23 54.03
N GLN H 197 -6.36 24.01 53.21
CA GLN H 197 -5.19 23.23 53.63
C GLN H 197 -4.67 23.78 54.93
N GLY H 198 -4.30 25.07 54.85
CA GLY H 198 -3.91 25.85 55.99
C GLY H 198 -2.44 25.82 56.42
N GLY H 199 -1.78 24.70 56.16
CA GLY H 199 -0.39 24.60 56.57
C GLY H 199 0.49 25.26 55.52
N TRP H 200 1.38 24.45 54.96
CA TRP H 200 2.32 24.88 53.94
C TRP H 200 1.65 25.51 52.73
N ALA H 201 0.42 25.12 52.46
CA ALA H 201 -0.33 25.63 51.32
C ALA H 201 -0.29 27.16 51.32
N LEU H 202 -0.37 27.72 52.53
CA LEU H 202 -0.35 29.16 52.71
C LEU H 202 1.10 29.61 52.67
N GLU H 203 1.96 28.84 53.30
CA GLU H 203 3.38 29.16 53.34
C GLU H 203 3.98 29.31 51.92
N GLN H 204 3.62 28.43 51.00
CA GLN H 204 4.13 28.51 49.63
C GLN H 204 3.23 29.27 48.68
N LEU H 205 2.04 29.65 49.15
CA LEU H 205 1.10 30.36 48.29
C LEU H 205 1.64 31.62 47.62
N TRP H 206 2.51 32.37 48.30
CA TRP H 206 3.03 33.58 47.69
C TRP H 206 3.55 33.31 46.28
N PHE H 207 4.34 32.24 46.19
CA PHE H 207 4.99 31.77 44.98
C PHE H 207 4.04 31.64 43.79
N PHE H 208 2.85 31.23 44.09
CA PHE H 208 1.79 30.98 43.08
C PHE H 208 1.02 32.21 42.59
N TRP H 209 1.31 33.36 43.16
CA TRP H 209 0.83 34.63 42.69
C TRP H 209 1.87 35.28 41.81
N VAL H 210 3.04 35.53 42.41
CA VAL H 210 4.12 36.16 41.68
C VAL H 210 4.46 35.43 40.39
N VAL H 211 4.81 34.15 40.50
CA VAL H 211 5.17 33.39 39.32
C VAL H 211 4.15 33.35 38.17
N PRO H 212 2.90 32.95 38.46
CA PRO H 212 1.91 32.92 37.37
C PRO H 212 1.64 34.29 36.77
N ILE H 213 1.42 35.29 37.62
CA ILE H 213 1.14 36.63 37.12
C ILE H 213 2.29 37.15 36.27
N VAL H 214 3.52 36.89 36.72
CA VAL H 214 4.69 37.32 35.98
C VAL H 214 4.62 36.69 34.62
N GLY H 215 4.64 35.36 34.58
CA GLY H 215 4.55 34.67 33.31
C GLY H 215 3.44 35.29 32.49
N GLY H 216 2.24 35.32 33.07
CA GLY H 216 1.10 35.90 32.41
C GLY H 216 1.43 37.20 31.70
N ILE H 217 2.22 38.06 32.32
CA ILE H 217 2.62 39.34 31.70
C ILE H 217 3.57 39.05 30.53
N ILE H 218 4.52 38.14 30.76
CA ILE H 218 5.49 37.76 29.74
C ILE H 218 4.75 37.42 28.45
N GLY H 219 3.66 36.66 28.61
CA GLY H 219 2.85 36.21 27.50
C GLY H 219 1.98 37.25 26.84
N GLY H 220 1.58 38.26 27.60
CA GLY H 220 0.77 39.32 27.04
C GLY H 220 1.69 40.17 26.20
N LEU H 221 2.87 40.46 26.74
CA LEU H 221 3.85 41.28 26.04
C LEU H 221 4.40 40.51 24.86
N ILE H 222 4.59 39.20 25.04
CA ILE H 222 5.09 38.34 23.99
C ILE H 222 4.20 38.46 22.76
N TYR H 223 2.91 38.29 22.96
CA TYR H 223 1.93 38.37 21.87
C TYR H 223 1.73 39.81 21.40
N ARG H 224 1.73 40.76 22.35
CA ARG H 224 1.53 42.16 22.02
C ARG H 224 2.67 42.79 21.22
N THR H 225 3.88 42.30 21.44
CA THR H 225 5.06 42.80 20.77
C THR H 225 5.37 42.12 19.45
N LEU H 226 5.68 40.83 19.49
CA LEU H 226 6.04 40.10 18.29
C LEU H 226 4.91 39.30 17.64
N LEU H 227 3.90 38.94 18.43
CA LEU H 227 2.76 38.14 17.96
C LEU H 227 3.10 36.67 17.90
#